data_2EF5
#
_entry.id   2EF5
#
_cell.length_a   150.795
_cell.length_b   97.478
_cell.length_c   126.463
_cell.angle_alpha   90.00
_cell.angle_beta   108.66
_cell.angle_gamma   90.00
#
_symmetry.space_group_name_H-M   'C 1 2 1'
#
loop_
_entity.id
_entity.type
_entity.pdbx_description
1 polymer Arginase
2 non-polymer 'MANGANESE (II) ION'
3 non-polymer GUANIDINE
4 non-polymer LYSINE
5 water water
#
_entity_poly.entity_id   1
_entity_poly.type   'polypeptide(L)'
_entity_poly.pdbx_seq_one_letter_code
;ERVAVVGVPMDLGANRRGVDMGPSALRYARLLEQLEDLGYTVEDLGDVPVSLARASRRRGRGLAYLEEIRAAALVLKERL
AALPEGVFPIVLGGDHSLSMGSVAGAARGRRVGVVWVDAHADFNTPETSPSGNVHGMPLAVLSGLGHPRLTEVFRAVDPK
DVVLVGVRSLDPGEKRLLKEAGVRVYTMHEVDRLGVARIAEEVLKHLQGLPLHVSLDADVLDPTLAPGVGTPVPGGLTYR
EAHLLMEILAESGRVQSLDLVEVNPILDERNRTAEMLVGLALSLLGKRIF
;
_entity_poly.pdbx_strand_id   A,B,D,E,F,G
#
loop_
_chem_comp.id
_chem_comp.type
_chem_comp.name
_chem_comp.formula
GAI non-polymer GUANIDINE 'C H5 N3'
MN non-polymer 'MANGANESE (II) ION' 'Mn 2'
#
# COMPACT_ATOMS: atom_id res chain seq x y z
N GLU A 1 21.13 -45.21 -4.58
CA GLU A 1 21.00 -46.67 -4.26
C GLU A 1 21.28 -46.97 -2.79
N ARG A 2 22.18 -46.21 -2.17
CA ARG A 2 22.55 -46.43 -0.78
C ARG A 2 22.03 -45.37 0.19
N VAL A 3 21.54 -45.84 1.33
CA VAL A 3 21.02 -44.96 2.37
C VAL A 3 21.59 -45.36 3.73
N ALA A 4 22.00 -44.36 4.50
CA ALA A 4 22.54 -44.59 5.83
C ALA A 4 21.65 -43.85 6.82
N VAL A 5 21.18 -44.56 7.84
CA VAL A 5 20.33 -43.97 8.87
C VAL A 5 21.06 -43.88 10.19
N VAL A 6 21.08 -42.70 10.78
CA VAL A 6 21.72 -42.51 12.08
C VAL A 6 20.81 -41.73 13.00
N GLY A 7 20.75 -42.15 14.26
CA GLY A 7 19.88 -41.46 15.20
C GLY A 7 20.64 -40.59 16.20
N VAL A 8 19.96 -39.56 16.67
CA VAL A 8 20.51 -38.64 17.65
C VAL A 8 19.44 -38.45 18.72
N PRO A 9 19.43 -39.34 19.74
CA PRO A 9 18.44 -39.27 20.82
C PRO A 9 18.76 -38.12 21.77
N MET A 10 18.73 -36.91 21.24
CA MET A 10 19.05 -35.72 22.01
C MET A 10 17.81 -34.95 22.44
N ASP A 11 17.76 -34.65 23.74
CA ASP A 11 16.66 -33.91 24.33
C ASP A 11 17.32 -33.04 25.40
N LEU A 12 18.04 -32.02 24.96
CA LEU A 12 18.74 -31.13 25.87
C LEU A 12 18.17 -29.72 25.82
N GLY A 18 10.69 -35.45 25.82
CA GLY A 18 10.67 -36.82 25.35
C GLY A 18 11.11 -37.04 23.92
N VAL A 19 11.60 -36.00 23.23
CA VAL A 19 12.03 -36.17 21.85
C VAL A 19 13.23 -37.10 21.71
N ASP A 20 13.91 -37.38 22.81
CA ASP A 20 15.05 -38.28 22.76
C ASP A 20 14.60 -39.69 22.39
N MET A 21 13.29 -39.94 22.46
CA MET A 21 12.70 -41.23 22.12
C MET A 21 12.27 -41.25 20.66
N GLY A 22 12.46 -40.12 19.98
CA GLY A 22 12.08 -40.00 18.58
C GLY A 22 12.75 -40.97 17.65
N PRO A 23 14.08 -41.18 17.77
CA PRO A 23 14.75 -42.12 16.88
C PRO A 23 14.16 -43.52 16.94
N SER A 24 13.89 -44.01 18.15
CA SER A 24 13.31 -45.34 18.30
C SER A 24 11.91 -45.40 17.69
N ALA A 25 11.14 -44.34 17.87
CA ALA A 25 9.78 -44.27 17.33
C ALA A 25 9.82 -44.34 15.81
N LEU A 26 10.76 -43.61 15.21
CA LEU A 26 10.90 -43.59 13.77
C LEU A 26 11.33 -44.96 13.25
N ARG A 27 12.25 -45.61 13.96
CA ARG A 27 12.68 -46.94 13.55
C ARG A 27 11.51 -47.90 13.68
N TYR A 28 10.76 -47.78 14.77
CA TYR A 28 9.60 -48.65 14.97
C TYR A 28 8.54 -48.44 13.91
N ALA A 29 8.55 -47.28 13.26
CA ALA A 29 7.58 -47.02 12.18
C ALA A 29 8.08 -47.69 10.88
N ARG A 30 9.09 -48.55 11.02
CA ARG A 30 9.66 -49.31 9.90
C ARG A 30 10.23 -48.45 8.76
N LEU A 31 10.91 -47.37 9.11
CA LEU A 31 11.51 -46.50 8.11
C LEU A 31 12.46 -47.32 7.23
N LEU A 32 13.26 -48.14 7.89
CA LEU A 32 14.25 -48.97 7.24
C LEU A 32 13.68 -50.04 6.31
N GLU A 33 12.74 -50.82 6.81
CA GLU A 33 12.13 -51.86 6.01
C GLU A 33 11.47 -51.26 4.76
N GLN A 34 10.78 -50.13 4.94
CA GLN A 34 10.10 -49.49 3.82
C GLN A 34 11.06 -48.88 2.81
N LEU A 35 12.22 -48.42 3.28
CA LEU A 35 13.21 -47.87 2.36
C LEU A 35 13.74 -48.99 1.47
N GLU A 36 13.86 -50.18 2.04
CA GLU A 36 14.34 -51.34 1.27
C GLU A 36 13.27 -51.76 0.26
N ASP A 37 11.99 -51.72 0.66
CA ASP A 37 10.91 -52.10 -0.26
C ASP A 37 10.95 -51.15 -1.46
N LEU A 38 11.46 -49.95 -1.22
CA LEU A 38 11.55 -48.94 -2.25
C LEU A 38 12.73 -49.20 -3.19
N GLY A 39 13.57 -50.17 -2.85
CA GLY A 39 14.71 -50.50 -3.69
C GLY A 39 16.07 -50.05 -3.20
N TYR A 40 16.11 -49.39 -2.05
CA TYR A 40 17.38 -48.91 -1.51
C TYR A 40 18.06 -49.96 -0.65
N THR A 41 19.39 -49.94 -0.63
CA THR A 41 20.13 -50.86 0.23
C THR A 41 20.37 -49.94 1.43
N VAL A 42 19.90 -50.36 2.59
CA VAL A 42 19.98 -49.54 3.79
C VAL A 42 20.84 -50.05 4.94
N GLU A 43 21.56 -49.13 5.57
CA GLU A 43 22.42 -49.44 6.70
C GLU A 43 22.10 -48.54 7.90
N ASP A 44 21.82 -49.15 9.05
CA ASP A 44 21.53 -48.40 10.26
C ASP A 44 22.84 -48.24 11.00
N LEU A 45 23.30 -47.00 11.16
CA LEU A 45 24.55 -46.73 11.85
C LEU A 45 24.37 -46.64 13.36
N GLY A 46 23.16 -46.88 13.84
CA GLY A 46 22.91 -46.81 15.27
C GLY A 46 22.72 -45.37 15.71
N ASP A 47 23.02 -45.08 16.98
CA ASP A 47 22.85 -43.72 17.48
C ASP A 47 24.16 -43.06 17.90
N VAL A 48 24.19 -41.75 17.81
CA VAL A 48 25.34 -40.96 18.22
C VAL A 48 25.21 -40.81 19.72
N PRO A 49 26.30 -41.03 20.48
CA PRO A 49 26.24 -40.91 21.94
C PRO A 49 25.80 -39.52 22.38
N VAL A 50 24.84 -39.45 23.31
CA VAL A 50 24.39 -38.15 23.81
C VAL A 50 24.39 -38.11 25.32
N SER A 51 25.20 -37.20 25.88
CA SER A 51 25.27 -37.04 27.32
C SER A 51 24.90 -35.61 27.69
N LEU A 63 22.74 -21.13 25.86
CA LEU A 63 22.99 -21.34 27.29
C LEU A 63 22.96 -22.81 27.68
N ALA A 64 21.77 -23.32 27.96
CA ALA A 64 21.57 -24.70 28.39
C ALA A 64 22.25 -25.78 27.55
N TYR A 65 23.12 -26.55 28.21
CA TYR A 65 23.82 -27.67 27.58
C TYR A 65 24.54 -27.36 26.28
N LEU A 66 24.97 -26.12 26.09
CA LEU A 66 25.66 -25.77 24.85
C LEU A 66 26.82 -26.70 24.52
N GLU A 67 27.73 -26.91 25.47
CA GLU A 67 28.88 -27.77 25.23
C GLU A 67 28.50 -29.24 24.97
N GLU A 68 27.48 -29.74 25.66
CA GLU A 68 27.04 -31.12 25.45
C GLU A 68 26.44 -31.25 24.06
N ILE A 69 25.68 -30.24 23.65
CA ILE A 69 25.06 -30.23 22.34
C ILE A 69 26.15 -30.17 21.27
N ARG A 70 27.12 -29.27 21.49
CA ARG A 70 28.23 -29.11 20.56
C ARG A 70 28.97 -30.45 20.38
N ALA A 71 29.26 -31.12 21.49
CA ALA A 71 29.98 -32.39 21.45
C ALA A 71 29.24 -33.44 20.62
N ALA A 72 27.96 -33.63 20.90
CA ALA A 72 27.15 -34.60 20.16
C ALA A 72 27.05 -34.24 18.69
N ALA A 73 26.71 -33.00 18.39
CA ALA A 73 26.58 -32.55 17.01
C ALA A 73 27.89 -32.72 16.25
N LEU A 74 29.00 -32.56 16.95
CA LEU A 74 30.32 -32.69 16.33
C LEU A 74 30.58 -34.15 15.94
N VAL A 75 30.17 -35.07 16.80
CA VAL A 75 30.36 -36.49 16.50
C VAL A 75 29.50 -36.82 15.28
N LEU A 76 28.29 -36.25 15.24
CA LEU A 76 27.39 -36.47 14.11
C LEU A 76 28.01 -35.92 12.82
N LYS A 77 28.52 -34.70 12.87
CA LYS A 77 29.14 -34.08 11.70
C LYS A 77 30.24 -34.97 11.15
N GLU A 78 31.13 -35.43 12.03
CA GLU A 78 32.23 -36.28 11.63
C GLU A 78 31.79 -37.60 11.04
N ARG A 79 30.74 -38.18 11.64
CA ARG A 79 30.20 -39.44 11.17
C ARG A 79 29.66 -39.33 9.75
N LEU A 80 28.97 -38.23 9.46
CA LEU A 80 28.40 -38.01 8.13
C LEU A 80 29.47 -37.65 7.10
N ALA A 81 30.43 -36.83 7.51
CA ALA A 81 31.50 -36.40 6.61
C ALA A 81 32.35 -37.60 6.18
N ALA A 82 32.40 -38.61 7.04
CA ALA A 82 33.19 -39.80 6.77
C ALA A 82 32.49 -40.81 5.86
N LEU A 83 31.20 -40.62 5.61
CA LEU A 83 30.46 -41.55 4.75
C LEU A 83 30.97 -41.53 3.32
N PRO A 84 31.01 -42.69 2.65
CA PRO A 84 31.48 -42.65 1.27
C PRO A 84 30.44 -41.81 0.51
N GLU A 85 30.89 -40.96 -0.41
CA GLU A 85 29.96 -40.13 -1.17
C GLU A 85 29.05 -41.05 -2.01
N GLY A 86 27.80 -40.63 -2.20
CA GLY A 86 26.85 -41.44 -2.93
C GLY A 86 25.89 -42.11 -1.95
N VAL A 87 26.22 -42.00 -0.66
CA VAL A 87 25.37 -42.58 0.37
C VAL A 87 24.49 -41.46 0.92
N PHE A 88 23.17 -41.65 0.80
CA PHE A 88 22.20 -40.67 1.26
C PHE A 88 21.98 -40.82 2.77
N PRO A 89 22.30 -39.78 3.55
CA PRO A 89 22.11 -39.86 5.00
C PRO A 89 20.77 -39.32 5.50
N ILE A 90 20.15 -40.09 6.39
CA ILE A 90 18.89 -39.69 7.01
C ILE A 90 19.19 -39.69 8.51
N VAL A 91 19.04 -38.52 9.13
CA VAL A 91 19.30 -38.39 10.55
C VAL A 91 17.99 -38.33 11.31
N LEU A 92 17.81 -39.25 12.24
CA LEU A 92 16.61 -39.34 13.06
C LEU A 92 16.91 -38.58 14.32
N GLY A 93 16.04 -37.66 14.69
CA GLY A 93 16.38 -36.94 15.89
C GLY A 93 15.37 -36.70 16.97
N GLY A 94 15.92 -36.00 17.95
CA GLY A 94 15.18 -35.53 19.07
C GLY A 94 15.27 -34.07 18.67
N ASP A 95 15.98 -33.27 19.45
CA ASP A 95 16.13 -31.84 19.18
C ASP A 95 16.58 -31.49 17.79
N HIS A 96 16.03 -30.41 17.24
CA HIS A 96 16.41 -29.96 15.92
C HIS A 96 17.85 -29.42 15.96
N SER A 97 18.38 -29.27 17.17
CA SER A 97 19.75 -28.79 17.36
C SER A 97 20.73 -29.68 16.61
N LEU A 98 20.37 -30.96 16.47
CA LEU A 98 21.23 -31.92 15.77
C LEU A 98 21.55 -31.49 14.34
N SER A 99 20.70 -30.64 13.77
CA SER A 99 20.92 -30.18 12.39
C SER A 99 22.20 -29.39 12.22
N MET A 100 22.73 -28.81 13.29
CA MET A 100 23.97 -28.05 13.18
C MET A 100 25.05 -29.02 12.71
N GLY A 101 24.99 -30.24 13.24
CA GLY A 101 25.95 -31.26 12.86
C GLY A 101 25.59 -32.00 11.58
N SER A 102 24.30 -32.27 11.38
CA SER A 102 23.89 -33.00 10.18
C SER A 102 24.11 -32.21 8.90
N VAL A 103 23.72 -30.95 8.88
CA VAL A 103 23.89 -30.12 7.69
C VAL A 103 25.37 -29.89 7.38
N ALA A 104 26.13 -29.49 8.41
CA ALA A 104 27.56 -29.25 8.26
C ALA A 104 28.28 -30.51 7.79
N GLY A 105 27.88 -31.65 8.35
CA GLY A 105 28.50 -32.91 7.99
C GLY A 105 28.11 -33.38 6.60
N ALA A 106 26.81 -33.33 6.29
CA ALA A 106 26.30 -33.77 5.00
C ALA A 106 26.71 -32.87 3.84
N ALA A 107 27.04 -31.62 4.15
CA ALA A 107 27.44 -30.66 3.13
C ALA A 107 28.79 -31.02 2.51
N ARG A 108 29.63 -31.70 3.27
CA ARG A 108 30.94 -32.12 2.79
C ARG A 108 31.78 -30.95 2.28
N GLY A 109 31.68 -29.80 2.94
CA GLY A 109 32.46 -28.65 2.54
C GLY A 109 32.00 -27.95 1.27
N ARG A 110 30.99 -28.48 0.60
CA ARG A 110 30.50 -27.84 -0.61
C ARG A 110 29.24 -27.01 -0.35
N ARG A 111 28.90 -26.16 -1.30
CA ARG A 111 27.74 -25.29 -1.20
C ARG A 111 26.46 -26.11 -1.37
N VAL A 112 25.59 -26.07 -0.36
CA VAL A 112 24.33 -26.82 -0.43
C VAL A 112 23.15 -25.92 -0.08
N GLY A 113 22.00 -26.21 -0.68
CA GLY A 113 20.80 -25.45 -0.38
C GLY A 113 20.13 -26.14 0.80
N VAL A 114 19.47 -25.36 1.66
CA VAL A 114 18.79 -25.94 2.82
C VAL A 114 17.30 -25.62 2.81
N VAL A 115 16.48 -26.67 2.80
CA VAL A 115 15.03 -26.50 2.81
C VAL A 115 14.60 -26.87 4.23
N TRP A 116 14.25 -25.86 5.02
CA TRP A 116 13.85 -26.05 6.42
C TRP A 116 12.33 -26.05 6.50
N VAL A 117 11.77 -27.24 6.68
CA VAL A 117 10.31 -27.42 6.73
C VAL A 117 9.97 -27.53 8.21
N ASP A 118 9.44 -26.43 8.73
CA ASP A 118 9.22 -26.31 10.16
C ASP A 118 8.15 -25.27 10.47
N ALA A 119 7.49 -25.43 11.61
CA ALA A 119 6.48 -24.45 12.03
C ALA A 119 7.24 -23.25 12.60
N HIS A 120 8.51 -23.47 12.94
CA HIS A 120 9.35 -22.41 13.48
C HIS A 120 10.54 -22.17 12.56
N ALA A 121 11.24 -21.06 12.76
CA ALA A 121 12.39 -20.70 11.94
C ALA A 121 13.71 -21.12 12.56
N ASP A 122 13.72 -21.38 13.85
CA ASP A 122 14.92 -21.78 14.57
C ASP A 122 16.07 -20.85 14.18
N PHE A 123 15.76 -19.56 14.07
CA PHE A 123 16.74 -18.56 13.69
C PHE A 123 17.11 -17.60 14.82
N ASN A 124 17.01 -18.06 16.06
CA ASN A 124 17.35 -17.23 17.21
C ASN A 124 18.85 -17.25 17.51
N THR A 125 19.30 -16.24 18.24
CA THR A 125 20.70 -16.14 18.66
C THR A 125 20.60 -16.02 20.17
N PRO A 126 21.74 -16.12 20.88
CA PRO A 126 21.65 -16.01 22.34
C PRO A 126 20.98 -14.70 22.73
N GLU A 127 21.16 -13.68 21.91
CA GLU A 127 20.59 -12.36 22.13
C GLU A 127 19.08 -12.27 21.93
N THR A 128 18.59 -12.88 20.85
CA THR A 128 17.17 -12.82 20.52
C THR A 128 16.24 -13.76 21.31
N SER A 129 16.82 -14.75 21.99
CA SER A 129 16.07 -15.72 22.80
C SER A 129 16.15 -17.12 22.20
N SER A 131 14.02 -18.40 25.51
CA SER A 131 14.21 -19.16 26.73
C SER A 131 15.60 -19.79 26.81
N GLY A 132 16.48 -19.36 25.90
CA GLY A 132 17.85 -19.85 25.82
C GLY A 132 18.01 -21.26 25.24
N ASN A 133 16.92 -21.82 24.72
CA ASN A 133 16.99 -23.16 24.14
C ASN A 133 17.80 -23.17 22.85
N VAL A 134 18.82 -24.02 22.81
CA VAL A 134 19.67 -24.10 21.63
C VAL A 134 18.90 -24.66 20.43
N HIS A 135 17.94 -25.55 20.67
CA HIS A 135 17.19 -26.12 19.56
C HIS A 135 16.32 -25.08 18.86
N GLY A 136 16.43 -23.83 19.30
CA GLY A 136 15.68 -22.75 18.70
C GLY A 136 16.64 -21.84 17.96
N MET A 137 17.89 -22.29 17.78
CA MET A 137 18.91 -21.50 17.10
C MET A 137 19.74 -22.23 16.02
N PRO A 138 19.50 -23.53 15.79
CA PRO A 138 20.31 -24.23 14.78
C PRO A 138 20.44 -23.63 13.37
N LEU A 139 19.34 -23.13 12.81
CA LEU A 139 19.40 -22.57 11.47
C LEU A 139 20.23 -21.29 11.47
N ALA A 140 20.13 -20.52 12.55
CA ALA A 140 20.91 -19.28 12.65
C ALA A 140 22.37 -19.70 12.67
N VAL A 141 22.72 -20.59 13.58
CA VAL A 141 24.10 -21.08 13.70
C VAL A 141 24.62 -21.55 12.34
N LEU A 142 23.87 -22.42 11.68
CA LEU A 142 24.28 -22.92 10.37
C LEU A 142 24.53 -21.76 9.42
N SER A 143 23.80 -20.67 9.61
CA SER A 143 23.94 -19.49 8.76
C SER A 143 25.06 -18.58 9.23
N GLY A 144 25.75 -18.99 10.29
CA GLY A 144 26.86 -18.20 10.82
C GLY A 144 26.51 -17.14 11.86
N LEU A 145 25.32 -17.24 12.44
CA LEU A 145 24.89 -16.28 13.46
C LEU A 145 24.66 -16.98 14.79
N GLY A 146 25.21 -16.42 15.86
CA GLY A 146 25.02 -17.01 17.17
C GLY A 146 26.29 -17.20 17.97
N HIS A 147 26.23 -18.05 18.98
CA HIS A 147 27.36 -18.30 19.85
C HIS A 147 28.57 -18.79 19.07
N PRO A 148 29.74 -18.18 19.30
CA PRO A 148 30.99 -18.54 18.63
C PRO A 148 31.36 -20.03 18.75
N ARG A 149 31.09 -20.63 19.91
CA ARG A 149 31.39 -22.06 20.15
C ARG A 149 30.65 -22.95 19.16
N LEU A 150 29.55 -22.44 18.65
CA LEU A 150 28.74 -23.20 17.72
C LEU A 150 29.02 -22.86 16.26
N THR A 151 29.06 -21.57 15.95
CA THR A 151 29.30 -21.13 14.58
C THR A 151 30.70 -21.51 14.09
N GLU A 152 31.68 -21.54 14.99
CA GLU A 152 33.05 -21.87 14.60
C GLU A 152 33.17 -23.26 13.98
N VAL A 153 32.33 -24.19 14.40
CA VAL A 153 32.41 -25.54 13.85
C VAL A 153 31.17 -25.98 13.05
N PHE A 154 30.08 -25.22 13.13
CA PHE A 154 28.87 -25.61 12.40
C PHE A 154 28.39 -24.67 11.30
N ARG A 155 29.00 -23.50 11.15
CA ARG A 155 28.58 -22.59 10.08
C ARG A 155 28.74 -23.42 8.81
N ALA A 156 27.71 -23.49 7.98
CA ALA A 156 27.84 -24.29 6.77
C ALA A 156 26.98 -23.89 5.59
N VAL A 157 26.15 -22.85 5.74
CA VAL A 157 25.32 -22.44 4.64
C VAL A 157 25.16 -20.93 4.56
N ASP A 158 25.04 -20.41 3.35
CA ASP A 158 24.86 -18.97 3.16
C ASP A 158 23.37 -18.73 3.31
N PRO A 159 22.99 -17.70 4.09
CA PRO A 159 21.58 -17.37 4.31
C PRO A 159 20.76 -17.33 3.03
N LYS A 160 21.42 -16.99 1.92
CA LYS A 160 20.73 -16.90 0.64
C LYS A 160 20.44 -18.25 0.01
N ASP A 161 21.02 -19.31 0.57
CA ASP A 161 20.78 -20.65 0.05
C ASP A 161 19.88 -21.41 1.02
N VAL A 162 19.11 -20.66 1.79
CA VAL A 162 18.19 -21.23 2.77
C VAL A 162 16.75 -20.82 2.46
N VAL A 163 15.82 -21.76 2.59
CA VAL A 163 14.42 -21.48 2.36
C VAL A 163 13.62 -22.16 3.47
N LEU A 164 12.75 -21.38 4.14
CA LEU A 164 11.91 -21.88 5.21
C LEU A 164 10.52 -22.10 4.63
N VAL A 165 9.90 -23.23 4.95
CA VAL A 165 8.57 -23.53 4.44
C VAL A 165 7.65 -24.02 5.56
N GLY A 166 6.49 -23.40 5.67
CA GLY A 166 5.51 -23.80 6.67
C GLY A 166 5.54 -23.04 7.98
N VAL A 167 6.38 -22.02 8.08
CA VAL A 167 6.51 -21.24 9.31
C VAL A 167 5.21 -20.56 9.74
N ARG A 168 4.91 -20.64 11.03
CA ARG A 168 3.70 -20.01 11.54
C ARG A 168 3.89 -19.43 12.93
N SER A 169 5.13 -19.42 13.41
CA SER A 169 5.42 -18.88 14.74
C SER A 169 6.85 -18.37 14.80
N LEU A 170 6.99 -17.06 15.02
CA LEU A 170 8.30 -16.41 15.08
C LEU A 170 8.44 -15.44 16.24
N ASP A 171 9.65 -15.31 16.75
CA ASP A 171 9.93 -14.37 17.84
C ASP A 171 10.31 -13.04 17.18
N PRO A 172 10.07 -11.91 17.86
CA PRO A 172 10.41 -10.60 17.30
C PRO A 172 11.86 -10.52 16.79
N GLY A 173 12.79 -11.00 17.60
CA GLY A 173 14.18 -10.97 17.20
C GLY A 173 14.45 -11.80 15.97
N GLU A 174 13.79 -12.95 15.87
CA GLU A 174 13.97 -13.83 14.72
C GLU A 174 13.58 -13.11 13.43
N LYS A 175 12.46 -12.42 13.47
CA LYS A 175 11.99 -11.69 12.30
C LYS A 175 13.07 -10.74 11.80
N ARG A 176 13.67 -9.99 12.73
CA ARG A 176 14.74 -9.05 12.39
C ARG A 176 15.92 -9.77 11.72
N LEU A 177 16.42 -10.80 12.36
CA LEU A 177 17.56 -11.55 11.84
C LEU A 177 17.27 -12.14 10.46
N LEU A 178 16.09 -12.74 10.30
CA LEU A 178 15.72 -13.33 9.02
C LEU A 178 15.71 -12.26 7.92
N LYS A 179 15.10 -11.10 8.19
CA LYS A 179 15.08 -10.05 7.18
C LYS A 179 16.48 -9.51 6.91
N GLU A 180 17.24 -9.28 7.97
CA GLU A 180 18.61 -8.79 7.84
C GLU A 180 19.43 -9.75 6.98
N ALA A 181 19.31 -11.04 7.28
CA ALA A 181 20.06 -12.07 6.57
C ALA A 181 19.55 -12.34 5.15
N GLY A 182 18.32 -11.91 4.86
CA GLY A 182 17.78 -12.13 3.53
C GLY A 182 17.35 -13.56 3.26
N VAL A 183 16.85 -14.24 4.29
CA VAL A 183 16.40 -15.62 4.14
C VAL A 183 15.00 -15.63 3.50
N ARG A 184 14.82 -16.48 2.50
CA ARG A 184 13.53 -16.62 1.83
C ARG A 184 12.61 -17.40 2.77
N VAL A 185 11.51 -16.77 3.17
CA VAL A 185 10.57 -17.42 4.10
C VAL A 185 9.16 -17.58 3.56
N TYR A 186 8.66 -18.80 3.60
CA TYR A 186 7.30 -19.08 3.16
C TYR A 186 6.47 -19.46 4.39
N THR A 187 5.76 -18.49 4.96
CA THR A 187 4.94 -18.78 6.12
C THR A 187 3.65 -19.42 5.63
N MET A 188 2.81 -19.89 6.55
CA MET A 188 1.55 -20.50 6.16
C MET A 188 0.69 -19.49 5.40
N HIS A 189 0.95 -18.20 5.58
CA HIS A 189 0.19 -17.18 4.85
C HIS A 189 0.48 -17.33 3.36
N GLU A 190 1.75 -17.49 3.03
CA GLU A 190 2.17 -17.68 1.65
C GLU A 190 1.67 -19.04 1.15
N VAL A 191 1.72 -20.04 2.03
CA VAL A 191 1.26 -21.36 1.63
C VAL A 191 -0.21 -21.28 1.21
N ASP A 192 -1.01 -20.61 2.01
CA ASP A 192 -2.43 -20.46 1.71
C ASP A 192 -2.67 -19.65 0.45
N ARG A 193 -1.85 -18.62 0.26
CA ARG A 193 -1.97 -17.73 -0.89
C ARG A 193 -1.48 -18.33 -2.21
N LEU A 194 -0.33 -18.99 -2.17
CA LEU A 194 0.26 -19.56 -3.38
C LEU A 194 0.05 -21.05 -3.62
N GLY A 195 -0.11 -21.82 -2.55
CA GLY A 195 -0.27 -23.26 -2.72
C GLY A 195 1.10 -23.91 -2.70
N VAL A 196 1.18 -25.12 -2.18
CA VAL A 196 2.45 -25.84 -2.11
C VAL A 196 3.11 -26.09 -3.46
N ALA A 197 2.32 -26.38 -4.49
CA ALA A 197 2.87 -26.64 -5.80
C ALA A 197 3.78 -25.51 -6.28
N ARG A 198 3.25 -24.29 -6.25
CA ARG A 198 4.00 -23.13 -6.68
C ARG A 198 5.19 -22.87 -5.74
N ILE A 199 4.98 -23.00 -4.44
CA ILE A 199 6.07 -22.78 -3.48
C ILE A 199 7.21 -23.76 -3.70
N ALA A 200 6.88 -25.03 -3.95
CA ALA A 200 7.91 -26.04 -4.19
C ALA A 200 8.73 -25.67 -5.42
N GLU A 201 8.05 -25.17 -6.46
CA GLU A 201 8.70 -24.76 -7.69
C GLU A 201 9.64 -23.59 -7.41
N GLU A 202 9.15 -22.62 -6.63
CA GLU A 202 9.95 -21.46 -6.27
C GLU A 202 11.17 -21.82 -5.41
N VAL A 203 11.00 -22.81 -4.55
CA VAL A 203 12.10 -23.25 -3.71
C VAL A 203 13.22 -23.79 -4.59
N LEU A 204 12.87 -24.67 -5.52
CA LEU A 204 13.85 -25.27 -6.42
C LEU A 204 14.55 -24.22 -7.29
N LYS A 205 13.81 -23.19 -7.68
CA LYS A 205 14.36 -22.12 -8.53
C LYS A 205 15.32 -21.29 -7.71
N HIS A 206 14.88 -20.90 -6.52
CA HIS A 206 15.69 -20.10 -5.62
C HIS A 206 17.01 -20.79 -5.28
N LEU A 207 16.99 -22.12 -5.27
CA LEU A 207 18.18 -22.90 -4.93
C LEU A 207 18.66 -23.70 -6.13
N GLN A 208 18.38 -23.20 -7.33
CA GLN A 208 18.75 -23.90 -8.55
C GLN A 208 20.23 -24.27 -8.64
N GLY A 209 20.48 -25.44 -9.23
CA GLY A 209 21.85 -25.92 -9.40
C GLY A 209 22.56 -26.43 -8.16
N LEU A 210 21.91 -26.40 -7.02
CA LEU A 210 22.54 -26.84 -5.77
C LEU A 210 22.01 -28.15 -5.22
N PRO A 211 22.88 -28.92 -4.55
CA PRO A 211 22.40 -30.18 -3.98
C PRO A 211 21.54 -29.70 -2.81
N LEU A 212 20.51 -30.45 -2.47
CA LEU A 212 19.63 -29.98 -1.40
C LEU A 212 19.56 -30.85 -0.15
N HIS A 213 19.58 -30.18 1.00
CA HIS A 213 19.45 -30.85 2.29
C HIS A 213 18.07 -30.47 2.81
N VAL A 214 17.26 -31.47 3.12
CA VAL A 214 15.93 -31.19 3.63
C VAL A 214 15.86 -31.49 5.13
N SER A 215 15.46 -30.51 5.92
CA SER A 215 15.36 -30.72 7.36
C SER A 215 13.88 -30.64 7.70
N LEU A 216 13.30 -31.78 8.03
CA LEU A 216 11.88 -31.86 8.33
C LEU A 216 11.53 -31.97 9.81
N ASP A 217 10.93 -30.92 10.34
CA ASP A 217 10.50 -30.88 11.74
C ASP A 217 9.04 -31.35 11.72
N ALA A 218 8.75 -32.37 12.51
CA ALA A 218 7.40 -32.93 12.56
C ALA A 218 6.33 -31.89 12.86
N ASP A 219 6.70 -30.83 13.59
CA ASP A 219 5.71 -29.83 13.94
C ASP A 219 5.21 -28.96 12.80
N VAL A 220 5.73 -29.16 11.59
CA VAL A 220 5.27 -28.35 10.45
C VAL A 220 3.87 -28.84 10.07
N LEU A 221 3.60 -30.11 10.38
CA LEU A 221 2.32 -30.72 10.07
C LEU A 221 1.30 -30.20 11.06
N ASP A 222 0.04 -30.13 10.65
CA ASP A 222 -0.98 -29.64 11.57
C ASP A 222 -0.98 -30.56 12.79
N PRO A 223 -1.17 -30.00 13.99
CA PRO A 223 -1.19 -30.78 15.24
C PRO A 223 -2.25 -31.88 15.22
N THR A 224 -3.34 -31.61 14.53
CA THR A 224 -4.43 -32.59 14.45
C THR A 224 -3.94 -33.84 13.73
N LEU A 225 -2.89 -33.66 12.93
CA LEU A 225 -2.31 -34.73 12.15
C LEU A 225 -1.04 -35.30 12.79
N ALA A 226 -0.30 -34.44 13.48
CA ALA A 226 0.92 -34.84 14.14
C ALA A 226 0.97 -34.27 15.55
N PRO A 227 0.28 -34.91 16.50
CA PRO A 227 0.24 -34.44 17.88
C PRO A 227 1.57 -34.66 18.61
N GLY A 228 2.32 -35.67 18.18
CA GLY A 228 3.58 -35.99 18.83
C GLY A 228 4.73 -35.04 18.61
N VAL A 229 4.56 -33.79 19.05
CA VAL A 229 5.60 -32.78 18.90
C VAL A 229 5.66 -31.88 20.14
N GLY A 230 6.85 -31.42 20.47
CA GLY A 230 7.02 -30.57 21.64
C GLY A 230 6.32 -29.22 21.59
N THR A 231 6.39 -28.54 20.47
CA THR A 231 5.76 -27.24 20.35
C THR A 231 4.75 -27.18 19.21
N PRO A 232 3.56 -27.78 19.43
CA PRO A 232 2.53 -27.79 18.41
C PRO A 232 1.95 -26.40 18.16
N VAL A 233 1.69 -26.11 16.89
CA VAL A 233 1.13 -24.83 16.50
C VAL A 233 0.02 -25.11 15.49
N PRO A 234 -1.22 -24.71 15.79
CA PRO A 234 -2.34 -24.93 14.88
C PRO A 234 -2.17 -24.25 13.53
N GLY A 235 -2.87 -24.78 12.52
CA GLY A 235 -2.81 -24.23 11.18
C GLY A 235 -1.58 -24.64 10.40
N GLY A 236 -1.23 -25.93 10.48
CA GLY A 236 -0.06 -26.42 9.77
C GLY A 236 -0.39 -27.06 8.44
N LEU A 237 0.59 -27.74 7.86
CA LEU A 237 0.40 -28.41 6.58
C LEU A 237 -0.49 -29.62 6.70
N THR A 238 -1.21 -29.94 5.61
CA THR A 238 -2.06 -31.12 5.59
C THR A 238 -1.19 -32.28 5.15
N TYR A 239 -1.70 -33.49 5.30
CA TYR A 239 -1.00 -34.71 4.90
C TYR A 239 -0.61 -34.64 3.43
N ARG A 240 -1.58 -34.28 2.59
CA ARG A 240 -1.35 -34.19 1.15
C ARG A 240 -0.35 -33.08 0.79
N GLU A 241 -0.46 -31.91 1.39
CA GLU A 241 0.48 -30.84 1.10
C GLU A 241 1.91 -31.28 1.38
N ALA A 242 2.12 -31.92 2.53
CA ALA A 242 3.45 -32.37 2.91
C ALA A 242 3.98 -33.39 1.91
N HIS A 243 3.14 -34.32 1.47
CA HIS A 243 3.60 -35.31 0.50
C HIS A 243 3.89 -34.64 -0.83
N LEU A 244 3.04 -33.70 -1.25
CA LEU A 244 3.29 -33.00 -2.51
C LEU A 244 4.65 -32.30 -2.49
N LEU A 245 4.93 -31.59 -1.39
CA LEU A 245 6.20 -30.89 -1.25
C LEU A 245 7.37 -31.86 -1.41
N MET A 246 7.28 -33.00 -0.74
CA MET A 246 8.32 -34.01 -0.82
C MET A 246 8.47 -34.57 -2.23
N GLU A 247 7.35 -34.85 -2.89
CA GLU A 247 7.39 -35.40 -4.24
C GLU A 247 8.00 -34.45 -5.26
N ILE A 248 7.69 -33.16 -5.14
CA ILE A 248 8.24 -32.20 -6.09
C ILE A 248 9.74 -32.01 -5.85
N LEU A 249 10.15 -32.03 -4.58
CA LEU A 249 11.58 -31.91 -4.28
C LEU A 249 12.28 -33.16 -4.80
N ALA A 250 11.62 -34.31 -4.65
CA ALA A 250 12.20 -35.56 -5.12
C ALA A 250 12.41 -35.53 -6.64
N GLU A 251 11.44 -35.01 -7.37
CA GLU A 251 11.51 -34.93 -8.84
C GLU A 251 12.75 -34.18 -9.33
N SER A 252 13.19 -33.18 -8.56
CA SER A 252 14.36 -32.38 -8.94
C SER A 252 15.60 -33.25 -9.04
N GLY A 253 15.62 -34.34 -8.26
CA GLY A 253 16.75 -35.23 -8.28
C GLY A 253 17.98 -34.64 -7.59
N ARG A 254 17.80 -33.50 -6.93
CA ARG A 254 18.89 -32.83 -6.26
C ARG A 254 18.96 -33.00 -4.74
N VAL A 255 17.99 -33.68 -4.14
CA VAL A 255 18.01 -33.88 -2.69
C VAL A 255 19.10 -34.88 -2.33
N GLN A 256 19.98 -34.49 -1.40
CA GLN A 256 21.10 -35.35 -1.01
C GLN A 256 21.12 -35.80 0.45
N SER A 257 20.34 -35.18 1.31
CA SER A 257 20.32 -35.55 2.72
C SER A 257 19.03 -35.13 3.41
N LEU A 258 18.69 -35.78 4.51
CA LEU A 258 17.44 -35.50 5.19
C LEU A 258 17.48 -35.67 6.71
N ASP A 259 16.83 -34.75 7.42
CA ASP A 259 16.70 -34.87 8.88
C ASP A 259 15.22 -35.07 9.16
N LEU A 260 14.89 -35.98 10.08
CA LEU A 260 13.52 -36.23 10.50
C LEU A 260 13.61 -35.97 12.00
N VAL A 261 13.19 -34.77 12.41
CA VAL A 261 13.32 -34.37 13.80
C VAL A 261 12.07 -34.02 14.58
N GLU A 262 12.28 -33.82 15.88
CA GLU A 262 11.25 -33.42 16.84
C GLU A 262 10.06 -34.37 17.07
N VAL A 263 10.22 -35.64 16.71
CA VAL A 263 9.16 -36.61 16.97
C VAL A 263 9.18 -36.91 18.47
N ASN A 264 8.05 -36.75 19.15
CA ASN A 264 7.97 -36.99 20.58
C ASN A 264 6.87 -38.01 20.86
N PRO A 265 7.23 -39.30 20.93
CA PRO A 265 6.24 -40.36 21.19
C PRO A 265 5.44 -40.21 22.48
N ILE A 266 6.00 -39.51 23.46
CA ILE A 266 5.32 -39.29 24.73
C ILE A 266 4.08 -38.41 24.59
N LEU A 267 4.05 -37.60 23.54
CA LEU A 267 2.93 -36.72 23.30
C LEU A 267 2.14 -37.20 22.08
N ASP A 268 2.62 -38.28 21.48
CA ASP A 268 2.00 -38.83 20.28
C ASP A 268 0.84 -39.76 20.54
N GLU A 269 0.16 -40.14 19.47
CA GLU A 269 -0.98 -41.05 19.54
C GLU A 269 -0.72 -42.22 18.60
N ARG A 270 -0.47 -43.39 19.17
CA ARG A 270 -0.23 -44.59 18.38
C ARG A 270 0.92 -44.41 17.39
N ASN A 271 1.92 -43.63 17.78
CA ASN A 271 3.09 -43.41 16.94
C ASN A 271 2.75 -42.84 15.56
N ARG A 272 1.57 -42.24 15.40
CA ARG A 272 1.19 -41.74 14.08
C ARG A 272 2.04 -40.60 13.54
N THR A 273 2.68 -39.85 14.42
CA THR A 273 3.53 -38.75 13.96
C THR A 273 4.79 -39.33 13.34
N ALA A 274 5.35 -40.35 13.98
CA ALA A 274 6.55 -40.99 13.46
C ALA A 274 6.20 -41.66 12.12
N GLU A 275 5.03 -42.29 12.06
CA GLU A 275 4.62 -42.96 10.82
C GLU A 275 4.44 -41.91 9.72
N MET A 276 3.96 -40.73 10.10
CA MET A 276 3.78 -39.63 9.15
C MET A 276 5.12 -39.26 8.52
N LEU A 277 6.11 -39.01 9.37
CA LEU A 277 7.42 -38.63 8.87
C LEU A 277 8.11 -39.71 8.06
N VAL A 278 7.90 -40.97 8.42
CA VAL A 278 8.51 -42.03 7.64
C VAL A 278 7.92 -41.99 6.24
N GLY A 279 6.60 -41.83 6.15
CA GLY A 279 5.96 -41.77 4.85
C GLY A 279 6.49 -40.62 4.03
N LEU A 280 6.73 -39.48 4.68
CA LEU A 280 7.24 -38.31 3.98
C LEU A 280 8.65 -38.58 3.49
N ALA A 281 9.46 -39.29 4.27
CA ALA A 281 10.82 -39.61 3.82
C ALA A 281 10.76 -40.46 2.56
N LEU A 282 9.82 -41.41 2.52
CA LEU A 282 9.69 -42.28 1.36
C LEU A 282 9.36 -41.45 0.11
N SER A 283 8.45 -40.49 0.25
CA SER A 283 8.10 -39.66 -0.89
C SER A 283 9.31 -38.82 -1.32
N LEU A 284 10.05 -38.32 -0.35
CA LEU A 284 11.22 -37.51 -0.67
C LEU A 284 12.26 -38.34 -1.42
N LEU A 285 12.31 -39.63 -1.12
CA LEU A 285 13.26 -40.51 -1.76
C LEU A 285 12.74 -41.22 -3.02
N GLY A 286 11.68 -40.72 -3.63
CA GLY A 286 11.18 -41.32 -4.85
C GLY A 286 9.90 -42.12 -4.89
N LYS A 287 9.31 -42.44 -3.73
CA LYS A 287 8.07 -43.21 -3.76
C LYS A 287 7.00 -42.36 -4.44
N ARG A 288 6.32 -42.95 -5.41
CA ARG A 288 5.27 -42.26 -6.13
C ARG A 288 4.06 -43.17 -6.35
N ILE A 289 2.88 -42.55 -6.49
CA ILE A 289 1.63 -43.28 -6.70
C ILE A 289 1.69 -43.94 -8.06
N PHE A 290 1.98 -43.15 -9.08
CA PHE A 290 2.09 -43.72 -10.41
C PHE A 290 3.59 -43.97 -10.77
N GLU B 1 -19.55 -0.23 -19.09
CA GLU B 1 -18.55 -0.49 -20.18
C GLU B 1 -18.95 0.16 -21.51
N ARG B 2 -20.25 0.24 -21.77
CA ARG B 2 -20.74 0.82 -23.01
C ARG B 2 -21.37 2.19 -22.84
N VAL B 3 -21.10 3.08 -23.79
CA VAL B 3 -21.65 4.43 -23.76
C VAL B 3 -22.17 4.80 -25.14
N ALA B 4 -23.38 5.35 -25.19
CA ALA B 4 -23.97 5.78 -26.46
C ALA B 4 -24.14 7.29 -26.42
N VAL B 5 -23.67 7.97 -27.45
CA VAL B 5 -23.79 9.41 -27.54
C VAL B 5 -24.77 9.80 -28.64
N VAL B 6 -25.73 10.64 -28.31
CA VAL B 6 -26.69 11.09 -29.30
C VAL B 6 -26.86 12.60 -29.17
N GLY B 7 -26.94 13.28 -30.30
CA GLY B 7 -27.08 14.73 -30.29
C GLY B 7 -28.47 15.22 -30.67
N VAL B 8 -28.85 16.36 -30.11
CA VAL B 8 -30.14 16.98 -30.38
C VAL B 8 -29.87 18.45 -30.67
N PRO B 9 -29.56 18.79 -31.94
CA PRO B 9 -29.27 20.16 -32.34
C PRO B 9 -30.55 21.00 -32.41
N MET B 10 -31.19 21.13 -31.26
CA MET B 10 -32.43 21.87 -31.16
C MET B 10 -32.26 23.27 -30.57
N ASP B 11 -32.79 24.25 -31.28
CA ASP B 11 -32.72 25.65 -30.88
C ASP B 11 -34.06 26.24 -31.28
N LEU B 12 -35.11 25.87 -30.56
CA LEU B 12 -36.46 26.34 -30.86
C LEU B 12 -37.03 27.20 -29.74
N GLY B 18 -28.16 29.96 -30.94
CA GLY B 18 -27.04 29.18 -31.43
C GLY B 18 -26.79 27.86 -30.69
N VAL B 19 -27.62 27.50 -29.73
CA VAL B 19 -27.41 26.25 -29.01
C VAL B 19 -27.54 25.02 -29.89
N ASP B 20 -28.12 25.19 -31.07
CA ASP B 20 -28.26 24.04 -31.97
C ASP B 20 -26.90 23.58 -32.49
N MET B 21 -25.86 24.38 -32.24
CA MET B 21 -24.50 24.06 -32.65
C MET B 21 -23.77 23.37 -31.48
N GLY B 22 -24.46 23.25 -30.35
CA GLY B 22 -23.88 22.64 -29.16
C GLY B 22 -23.36 21.23 -29.36
N PRO B 23 -24.15 20.35 -29.99
CA PRO B 23 -23.70 18.96 -30.20
C PRO B 23 -22.37 18.90 -30.97
N SER B 24 -22.24 19.70 -32.02
CA SER B 24 -21.01 19.69 -32.79
C SER B 24 -19.82 20.19 -31.97
N ALA B 25 -20.07 21.20 -31.15
CA ALA B 25 -19.04 21.78 -30.29
C ALA B 25 -18.56 20.73 -29.28
N LEU B 26 -19.49 20.01 -28.69
CA LEU B 26 -19.14 18.98 -27.71
C LEU B 26 -18.34 17.86 -28.38
N ARG B 27 -18.75 17.47 -29.59
CA ARG B 27 -18.04 16.43 -30.31
C ARG B 27 -16.63 16.94 -30.65
N TYR B 28 -16.53 18.20 -31.03
CA TYR B 28 -15.24 18.77 -31.36
C TYR B 28 -14.32 18.88 -30.16
N ALA B 29 -14.89 18.83 -28.96
CA ALA B 29 -14.11 18.90 -27.73
C ALA B 29 -13.65 17.48 -27.37
N ARG B 30 -13.75 16.58 -28.35
CA ARG B 30 -13.31 15.20 -28.23
C ARG B 30 -13.91 14.39 -27.09
N LEU B 31 -15.21 14.55 -26.87
CA LEU B 31 -15.91 13.83 -25.81
C LEU B 31 -15.74 12.32 -26.00
N LEU B 32 -15.93 11.91 -27.24
CA LEU B 32 -15.85 10.51 -27.60
C LEU B 32 -14.47 9.90 -27.44
N GLU B 33 -13.45 10.53 -27.99
CA GLU B 33 -12.09 10.05 -27.89
C GLU B 33 -11.67 9.95 -26.42
N GLN B 34 -12.06 10.94 -25.63
CA GLN B 34 -11.70 10.93 -24.23
C GLN B 34 -12.44 9.88 -23.42
N LEU B 35 -13.66 9.53 -23.84
CA LEU B 35 -14.42 8.49 -23.15
C LEU B 35 -13.75 7.15 -23.42
N GLU B 36 -13.19 7.00 -24.62
CA GLU B 36 -12.50 5.77 -24.95
C GLU B 36 -11.20 5.66 -24.16
N ASP B 37 -10.48 6.77 -24.01
CA ASP B 37 -9.23 6.75 -23.24
C ASP B 37 -9.53 6.35 -21.81
N LEU B 38 -10.75 6.60 -21.37
CA LEU B 38 -11.18 6.27 -20.03
C LEU B 38 -11.51 4.79 -19.91
N GLY B 39 -11.52 4.09 -21.04
CA GLY B 39 -11.81 2.66 -21.02
C GLY B 39 -13.18 2.21 -21.48
N TYR B 40 -14.01 3.15 -21.91
CA TYR B 40 -15.36 2.84 -22.37
C TYR B 40 -15.38 2.53 -23.87
N THR B 41 -16.31 1.67 -24.29
CA THR B 41 -16.46 1.40 -25.71
C THR B 41 -17.59 2.38 -26.04
N VAL B 42 -17.35 3.26 -27.00
CA VAL B 42 -18.31 4.29 -27.34
C VAL B 42 -18.88 4.25 -28.74
N GLU B 43 -20.18 4.53 -28.83
CA GLU B 43 -20.88 4.56 -30.11
C GLU B 43 -21.60 5.89 -30.27
N ASP B 44 -21.36 6.58 -31.39
CA ASP B 44 -22.03 7.85 -31.65
C ASP B 44 -23.24 7.52 -32.51
N LEU B 45 -24.43 7.79 -31.98
CA LEU B 45 -25.67 7.50 -32.69
C LEU B 45 -26.08 8.62 -33.63
N GLY B 46 -25.23 9.63 -33.78
CA GLY B 46 -25.57 10.73 -34.66
C GLY B 46 -26.55 11.68 -33.98
N ASP B 47 -27.30 12.43 -34.78
CA ASP B 47 -28.26 13.38 -34.24
C ASP B 47 -29.71 13.01 -34.54
N VAL B 48 -30.59 13.44 -33.64
CA VAL B 48 -32.02 13.24 -33.80
C VAL B 48 -32.47 14.38 -34.72
N PRO B 49 -33.27 14.07 -35.74
CA PRO B 49 -33.75 15.09 -36.68
C PRO B 49 -34.52 16.19 -35.95
N VAL B 50 -34.24 17.44 -36.28
CA VAL B 50 -34.94 18.56 -35.66
C VAL B 50 -35.43 19.55 -36.70
N SER B 51 -36.74 19.74 -36.76
CA SER B 51 -37.34 20.68 -37.70
C SER B 51 -38.15 21.71 -36.94
N LEU B 63 -45.94 27.44 -25.83
CA LEU B 63 -46.34 28.15 -27.04
C LEU B 63 -45.45 27.84 -28.24
N ALA B 64 -44.40 28.63 -28.38
CA ALA B 64 -43.46 28.52 -29.49
C ALA B 64 -42.94 27.11 -29.80
N TYR B 65 -43.20 26.68 -31.04
CA TYR B 65 -42.74 25.38 -31.53
C TYR B 65 -43.06 24.17 -30.66
N LEU B 66 -44.10 24.24 -29.84
CA LEU B 66 -44.42 23.12 -28.96
C LEU B 66 -44.50 21.77 -29.69
N GLU B 67 -45.24 21.72 -30.80
CA GLU B 67 -45.37 20.47 -31.53
C GLU B 67 -44.06 19.98 -32.13
N GLU B 68 -43.24 20.89 -32.64
CA GLU B 68 -41.97 20.52 -33.23
C GLU B 68 -41.05 19.96 -32.14
N ILE B 69 -41.07 20.60 -30.98
CA ILE B 69 -40.27 20.16 -29.85
C ILE B 69 -40.75 18.79 -29.39
N ARG B 70 -42.07 18.62 -29.34
CA ARG B 70 -42.66 17.36 -28.92
C ARG B 70 -42.21 16.25 -29.85
N ALA B 71 -42.28 16.51 -31.15
CA ALA B 71 -41.89 15.52 -32.15
C ALA B 71 -40.45 15.06 -31.98
N ALA B 72 -39.53 16.01 -31.88
CA ALA B 72 -38.11 15.70 -31.71
C ALA B 72 -37.85 14.94 -30.42
N ALA B 73 -38.40 15.44 -29.30
CA ALA B 73 -38.20 14.80 -28.01
C ALA B 73 -38.77 13.39 -28.01
N LEU B 74 -39.81 13.17 -28.78
CA LEU B 74 -40.43 11.85 -28.84
C LEU B 74 -39.50 10.85 -29.55
N VAL B 75 -38.82 11.32 -30.58
CA VAL B 75 -37.88 10.48 -31.32
C VAL B 75 -36.73 10.14 -30.38
N LEU B 76 -36.32 11.12 -29.59
CA LEU B 76 -35.24 10.93 -28.63
C LEU B 76 -35.62 9.90 -27.58
N LYS B 77 -36.82 10.08 -27.01
CA LYS B 77 -37.30 9.15 -25.99
C LYS B 77 -37.27 7.72 -26.52
N GLU B 78 -37.81 7.54 -27.71
CA GLU B 78 -37.86 6.23 -28.33
C GLU B 78 -36.44 5.76 -28.63
N ARG B 79 -35.55 6.63 -29.08
CA ARG B 79 -34.21 6.15 -29.34
C ARG B 79 -33.49 5.63 -28.08
N LEU B 80 -33.69 6.30 -26.96
CA LEU B 80 -33.04 5.89 -25.71
C LEU B 80 -33.66 4.65 -25.06
N ALA B 81 -34.97 4.52 -25.16
CA ALA B 81 -35.66 3.36 -24.60
C ALA B 81 -35.29 2.06 -25.31
N ALA B 82 -34.76 2.18 -26.51
CA ALA B 82 -34.37 1.07 -27.38
C ALA B 82 -33.02 0.50 -27.07
N LEU B 83 -32.19 1.36 -26.53
CA LEU B 83 -30.84 0.98 -26.17
C LEU B 83 -30.86 -0.26 -25.31
N PRO B 84 -29.92 -1.17 -25.57
CA PRO B 84 -29.89 -2.38 -24.76
C PRO B 84 -29.52 -1.89 -23.36
N GLU B 85 -30.13 -2.48 -22.34
CA GLU B 85 -29.80 -2.03 -20.99
C GLU B 85 -28.32 -2.26 -20.75
N GLY B 86 -27.73 -1.42 -19.91
CA GLY B 86 -26.32 -1.53 -19.63
C GLY B 86 -25.56 -0.50 -20.43
N VAL B 87 -26.23 0.11 -21.41
CA VAL B 87 -25.61 1.13 -22.26
C VAL B 87 -25.93 2.52 -21.71
N PHE B 88 -24.89 3.20 -21.24
CA PHE B 88 -25.02 4.53 -20.66
C PHE B 88 -25.22 5.60 -21.73
N PRO B 89 -26.38 6.27 -21.73
CA PRO B 89 -26.61 7.30 -22.75
C PRO B 89 -26.17 8.70 -22.33
N ILE B 90 -25.55 9.42 -23.25
CA ILE B 90 -25.14 10.80 -23.02
C ILE B 90 -25.78 11.56 -24.14
N VAL B 91 -26.66 12.50 -23.82
CA VAL B 91 -27.35 13.29 -24.82
C VAL B 91 -26.73 14.67 -24.91
N LEU B 92 -26.30 15.05 -26.11
CA LEU B 92 -25.69 16.35 -26.33
C LEU B 92 -26.78 17.25 -26.84
N GLY B 93 -26.89 18.44 -26.28
CA GLY B 93 -27.97 19.24 -26.78
C GLY B 93 -27.78 20.69 -27.07
N GLY B 94 -28.93 21.23 -27.44
CA GLY B 94 -29.10 22.62 -27.72
C GLY B 94 -30.01 22.86 -26.53
N ASP B 95 -31.27 23.18 -26.79
CA ASP B 95 -32.24 23.46 -25.74
C ASP B 95 -32.36 22.40 -24.67
N HIS B 96 -32.58 22.85 -23.44
CA HIS B 96 -32.76 21.94 -22.33
C HIS B 96 -34.10 21.23 -22.50
N SER B 97 -34.90 21.69 -23.46
CA SER B 97 -36.21 21.08 -23.73
C SER B 97 -36.06 19.59 -24.07
N LEU B 98 -34.92 19.23 -24.64
CA LEU B 98 -34.66 17.85 -25.03
C LEU B 98 -34.74 16.90 -23.84
N SER B 99 -34.57 17.42 -22.64
CA SER B 99 -34.61 16.57 -21.45
C SER B 99 -35.97 15.91 -21.23
N MET B 100 -37.03 16.48 -21.81
CA MET B 100 -38.36 15.89 -21.67
C MET B 100 -38.28 14.50 -22.30
N GLY B 101 -37.55 14.41 -23.39
CA GLY B 101 -37.39 13.14 -24.08
C GLY B 101 -36.30 12.26 -23.51
N SER B 102 -35.16 12.86 -23.15
CA SER B 102 -34.05 12.08 -22.62
C SER B 102 -34.36 11.43 -21.27
N VAL B 103 -34.96 12.16 -20.34
CA VAL B 103 -35.27 11.58 -19.04
C VAL B 103 -36.35 10.50 -19.16
N ALA B 104 -37.40 10.81 -19.91
CA ALA B 104 -38.49 9.85 -20.10
C ALA B 104 -37.94 8.60 -20.77
N GLY B 105 -37.10 8.79 -21.77
CA GLY B 105 -36.53 7.66 -22.48
C GLY B 105 -35.55 6.85 -21.66
N ALA B 106 -34.62 7.55 -21.01
CA ALA B 106 -33.60 6.91 -20.19
C ALA B 106 -34.16 6.23 -18.93
N ALA B 107 -35.32 6.69 -18.47
CA ALA B 107 -35.92 6.10 -17.27
C ALA B 107 -36.40 4.68 -17.51
N ARG B 108 -36.71 4.35 -18.76
CA ARG B 108 -37.16 3.01 -19.12
C ARG B 108 -38.36 2.54 -18.29
N GLY B 109 -39.30 3.44 -18.04
CA GLY B 109 -40.48 3.09 -17.27
C GLY B 109 -40.28 2.88 -15.79
N ARG B 110 -39.03 2.95 -15.34
CA ARG B 110 -38.75 2.77 -13.92
C ARG B 110 -38.57 4.09 -13.15
N ARG B 111 -38.64 4.02 -11.83
CA ARG B 111 -38.48 5.19 -10.97
C ARG B 111 -37.01 5.58 -10.93
N VAL B 112 -36.71 6.81 -11.34
CA VAL B 112 -35.33 7.29 -11.35
C VAL B 112 -35.25 8.64 -10.65
N GLY B 113 -34.10 8.92 -10.04
CA GLY B 113 -33.92 10.20 -9.41
C GLY B 113 -33.34 11.14 -10.45
N VAL B 114 -33.65 12.42 -10.38
CA VAL B 114 -33.12 13.38 -11.35
C VAL B 114 -32.34 14.46 -10.62
N VAL B 115 -31.09 14.66 -11.05
CA VAL B 115 -30.22 15.69 -10.46
C VAL B 115 -30.09 16.73 -11.56
N TRP B 116 -30.76 17.86 -11.37
CA TRP B 116 -30.77 18.95 -12.34
C TRP B 116 -29.76 20.00 -11.88
N VAL B 117 -28.62 20.06 -12.58
CA VAL B 117 -27.53 20.98 -12.26
C VAL B 117 -27.69 22.10 -13.26
N ASP B 118 -28.23 23.21 -12.78
CA ASP B 118 -28.60 24.33 -13.64
C ASP B 118 -28.67 25.65 -12.86
N ALA B 119 -28.47 26.78 -13.54
CA ALA B 119 -28.57 28.09 -12.88
C ALA B 119 -30.05 28.38 -12.73
N HIS B 120 -30.85 27.73 -13.57
CA HIS B 120 -32.31 27.90 -13.57
C HIS B 120 -33.02 26.61 -13.16
N ALA B 121 -34.30 26.73 -12.83
CA ALA B 121 -35.07 25.56 -12.41
C ALA B 121 -35.85 24.92 -13.54
N ASP B 122 -36.07 25.65 -14.63
CA ASP B 122 -36.83 25.13 -15.76
C ASP B 122 -38.11 24.49 -15.26
N PHE B 123 -38.73 25.13 -14.29
CA PHE B 123 -39.96 24.61 -13.69
C PHE B 123 -41.18 25.48 -13.98
N ASN B 124 -41.19 26.16 -15.13
CA ASN B 124 -42.31 27.01 -15.52
C ASN B 124 -43.40 26.20 -16.23
N THR B 125 -44.60 26.76 -16.26
CA THR B 125 -45.73 26.13 -16.96
C THR B 125 -46.19 27.21 -17.93
N PRO B 126 -47.10 26.87 -18.85
CA PRO B 126 -47.54 27.91 -19.78
C PRO B 126 -48.10 29.10 -19.00
N GLU B 127 -48.66 28.83 -17.82
CA GLU B 127 -49.24 29.87 -16.98
C GLU B 127 -48.21 30.76 -16.28
N THR B 128 -47.15 30.15 -15.74
CA THR B 128 -46.14 30.92 -15.01
C THR B 128 -45.11 31.69 -15.84
N SER B 129 -45.02 31.37 -17.14
CA SER B 129 -44.10 32.02 -18.07
C SER B 129 -43.05 31.03 -18.55
N SER B 131 -41.72 34.07 -21.00
CA SER B 131 -41.70 34.46 -22.41
C SER B 131 -42.23 33.34 -23.31
N GLY B 132 -42.85 32.34 -22.69
CA GLY B 132 -43.44 31.22 -23.41
C GLY B 132 -42.44 30.20 -23.95
N ASN B 133 -41.16 30.36 -23.60
CA ASN B 133 -40.13 29.43 -24.06
C ASN B 133 -40.30 28.07 -23.40
N VAL B 134 -40.38 27.02 -24.23
CA VAL B 134 -40.53 25.66 -23.73
C VAL B 134 -39.29 25.18 -23.00
N HIS B 135 -38.11 25.65 -23.42
CA HIS B 135 -36.88 25.22 -22.76
C HIS B 135 -36.77 25.73 -21.33
N GLY B 136 -37.82 26.42 -20.88
CA GLY B 136 -37.84 26.93 -19.52
C GLY B 136 -38.88 26.15 -18.71
N MET B 137 -39.42 25.09 -19.31
CA MET B 137 -40.45 24.27 -18.64
C MET B 137 -40.22 22.75 -18.64
N PRO B 138 -39.10 22.25 -19.19
CA PRO B 138 -38.90 20.78 -19.19
C PRO B 138 -38.96 20.02 -17.87
N LEU B 139 -38.39 20.58 -16.81
CA LEU B 139 -38.41 19.90 -15.53
C LEU B 139 -39.83 19.86 -14.96
N ALA B 140 -40.61 20.89 -15.25
CA ALA B 140 -41.99 20.94 -14.78
C ALA B 140 -42.74 19.83 -15.52
N VAL B 141 -42.58 19.82 -16.84
CA VAL B 141 -43.24 18.82 -17.68
C VAL B 141 -42.91 17.40 -17.19
N LEU B 142 -41.63 17.14 -16.99
CA LEU B 142 -41.20 15.82 -16.52
C LEU B 142 -41.85 15.47 -15.19
N SER B 143 -42.15 16.50 -14.40
CA SER B 143 -42.78 16.31 -13.10
C SER B 143 -44.29 16.22 -13.24
N GLY B 144 -44.78 16.32 -14.46
CA GLY B 144 -46.21 16.23 -14.71
C GLY B 144 -46.98 17.53 -14.66
N LEU B 145 -46.26 18.65 -14.75
CA LEU B 145 -46.90 19.96 -14.72
C LEU B 145 -46.70 20.70 -16.02
N GLY B 146 -47.77 21.23 -16.57
CA GLY B 146 -47.65 21.98 -17.82
C GLY B 146 -48.64 21.61 -18.90
N HIS B 147 -48.32 21.98 -20.14
CA HIS B 147 -49.17 21.70 -21.27
C HIS B 147 -49.41 20.20 -21.41
N PRO B 148 -50.67 19.79 -21.60
CA PRO B 148 -51.07 18.38 -21.75
C PRO B 148 -50.37 17.64 -22.87
N ARG B 149 -50.15 18.30 -24.00
CA ARG B 149 -49.48 17.67 -25.14
C ARG B 149 -48.06 17.23 -24.79
N LEU B 150 -47.50 17.83 -23.75
CA LEU B 150 -46.14 17.50 -23.33
C LEU B 150 -46.16 16.51 -22.16
N THR B 151 -46.95 16.79 -21.14
CA THR B 151 -47.02 15.92 -19.97
C THR B 151 -47.56 14.54 -20.30
N GLU B 152 -48.48 14.46 -21.26
CA GLU B 152 -49.07 13.17 -21.63
C GLU B 152 -48.03 12.15 -22.08
N VAL B 153 -46.99 12.60 -22.79
CA VAL B 153 -45.93 11.71 -23.27
C VAL B 153 -44.61 11.81 -22.53
N PHE B 154 -44.38 12.90 -21.79
CA PHE B 154 -43.10 13.07 -21.11
C PHE B 154 -43.06 13.03 -19.58
N ARG B 155 -44.22 13.01 -18.91
CA ARG B 155 -44.21 12.94 -17.46
C ARG B 155 -43.42 11.68 -17.14
N ALA B 156 -42.41 11.78 -16.28
CA ALA B 156 -41.60 10.61 -15.99
C ALA B 156 -40.90 10.56 -14.64
N VAL B 157 -41.11 11.58 -13.81
CA VAL B 157 -40.48 11.58 -12.50
C VAL B 157 -41.39 12.22 -11.46
N ASP B 158 -41.28 11.73 -10.23
CA ASP B 158 -42.05 12.27 -9.13
C ASP B 158 -41.24 13.46 -8.59
N PRO B 159 -41.89 14.61 -8.37
CA PRO B 159 -41.24 15.81 -7.85
C PRO B 159 -40.34 15.54 -6.65
N LYS B 160 -40.69 14.54 -5.86
CA LYS B 160 -39.90 14.19 -4.69
C LYS B 160 -38.61 13.45 -5.01
N ASP B 161 -38.46 13.02 -6.27
CA ASP B 161 -37.25 12.32 -6.69
C ASP B 161 -36.40 13.24 -7.57
N VAL B 162 -36.62 14.54 -7.43
CA VAL B 162 -35.89 15.56 -8.19
C VAL B 162 -35.09 16.46 -7.24
N VAL B 163 -33.87 16.80 -7.64
CA VAL B 163 -33.04 17.71 -6.86
C VAL B 163 -32.40 18.71 -7.80
N LEU B 164 -32.52 19.99 -7.46
CA LEU B 164 -31.92 21.07 -8.25
C LEU B 164 -30.65 21.52 -7.53
N VAL B 165 -29.58 21.72 -8.29
CA VAL B 165 -28.32 22.14 -7.71
C VAL B 165 -27.69 23.28 -8.51
N GLY B 166 -27.34 24.37 -7.81
CA GLY B 166 -26.71 25.51 -8.44
C GLY B 166 -27.64 26.63 -8.89
N VAL B 167 -28.93 26.50 -8.58
CA VAL B 167 -29.91 27.51 -8.98
C VAL B 167 -29.62 28.90 -8.42
N ARG B 168 -29.75 29.93 -9.26
CA ARG B 168 -29.50 31.30 -8.83
C ARG B 168 -30.42 32.31 -9.51
N SER B 169 -31.39 31.80 -10.29
CA SER B 169 -32.34 32.66 -10.98
C SER B 169 -33.68 31.95 -11.14
N LEU B 170 -34.74 32.51 -10.53
CA LEU B 170 -36.08 31.93 -10.58
C LEU B 170 -37.18 32.97 -10.80
N ASP B 171 -38.22 32.57 -11.52
CA ASP B 171 -39.37 33.45 -11.77
C ASP B 171 -40.32 33.26 -10.59
N PRO B 172 -41.15 34.27 -10.29
CA PRO B 172 -42.11 34.19 -9.19
C PRO B 172 -42.98 32.94 -9.25
N GLY B 173 -43.55 32.68 -10.43
CA GLY B 173 -44.39 31.52 -10.63
C GLY B 173 -43.68 30.21 -10.37
N GLU B 174 -42.42 30.13 -10.78
CA GLU B 174 -41.59 28.94 -10.58
C GLU B 174 -41.43 28.63 -9.11
N LYS B 175 -41.13 29.66 -8.33
CA LYS B 175 -40.95 29.50 -6.89
C LYS B 175 -42.16 28.83 -6.29
N ARG B 176 -43.35 29.31 -6.65
CA ARG B 176 -44.60 28.76 -6.13
C ARG B 176 -44.71 27.28 -6.48
N LEU B 177 -44.60 26.96 -7.76
CA LEU B 177 -44.70 25.59 -8.22
C LEU B 177 -43.69 24.67 -7.55
N LEU B 178 -42.44 25.12 -7.45
CA LEU B 178 -41.41 24.31 -6.81
C LEU B 178 -41.78 23.98 -5.36
N LYS B 179 -42.27 24.98 -4.63
CA LYS B 179 -42.67 24.75 -3.25
C LYS B 179 -43.86 23.84 -3.14
N GLU B 180 -44.84 24.13 -3.97
CA GLU B 180 -46.05 23.33 -3.98
C GLU B 180 -45.68 21.89 -4.25
N ALA B 181 -44.83 21.67 -5.25
CA ALA B 181 -44.42 20.33 -5.63
C ALA B 181 -43.49 19.64 -4.63
N GLY B 182 -42.86 20.43 -3.77
CA GLY B 182 -41.96 19.86 -2.77
C GLY B 182 -40.61 19.43 -3.34
N VAL B 183 -40.14 20.11 -4.37
CA VAL B 183 -38.85 19.79 -4.98
C VAL B 183 -37.70 20.29 -4.11
N ARG B 184 -36.72 19.44 -3.86
CA ARG B 184 -35.56 19.82 -3.07
C ARG B 184 -34.69 20.74 -3.93
N VAL B 185 -34.46 21.95 -3.46
CA VAL B 185 -33.67 22.93 -4.22
C VAL B 185 -32.45 23.45 -3.47
N TYR B 186 -31.28 23.33 -4.08
CA TYR B 186 -30.06 23.85 -3.49
C TYR B 186 -29.62 25.03 -4.34
N THR B 187 -29.96 26.25 -3.92
CA THR B 187 -29.56 27.44 -4.66
C THR B 187 -28.09 27.73 -4.33
N MET B 188 -27.51 28.73 -4.97
CA MET B 188 -26.12 29.05 -4.67
C MET B 188 -25.97 29.46 -3.22
N HIS B 189 -27.06 29.93 -2.60
CA HIS B 189 -27.00 30.31 -1.20
C HIS B 189 -26.65 29.07 -0.37
N GLU B 190 -27.34 27.96 -0.63
CA GLU B 190 -27.05 26.72 0.08
C GLU B 190 -25.67 26.20 -0.30
N VAL B 191 -25.26 26.39 -1.56
CA VAL B 191 -23.95 25.94 -1.98
C VAL B 191 -22.87 26.69 -1.17
N ASP B 192 -23.02 28.01 -1.07
CA ASP B 192 -22.08 28.81 -0.29
C ASP B 192 -22.10 28.44 1.19
N ARG B 193 -23.30 28.25 1.72
CA ARG B 193 -23.48 27.95 3.13
C ARG B 193 -23.01 26.55 3.53
N LEU B 194 -23.38 25.55 2.74
CA LEU B 194 -23.03 24.15 3.04
C LEU B 194 -21.79 23.58 2.36
N GLY B 195 -21.54 23.96 1.11
CA GLY B 195 -20.39 23.43 0.41
C GLY B 195 -20.85 22.28 -0.48
N VAL B 196 -20.20 22.12 -1.64
CA VAL B 196 -20.58 21.08 -2.59
C VAL B 196 -20.45 19.65 -2.02
N ALA B 197 -19.41 19.39 -1.25
CA ALA B 197 -19.23 18.06 -0.66
C ALA B 197 -20.47 17.63 0.15
N ARG B 198 -20.93 18.49 1.05
CA ARG B 198 -22.10 18.18 1.87
C ARG B 198 -23.37 18.06 1.03
N ILE B 199 -23.54 18.97 0.07
CA ILE B 199 -24.71 18.96 -0.80
C ILE B 199 -24.75 17.67 -1.63
N ALA B 200 -23.62 17.29 -2.22
CA ALA B 200 -23.58 16.07 -3.02
C ALA B 200 -24.03 14.88 -2.17
N GLU B 201 -23.55 14.83 -0.93
CA GLU B 201 -23.93 13.76 -0.01
C GLU B 201 -25.44 13.76 0.22
N GLU B 202 -25.98 14.95 0.50
CA GLU B 202 -27.42 15.10 0.75
C GLU B 202 -28.26 14.73 -0.47
N VAL B 203 -27.73 15.01 -1.66
CA VAL B 203 -28.42 14.68 -2.90
C VAL B 203 -28.57 13.16 -3.01
N LEU B 204 -27.48 12.45 -2.76
CA LEU B 204 -27.48 11.00 -2.84
C LEU B 204 -28.40 10.38 -1.79
N LYS B 205 -28.42 10.97 -0.60
CA LYS B 205 -29.27 10.50 0.49
C LYS B 205 -30.74 10.70 0.12
N HIS B 206 -31.08 11.91 -0.33
CA HIS B 206 -32.44 12.24 -0.72
C HIS B 206 -32.97 11.34 -1.82
N LEU B 207 -32.08 10.86 -2.69
CA LEU B 207 -32.48 9.98 -3.79
C LEU B 207 -31.90 8.58 -3.59
N GLN B 208 -31.75 8.18 -2.34
CA GLN B 208 -31.15 6.89 -2.07
C GLN B 208 -31.83 5.68 -2.70
N GLY B 209 -31.02 4.72 -3.13
CA GLY B 209 -31.53 3.51 -3.74
C GLY B 209 -32.07 3.65 -5.14
N LEU B 210 -31.98 4.83 -5.73
CA LEU B 210 -32.51 5.04 -7.08
C LEU B 210 -31.41 5.24 -8.12
N PRO B 211 -31.67 4.80 -9.37
CA PRO B 211 -30.67 4.99 -10.41
C PRO B 211 -30.78 6.49 -10.67
N LEU B 212 -29.69 7.14 -11.03
CA LEU B 212 -29.73 8.59 -11.21
C LEU B 212 -29.49 9.13 -12.60
N HIS B 213 -30.30 10.10 -13.01
CA HIS B 213 -30.11 10.75 -14.29
C HIS B 213 -29.61 12.16 -13.99
N VAL B 214 -28.46 12.52 -14.54
CA VAL B 214 -27.90 13.84 -14.32
C VAL B 214 -28.11 14.70 -15.55
N SER B 215 -28.71 15.87 -15.38
CA SER B 215 -28.93 16.80 -16.48
C SER B 215 -28.09 18.01 -16.15
N LEU B 216 -27.04 18.20 -16.94
CA LEU B 216 -26.10 19.30 -16.72
C LEU B 216 -26.23 20.40 -17.76
N ASP B 217 -26.68 21.56 -17.31
CA ASP B 217 -26.84 22.75 -18.13
C ASP B 217 -25.54 23.53 -17.92
N ALA B 218 -24.91 23.89 -19.02
CA ALA B 218 -23.63 24.61 -18.95
C ALA B 218 -23.71 25.89 -18.14
N ASP B 219 -24.88 26.52 -18.10
CA ASP B 219 -24.97 27.78 -17.39
C ASP B 219 -24.88 27.68 -15.88
N VAL B 220 -24.78 26.47 -15.34
CA VAL B 220 -24.64 26.36 -13.89
C VAL B 220 -23.26 26.86 -13.49
N LEU B 221 -22.31 26.74 -14.41
CA LEU B 221 -20.94 27.22 -14.19
C LEU B 221 -20.90 28.74 -14.24
N ASP B 222 -20.03 29.33 -13.45
CA ASP B 222 -19.91 30.78 -13.48
C ASP B 222 -19.63 31.21 -14.93
N PRO B 223 -20.25 32.31 -15.37
CA PRO B 223 -20.08 32.85 -16.74
C PRO B 223 -18.62 33.14 -17.10
N THR B 224 -17.82 33.48 -16.09
CA THR B 224 -16.41 33.78 -16.30
C THR B 224 -15.68 32.53 -16.77
N LEU B 225 -16.26 31.39 -16.43
CA LEU B 225 -15.71 30.09 -16.76
C LEU B 225 -16.40 29.47 -17.98
N ALA B 226 -17.69 29.75 -18.11
CA ALA B 226 -18.47 29.21 -19.21
C ALA B 226 -19.28 30.31 -19.86
N PRO B 227 -18.66 31.11 -20.73
CA PRO B 227 -19.37 32.20 -21.41
C PRO B 227 -20.34 31.72 -22.48
N GLY B 228 -20.05 30.56 -23.07
CA GLY B 228 -20.88 30.01 -24.12
C GLY B 228 -22.23 29.45 -23.71
N VAL B 229 -23.07 30.30 -23.14
CA VAL B 229 -24.41 29.90 -22.72
C VAL B 229 -25.40 31.03 -23.04
N GLY B 230 -26.63 30.65 -23.40
CA GLY B 230 -27.63 31.63 -23.75
C GLY B 230 -28.07 32.57 -22.65
N THR B 231 -28.25 32.04 -21.44
CA THR B 231 -28.68 32.87 -20.33
C THR B 231 -27.69 32.83 -19.18
N PRO B 232 -26.56 33.55 -19.33
CA PRO B 232 -25.55 33.57 -18.26
C PRO B 232 -26.03 34.30 -17.01
N VAL B 233 -25.66 33.75 -15.85
CA VAL B 233 -26.03 34.35 -14.58
C VAL B 233 -24.80 34.33 -13.68
N PRO B 234 -24.33 35.51 -13.24
CA PRO B 234 -23.15 35.57 -12.39
C PRO B 234 -23.30 34.84 -11.06
N GLY B 235 -22.17 34.48 -10.46
CA GLY B 235 -22.18 33.80 -9.18
C GLY B 235 -22.44 32.30 -9.24
N GLY B 236 -21.93 31.62 -10.26
CA GLY B 236 -22.14 30.19 -10.40
C GLY B 236 -21.04 29.33 -9.80
N LEU B 237 -21.09 28.03 -10.08
CA LEU B 237 -20.11 27.08 -9.58
C LEU B 237 -18.73 27.28 -10.20
N THR B 238 -17.69 27.01 -9.42
CA THR B 238 -16.33 27.10 -9.92
C THR B 238 -16.02 25.80 -10.65
N TYR B 239 -14.90 25.78 -11.37
CA TYR B 239 -14.44 24.61 -12.09
C TYR B 239 -14.29 23.43 -11.13
N ARG B 240 -13.62 23.67 -10.01
CA ARG B 240 -13.40 22.65 -9.01
C ARG B 240 -14.68 22.12 -8.35
N GLU B 241 -15.60 23.01 -8.01
CA GLU B 241 -16.85 22.56 -7.38
C GLU B 241 -17.62 21.63 -8.32
N ALA B 242 -17.70 22.00 -9.61
CA ALA B 242 -18.42 21.19 -10.59
C ALA B 242 -17.81 19.79 -10.71
N HIS B 243 -16.48 19.73 -10.74
CA HIS B 243 -15.79 18.46 -10.84
C HIS B 243 -16.01 17.63 -9.58
N LEU B 244 -16.00 18.28 -8.41
CA LEU B 244 -16.21 17.56 -7.16
C LEU B 244 -17.61 16.95 -7.13
N LEU B 245 -18.60 17.72 -7.57
CA LEU B 245 -19.97 17.24 -7.60
C LEU B 245 -20.06 16.00 -8.51
N MET B 246 -19.45 16.07 -9.68
CA MET B 246 -19.47 14.94 -10.60
C MET B 246 -18.75 13.73 -10.02
N GLU B 247 -17.63 13.97 -9.35
CA GLU B 247 -16.85 12.88 -8.74
C GLU B 247 -17.61 12.16 -7.64
N ILE B 248 -18.28 12.92 -6.76
CA ILE B 248 -19.04 12.31 -5.68
C ILE B 248 -20.24 11.55 -6.23
N LEU B 249 -20.89 12.12 -7.25
CA LEU B 249 -22.03 11.43 -7.84
C LEU B 249 -21.53 10.13 -8.50
N ALA B 250 -20.35 10.18 -9.11
CA ALA B 250 -19.78 8.99 -9.75
C ALA B 250 -19.50 7.90 -8.72
N GLU B 251 -18.95 8.30 -7.57
CA GLU B 251 -18.64 7.35 -6.49
C GLU B 251 -19.84 6.53 -6.05
N SER B 252 -21.03 7.11 -6.12
CA SER B 252 -22.24 6.39 -5.72
C SER B 252 -22.47 5.18 -6.60
N GLY B 253 -21.98 5.23 -7.83
CA GLY B 253 -22.16 4.12 -8.75
C GLY B 253 -23.59 3.97 -9.22
N ARG B 254 -24.43 4.97 -8.94
CA ARG B 254 -25.83 4.90 -9.34
C ARG B 254 -26.20 5.75 -10.54
N VAL B 255 -25.27 6.54 -11.06
CA VAL B 255 -25.57 7.37 -12.21
C VAL B 255 -25.74 6.49 -13.44
N GLN B 256 -26.87 6.66 -14.14
CA GLN B 256 -27.19 5.84 -15.30
C GLN B 256 -27.34 6.57 -16.63
N SER B 257 -27.45 7.90 -16.60
CA SER B 257 -27.62 8.66 -17.84
C SER B 257 -27.23 10.11 -17.64
N LEU B 258 -26.97 10.81 -18.75
CA LEU B 258 -26.52 12.19 -18.67
C LEU B 258 -26.89 13.09 -19.84
N ASP B 259 -27.23 14.34 -19.54
CA ASP B 259 -27.52 15.32 -20.58
C ASP B 259 -26.45 16.40 -20.43
N LEU B 260 -25.91 16.87 -21.55
CA LEU B 260 -24.93 17.95 -21.59
C LEU B 260 -25.63 18.96 -22.49
N VAL B 261 -26.28 19.95 -21.88
CA VAL B 261 -27.06 20.89 -22.65
C VAL B 261 -26.70 22.36 -22.57
N GLU B 262 -27.33 23.12 -23.46
CA GLU B 262 -27.20 24.57 -23.55
C GLU B 262 -25.83 25.14 -23.93
N VAL B 263 -24.99 24.34 -24.55
CA VAL B 263 -23.70 24.86 -24.98
C VAL B 263 -23.97 25.69 -26.23
N ASN B 264 -23.51 26.94 -26.23
CA ASN B 264 -23.71 27.82 -27.37
C ASN B 264 -22.36 28.36 -27.84
N PRO B 265 -21.74 27.71 -28.84
CA PRO B 265 -20.43 28.14 -29.35
C PRO B 265 -20.39 29.57 -29.91
N ILE B 266 -21.53 30.06 -30.36
CA ILE B 266 -21.62 31.41 -30.90
C ILE B 266 -21.37 32.47 -29.82
N LEU B 267 -21.53 32.08 -28.56
CA LEU B 267 -21.31 33.00 -27.45
C LEU B 267 -20.10 32.57 -26.64
N ASP B 268 -19.51 31.46 -27.04
CA ASP B 268 -18.37 30.89 -26.35
C ASP B 268 -17.04 31.52 -26.76
N GLU B 269 -15.97 31.12 -26.07
CA GLU B 269 -14.63 31.59 -26.36
C GLU B 269 -13.72 30.38 -26.52
N ARG B 270 -13.24 30.17 -27.74
CA ARG B 270 -12.36 29.03 -28.03
C ARG B 270 -12.96 27.69 -27.61
N ASN B 271 -14.30 27.58 -27.66
CA ASN B 271 -14.98 26.33 -27.31
C ASN B 271 -14.70 25.87 -25.86
N ARG B 272 -14.26 26.78 -25.00
CA ARG B 272 -13.95 26.37 -23.63
C ARG B 272 -15.15 25.89 -22.82
N THR B 273 -16.34 26.36 -23.14
CA THR B 273 -17.51 25.91 -22.40
C THR B 273 -17.81 24.44 -22.75
N ALA B 274 -17.67 24.09 -24.02
CA ALA B 274 -17.90 22.72 -24.44
C ALA B 274 -16.83 21.83 -23.81
N GLU B 275 -15.59 22.31 -23.81
CA GLU B 275 -14.47 21.55 -23.24
C GLU B 275 -14.71 21.32 -21.75
N MET B 276 -15.29 22.32 -21.09
CA MET B 276 -15.61 22.24 -19.67
C MET B 276 -16.58 21.09 -19.43
N LEU B 277 -17.69 21.10 -20.16
CA LEU B 277 -18.71 20.06 -20.00
C LEU B 277 -18.18 18.68 -20.33
N VAL B 278 -17.29 18.57 -21.31
CA VAL B 278 -16.74 17.27 -21.64
C VAL B 278 -15.93 16.77 -20.45
N GLY B 279 -15.14 17.66 -19.85
CA GLY B 279 -14.35 17.26 -18.69
C GLY B 279 -15.23 16.81 -17.54
N LEU B 280 -16.35 17.49 -17.35
CA LEU B 280 -17.28 17.13 -16.28
C LEU B 280 -17.93 15.77 -16.56
N ALA B 281 -18.23 15.50 -17.82
CA ALA B 281 -18.83 14.22 -18.16
C ALA B 281 -17.85 13.10 -17.79
N LEU B 282 -16.57 13.30 -18.11
CA LEU B 282 -15.53 12.31 -17.80
C LEU B 282 -15.48 12.03 -16.30
N SER B 283 -15.56 13.10 -15.50
CA SER B 283 -15.55 12.95 -14.05
C SER B 283 -16.77 12.16 -13.58
N LEU B 284 -17.92 12.47 -14.17
CA LEU B 284 -19.15 11.79 -13.80
C LEU B 284 -19.06 10.31 -14.17
N LEU B 285 -18.28 9.98 -15.19
CA LEU B 285 -18.14 8.59 -15.59
C LEU B 285 -16.92 7.87 -15.03
N GLY B 286 -16.40 8.38 -13.92
CA GLY B 286 -15.27 7.71 -13.27
C GLY B 286 -13.87 8.26 -13.37
N LYS B 287 -13.63 9.28 -14.19
CA LYS B 287 -12.27 9.80 -14.26
C LYS B 287 -11.88 10.38 -12.91
N ARG B 288 -10.72 9.97 -12.40
CA ARG B 288 -10.25 10.44 -11.10
C ARG B 288 -8.77 10.76 -11.13
N ILE B 289 -8.34 11.67 -10.28
CA ILE B 289 -6.93 12.04 -10.21
C ILE B 289 -6.14 10.84 -9.72
N PHE B 290 -6.67 10.19 -8.69
CA PHE B 290 -6.04 9.04 -8.05
C PHE B 290 -7.02 7.86 -8.09
N GLU C 1 -1.53 2.00 -25.61
CA GLU C 1 -1.64 3.24 -26.42
C GLU C 1 -0.34 3.59 -27.14
N ARG C 2 0.80 3.27 -26.53
CA ARG C 2 2.10 3.59 -27.13
C ARG C 2 2.86 2.37 -27.64
N VAL C 3 3.45 2.51 -28.83
CA VAL C 3 4.22 1.46 -29.47
C VAL C 3 5.56 2.01 -29.95
N ALA C 4 6.63 1.25 -29.69
CA ALA C 4 7.96 1.64 -30.11
C ALA C 4 8.50 0.56 -31.06
N VAL C 5 8.95 0.99 -32.24
CA VAL C 5 9.49 0.09 -33.25
C VAL C 5 10.99 0.27 -33.40
N VAL C 6 11.74 -0.82 -33.30
CA VAL C 6 13.19 -0.77 -33.44
C VAL C 6 13.61 -1.90 -34.36
N GLY C 7 14.56 -1.61 -35.24
CA GLY C 7 15.02 -2.62 -36.17
C GLY C 7 16.42 -3.12 -35.87
N VAL C 8 16.66 -4.37 -36.25
CA VAL C 8 17.96 -5.00 -36.04
C VAL C 8 18.33 -5.65 -37.37
N PRO C 9 18.96 -4.89 -38.27
CA PRO C 9 19.37 -5.40 -39.58
C PRO C 9 20.57 -6.33 -39.46
N MET C 10 20.36 -7.43 -38.75
CA MET C 10 21.41 -8.40 -38.51
C MET C 10 21.29 -9.64 -39.39
N ASP C 11 22.40 -9.98 -40.03
CA ASP C 11 22.48 -11.14 -40.90
C ASP C 11 23.88 -11.71 -40.69
N LEU C 12 24.10 -12.31 -39.52
CA LEU C 12 25.41 -12.87 -39.20
C LEU C 12 25.35 -14.38 -39.06
N GLY C 18 20.29 -12.31 -46.73
CA GLY C 18 19.65 -11.03 -46.95
C GLY C 18 18.61 -10.62 -45.91
N VAL C 19 18.53 -11.33 -44.79
CA VAL C 19 17.55 -10.98 -43.76
C VAL C 19 17.87 -9.63 -43.13
N ASP C 20 19.08 -9.11 -43.37
CA ASP C 20 19.44 -7.82 -42.81
C ASP C 20 18.63 -6.70 -43.46
N MET C 21 17.94 -7.04 -44.55
CA MET C 21 17.08 -6.11 -45.28
C MET C 21 15.63 -6.23 -44.77
N GLY C 22 15.42 -7.14 -43.84
CA GLY C 22 14.09 -7.36 -43.28
C GLY C 22 13.44 -6.14 -42.62
N PRO C 23 14.18 -5.39 -41.79
CA PRO C 23 13.60 -4.20 -41.14
C PRO C 23 13.05 -3.18 -42.14
N SER C 24 13.83 -2.92 -43.19
CA SER C 24 13.38 -1.97 -44.21
C SER C 24 12.15 -2.48 -44.92
N ALA C 25 12.15 -3.76 -45.25
CA ALA C 25 11.01 -4.36 -45.93
C ALA C 25 9.76 -4.25 -45.05
N LEU C 26 9.90 -4.47 -43.76
CA LEU C 26 8.76 -4.38 -42.85
C LEU C 26 8.28 -2.93 -42.75
N ARG C 27 9.21 -1.98 -42.70
CA ARG C 27 8.81 -0.58 -42.65
C ARG C 27 8.12 -0.20 -43.96
N TYR C 28 8.61 -0.70 -45.08
CA TYR C 28 8.02 -0.38 -46.37
C TYR C 28 6.64 -0.99 -46.54
N ALA C 29 6.32 -1.99 -45.71
CA ALA C 29 5.01 -2.61 -45.75
C ALA C 29 4.05 -1.78 -44.90
N ARG C 30 4.51 -0.58 -44.53
CA ARG C 30 3.71 0.38 -43.76
C ARG C 30 3.24 -0.09 -42.39
N LEU C 31 4.11 -0.76 -41.65
CA LEU C 31 3.78 -1.26 -40.33
C LEU C 31 3.36 -0.10 -39.41
N LEU C 32 4.14 0.96 -39.49
CA LEU C 32 3.95 2.14 -38.69
C LEU C 32 2.66 2.90 -38.98
N GLU C 33 2.42 3.20 -40.26
CA GLU C 33 1.22 3.91 -40.66
C GLU C 33 -0.02 3.12 -40.24
N GLN C 34 0.00 1.81 -40.45
CA GLN C 34 -1.14 0.98 -40.09
C GLN C 34 -1.35 0.87 -38.59
N LEU C 35 -0.28 0.93 -37.81
CA LEU C 35 -0.44 0.87 -36.37
C LEU C 35 -1.14 2.15 -35.92
N GLU C 36 -0.82 3.26 -36.58
CA GLU C 36 -1.45 4.53 -36.23
C GLU C 36 -2.94 4.50 -36.59
N ASP C 37 -3.26 3.95 -37.77
CA ASP C 37 -4.66 3.85 -38.19
C ASP C 37 -5.44 3.03 -37.17
N LEU C 38 -4.74 2.15 -36.47
CA LEU C 38 -5.35 1.30 -35.47
C LEU C 38 -5.57 2.07 -34.16
N GLY C 39 -5.04 3.28 -34.09
CA GLY C 39 -5.21 4.10 -32.90
C GLY C 39 -4.02 4.22 -31.96
N TYR C 40 -2.91 3.59 -32.30
CA TYR C 40 -1.72 3.65 -31.46
C TYR C 40 -0.88 4.87 -31.80
N THR C 41 -0.14 5.39 -30.83
CA THR C 41 0.75 6.50 -31.09
C THR C 41 2.05 5.72 -31.27
N VAL C 42 2.71 5.91 -32.41
CA VAL C 42 3.92 5.15 -32.71
C VAL C 42 5.20 5.94 -32.85
N GLU C 43 6.29 5.35 -32.35
CA GLU C 43 7.61 5.96 -32.45
C GLU C 43 8.62 4.97 -33.03
N ASP C 44 9.30 5.39 -34.10
CA ASP C 44 10.30 4.54 -34.72
C ASP C 44 11.65 4.90 -34.11
N LEU C 45 12.24 3.96 -33.39
CA LEU C 45 13.51 4.20 -32.74
C LEU C 45 14.71 4.00 -33.65
N GLY C 46 14.45 3.72 -34.93
CA GLY C 46 15.55 3.49 -35.85
C GLY C 46 16.10 2.08 -35.71
N ASP C 47 17.34 1.88 -36.13
CA ASP C 47 17.97 0.58 -36.04
C ASP C 47 19.12 0.53 -35.06
N VAL C 48 19.34 -0.65 -34.51
CA VAL C 48 20.44 -0.90 -33.60
C VAL C 48 21.64 -1.14 -34.49
N PRO C 49 22.78 -0.52 -34.16
CA PRO C 49 23.99 -0.70 -34.97
C PRO C 49 24.40 -2.17 -35.04
N VAL C 50 24.73 -2.66 -36.24
CA VAL C 50 25.16 -4.04 -36.38
C VAL C 50 26.43 -4.13 -37.21
N SER C 51 27.48 -4.67 -36.61
CA SER C 51 28.77 -4.81 -37.27
C SER C 51 29.17 -6.29 -37.24
N LEU C 63 29.56 -20.27 -32.54
CA LEU C 63 30.82 -20.01 -33.23
C LEU C 63 30.83 -18.70 -34.01
N ALA C 64 30.32 -18.75 -35.23
CA ALA C 64 30.29 -17.60 -36.12
C ALA C 64 29.73 -16.31 -35.53
N TYR C 65 30.55 -15.26 -35.57
CA TYR C 65 30.16 -13.92 -35.10
C TYR C 65 29.53 -13.85 -33.72
N LEU C 66 29.84 -14.80 -32.84
CA LEU C 66 29.24 -14.79 -31.50
C LEU C 66 29.38 -13.45 -30.77
N GLU C 67 30.59 -12.89 -30.74
CA GLU C 67 30.81 -11.63 -30.06
C GLU C 67 30.09 -10.46 -30.73
N GLU C 68 30.04 -10.45 -32.05
CA GLU C 68 29.37 -9.37 -32.76
C GLU C 68 27.87 -9.45 -32.48
N ILE C 69 27.36 -10.68 -32.45
CA ILE C 69 25.94 -10.89 -32.18
C ILE C 69 25.62 -10.45 -30.76
N ARG C 70 26.46 -10.86 -29.82
CA ARG C 70 26.32 -10.51 -28.41
C ARG C 70 26.27 -8.99 -28.24
N ALA C 71 27.20 -8.29 -28.90
CA ALA C 71 27.27 -6.85 -28.81
C ALA C 71 25.97 -6.19 -29.28
N ALA C 72 25.52 -6.57 -30.47
CA ALA C 72 24.29 -6.01 -31.02
C ALA C 72 23.07 -6.33 -30.15
N ALA C 73 22.93 -7.58 -29.75
CA ALA C 73 21.81 -8.00 -28.91
C ALA C 73 21.82 -7.29 -27.56
N LEU C 74 23.01 -6.99 -27.06
CA LEU C 74 23.15 -6.30 -25.78
C LEU C 74 22.63 -4.87 -25.89
N VAL C 75 22.98 -4.20 -27.00
CA VAL C 75 22.51 -2.84 -27.24
C VAL C 75 20.99 -2.87 -27.30
N LEU C 76 20.46 -3.88 -27.99
CA LEU C 76 19.02 -4.04 -28.11
C LEU C 76 18.38 -4.24 -26.75
N LYS C 77 18.93 -5.14 -25.96
CA LYS C 77 18.40 -5.40 -24.62
C LYS C 77 18.30 -4.12 -23.82
N GLU C 78 19.39 -3.35 -23.80
CA GLU C 78 19.45 -2.11 -23.04
C GLU C 78 18.43 -1.09 -23.54
N ARG C 79 18.32 -0.97 -24.85
CA ARG C 79 17.38 -0.03 -25.46
C ARG C 79 15.94 -0.34 -25.01
N LEU C 80 15.58 -1.62 -25.03
CA LEU C 80 14.22 -2.02 -24.64
C LEU C 80 13.99 -1.91 -23.13
N ALA C 81 14.99 -2.25 -22.35
CA ALA C 81 14.88 -2.16 -20.89
C ALA C 81 14.70 -0.72 -20.44
N ALA C 82 15.25 0.22 -21.22
CA ALA C 82 15.16 1.64 -20.88
C ALA C 82 13.82 2.28 -21.26
N LEU C 83 13.02 1.60 -22.07
CA LEU C 83 11.72 2.14 -22.48
C LEU C 83 10.77 2.39 -21.32
N PRO C 84 10.03 3.50 -21.33
CA PRO C 84 9.12 3.69 -20.21
C PRO C 84 8.10 2.56 -20.22
N GLU C 85 7.73 2.04 -19.05
CA GLU C 85 6.77 0.96 -19.02
C GLU C 85 5.45 1.44 -19.62
N GLY C 86 4.75 0.55 -20.28
CA GLY C 86 3.50 0.93 -20.90
C GLY C 86 3.71 1.13 -22.39
N VAL C 87 4.97 1.08 -22.81
CA VAL C 87 5.29 1.22 -24.23
C VAL C 87 5.56 -0.18 -24.79
N PHE C 88 4.72 -0.57 -25.75
CA PHE C 88 4.81 -1.89 -26.39
C PHE C 88 5.92 -1.92 -27.45
N PRO C 89 6.95 -2.74 -27.25
CA PRO C 89 8.04 -2.81 -28.23
C PRO C 89 7.85 -3.87 -29.32
N ILE C 90 8.12 -3.48 -30.56
CA ILE C 90 8.04 -4.37 -31.71
C ILE C 90 9.42 -4.32 -32.32
N VAL C 91 10.12 -5.45 -32.31
CA VAL C 91 11.46 -5.51 -32.86
C VAL C 91 11.42 -6.11 -34.26
N LEU C 92 11.96 -5.37 -35.21
CA LEU C 92 12.00 -5.81 -36.60
C LEU C 92 13.35 -6.43 -36.82
N GLY C 93 13.39 -7.60 -37.41
CA GLY C 93 14.71 -8.17 -37.56
C GLY C 93 15.15 -8.85 -38.82
N GLY C 94 16.38 -9.33 -38.67
CA GLY C 94 17.04 -10.11 -39.65
C GLY C 94 17.04 -11.38 -38.84
N ASP C 95 18.22 -11.85 -38.45
CA ASP C 95 18.37 -13.08 -37.67
C ASP C 95 17.50 -13.17 -36.44
N HIS C 96 17.01 -14.37 -36.16
CA HIS C 96 16.20 -14.59 -34.98
C HIS C 96 17.08 -14.47 -33.75
N SER C 97 18.38 -14.40 -33.96
CA SER C 97 19.36 -14.26 -32.87
C SER C 97 19.09 -13.01 -32.04
N LEU C 98 18.48 -12.00 -32.66
CA LEU C 98 18.16 -10.76 -31.98
C LEU C 98 17.25 -10.98 -30.79
N SER C 99 16.49 -12.07 -30.82
CA SER C 99 15.56 -12.37 -29.74
C SER C 99 16.23 -12.57 -28.38
N MET C 100 17.52 -12.89 -28.37
CA MET C 100 18.22 -13.07 -27.11
C MET C 100 18.17 -11.74 -26.38
N GLY C 101 18.33 -10.66 -27.15
CA GLY C 101 18.30 -9.32 -26.59
C GLY C 101 16.88 -8.77 -26.43
N SER C 102 15.99 -9.04 -27.38
CA SER C 102 14.64 -8.51 -27.28
C SER C 102 13.87 -9.09 -26.10
N VAL C 103 13.92 -10.41 -25.93
CA VAL C 103 13.19 -11.04 -24.83
C VAL C 103 13.76 -10.64 -23.47
N ALA C 104 15.09 -10.66 -23.36
CA ALA C 104 15.74 -10.30 -22.11
C ALA C 104 15.45 -8.84 -21.79
N GLY C 105 15.50 -7.98 -22.82
CA GLY C 105 15.25 -6.57 -22.62
C GLY C 105 13.79 -6.24 -22.33
N ALA C 106 12.89 -6.84 -23.11
CA ALA C 106 11.46 -6.60 -22.94
C ALA C 106 10.88 -7.19 -21.65
N ALA C 107 11.54 -8.21 -21.11
CA ALA C 107 11.08 -8.87 -19.89
C ALA C 107 11.17 -7.94 -18.68
N ARG C 108 12.14 -7.03 -18.70
CA ARG C 108 12.32 -6.08 -17.62
C ARG C 108 12.54 -6.75 -16.27
N GLY C 109 13.35 -7.81 -16.26
CA GLY C 109 13.62 -8.51 -15.02
C GLY C 109 12.48 -9.31 -14.43
N ARG C 110 11.29 -9.25 -15.03
CA ARG C 110 10.16 -10.01 -14.51
C ARG C 110 9.91 -11.29 -15.28
N ARG C 111 9.11 -12.18 -14.69
CA ARG C 111 8.79 -13.46 -15.30
C ARG C 111 7.79 -13.24 -16.45
N VAL C 112 8.17 -13.65 -17.65
CA VAL C 112 7.32 -13.49 -18.81
C VAL C 112 7.18 -14.82 -19.56
N GLY C 113 6.04 -15.00 -20.22
CA GLY C 113 5.82 -16.20 -20.99
C GLY C 113 6.30 -15.90 -22.41
N VAL C 114 6.87 -16.89 -23.08
CA VAL C 114 7.34 -16.70 -24.44
C VAL C 114 6.60 -17.61 -25.41
N VAL C 115 5.96 -17.01 -26.41
CA VAL C 115 5.26 -17.77 -27.43
C VAL C 115 6.13 -17.67 -28.68
N TRP C 116 6.86 -18.74 -28.99
CA TRP C 116 7.76 -18.79 -30.14
C TRP C 116 7.02 -19.43 -31.31
N VAL C 117 6.62 -18.60 -32.27
CA VAL C 117 5.88 -19.07 -33.44
C VAL C 117 6.91 -19.19 -34.56
N ASP C 118 7.31 -20.43 -34.82
CA ASP C 118 8.41 -20.68 -35.74
C ASP C 118 8.33 -22.08 -36.33
N ALA C 119 8.89 -22.27 -37.52
CA ALA C 119 8.92 -23.59 -38.16
C ALA C 119 10.04 -24.35 -37.46
N HIS C 120 10.95 -23.61 -36.82
CA HIS C 120 12.07 -24.22 -36.09
C HIS C 120 11.98 -23.93 -34.60
N ALA C 121 12.74 -24.66 -33.81
CA ALA C 121 12.73 -24.47 -32.36
C ALA C 121 13.87 -23.56 -31.88
N ASP C 122 14.87 -23.37 -32.71
CA ASP C 122 16.03 -22.53 -32.34
C ASP C 122 16.48 -22.89 -30.94
N PHE C 123 16.50 -24.18 -30.65
CA PHE C 123 16.88 -24.67 -29.33
C PHE C 123 18.20 -25.45 -29.36
N ASN C 124 19.08 -25.09 -30.27
CA ASN C 124 20.38 -25.75 -30.38
C ASN C 124 21.39 -25.11 -29.44
N THR C 125 22.46 -25.84 -29.14
CA THR C 125 23.53 -25.35 -28.30
C THR C 125 24.76 -25.53 -29.18
N PRO C 126 25.92 -25.01 -28.76
CA PRO C 126 27.11 -25.20 -29.59
C PRO C 126 27.37 -26.68 -29.81
N GLU C 127 26.96 -27.51 -28.85
CA GLU C 127 27.14 -28.95 -28.92
C GLU C 127 26.21 -29.65 -29.89
N THR C 128 24.93 -29.29 -29.86
CA THR C 128 23.94 -29.92 -30.72
C THR C 128 23.90 -29.49 -32.18
N SER C 129 24.57 -28.39 -32.50
CA SER C 129 24.64 -27.84 -33.87
C SER C 129 23.89 -26.52 -33.96
N SER C 131 25.25 -26.33 -37.86
CA SER C 131 26.22 -25.63 -38.68
C SER C 131 26.88 -24.48 -37.92
N GLY C 132 26.68 -24.47 -36.60
CA GLY C 132 27.24 -23.45 -35.73
C GLY C 132 26.54 -22.09 -35.80
N ASN C 133 25.43 -22.01 -36.53
CA ASN C 133 24.70 -20.75 -36.65
C ASN C 133 24.04 -20.37 -35.33
N VAL C 134 24.35 -19.17 -34.84
CA VAL C 134 23.79 -18.69 -33.59
C VAL C 134 22.29 -18.44 -33.69
N HIS C 135 21.81 -18.08 -34.89
CA HIS C 135 20.38 -17.83 -35.04
C HIS C 135 19.56 -19.10 -34.94
N GLY C 136 20.23 -20.19 -34.61
CA GLY C 136 19.55 -21.47 -34.44
C GLY C 136 19.64 -21.87 -32.98
N MET C 137 20.06 -20.93 -32.13
CA MET C 137 20.21 -21.18 -30.70
C MET C 137 19.62 -20.14 -29.73
N PRO C 138 18.98 -19.08 -30.24
CA PRO C 138 18.42 -18.07 -29.33
C PRO C 138 17.44 -18.52 -28.24
N LEU C 139 16.53 -19.42 -28.56
CA LEU C 139 15.58 -19.85 -27.56
C LEU C 139 16.28 -20.67 -26.48
N ALA C 140 17.28 -21.46 -26.89
CA ALA C 140 18.02 -22.26 -25.92
C ALA C 140 18.74 -21.31 -24.99
N VAL C 141 19.43 -20.33 -25.57
CA VAL C 141 20.16 -19.33 -24.78
C VAL C 141 19.24 -18.65 -23.79
N LEU C 142 18.10 -18.18 -24.29
CA LEU C 142 17.13 -17.50 -23.45
C LEU C 142 16.69 -18.40 -22.29
N SER C 143 16.71 -19.69 -22.53
CA SER C 143 16.31 -20.67 -21.53
C SER C 143 17.47 -21.04 -20.60
N GLY C 144 18.63 -20.47 -20.86
CA GLY C 144 19.79 -20.73 -20.03
C GLY C 144 20.69 -21.86 -20.50
N LEU C 145 20.53 -22.28 -21.76
CA LEU C 145 21.34 -23.35 -22.31
C LEU C 145 22.20 -22.83 -23.46
N GLY C 146 23.48 -23.17 -23.45
CA GLY C 146 24.35 -22.73 -24.53
C GLY C 146 25.65 -22.06 -24.10
N HIS C 147 26.27 -21.36 -25.03
CA HIS C 147 27.54 -20.69 -24.76
C HIS C 147 27.42 -19.71 -23.59
N PRO C 148 28.34 -19.78 -22.63
CA PRO C 148 28.36 -18.92 -21.45
C PRO C 148 28.33 -17.42 -21.77
N ARG C 149 29.07 -17.02 -22.80
CA ARG C 149 29.11 -15.61 -23.18
C ARG C 149 27.74 -15.07 -23.57
N LEU C 150 26.82 -15.97 -23.91
CA LEU C 150 25.47 -15.57 -24.29
C LEU C 150 24.48 -15.73 -23.14
N THR C 151 24.51 -16.88 -22.49
CA THR C 151 23.59 -17.13 -21.38
C THR C 151 23.82 -16.21 -20.19
N GLU C 152 25.06 -15.77 -19.99
CA GLU C 152 25.38 -14.90 -18.86
C GLU C 152 24.66 -13.56 -18.92
N VAL C 153 24.34 -13.10 -20.12
CA VAL C 153 23.66 -11.82 -20.25
C VAL C 153 22.27 -11.91 -20.88
N PHE C 154 21.93 -13.06 -21.46
CA PHE C 154 20.62 -13.18 -22.10
C PHE C 154 19.64 -14.18 -21.49
N ARG C 155 20.08 -15.04 -20.58
CA ARG C 155 19.16 -15.99 -19.96
C ARG C 155 18.04 -15.13 -19.41
N ALA C 156 16.79 -15.46 -19.75
CA ALA C 156 15.69 -14.63 -19.27
C ALA C 156 14.34 -15.32 -19.11
N VAL C 157 14.26 -16.60 -19.42
CA VAL C 157 12.99 -17.29 -19.28
C VAL C 157 13.17 -18.71 -18.80
N ASP C 158 12.20 -19.20 -18.03
CA ASP C 158 12.23 -20.56 -17.54
C ASP C 158 11.63 -21.42 -18.64
N PRO C 159 12.29 -22.54 -18.99
CA PRO C 159 11.81 -23.45 -20.03
C PRO C 159 10.32 -23.77 -19.91
N LYS C 160 9.80 -23.76 -18.69
CA LYS C 160 8.40 -24.06 -18.45
C LYS C 160 7.46 -22.91 -18.80
N ASP C 161 8.01 -21.74 -19.09
CA ASP C 161 7.19 -20.59 -19.46
C ASP C 161 7.33 -20.30 -20.95
N VAL C 162 7.80 -21.30 -21.70
CA VAL C 162 8.00 -21.20 -23.12
C VAL C 162 7.07 -22.16 -23.86
N VAL C 163 6.52 -21.73 -24.99
CA VAL C 163 5.65 -22.58 -25.81
C VAL C 163 6.01 -22.36 -27.27
N LEU C 164 6.30 -23.45 -27.97
CA LEU C 164 6.63 -23.39 -29.39
C LEU C 164 5.36 -23.75 -30.15
N VAL C 165 5.10 -23.03 -31.23
CA VAL C 165 3.90 -23.26 -32.06
C VAL C 165 4.27 -23.25 -33.54
N GLY C 166 3.91 -24.31 -34.26
CA GLY C 166 4.17 -24.36 -35.69
C GLY C 166 5.43 -25.06 -36.14
N VAL C 167 6.15 -25.65 -35.20
CA VAL C 167 7.40 -26.34 -35.48
C VAL C 167 7.20 -27.52 -36.43
N ARG C 168 8.09 -27.65 -37.40
CA ARG C 168 8.00 -28.74 -38.37
C ARG C 168 9.39 -29.22 -38.81
N SER C 169 10.43 -28.74 -38.14
CA SER C 169 11.80 -29.14 -38.49
C SER C 169 12.70 -29.03 -37.27
N LEU C 170 13.25 -30.16 -36.84
CA LEU C 170 14.09 -30.20 -35.65
C LEU C 170 15.33 -31.06 -35.84
N ASP C 171 16.42 -30.69 -35.16
CA ASP C 171 17.66 -31.44 -35.21
C ASP C 171 17.59 -32.46 -34.08
N PRO C 172 18.26 -33.61 -34.23
CA PRO C 172 18.23 -34.65 -33.19
C PRO C 172 18.60 -34.09 -31.81
N GLY C 173 19.67 -33.31 -31.76
CA GLY C 173 20.10 -32.72 -30.49
C GLY C 173 19.04 -31.84 -29.87
N GLU C 174 18.35 -31.07 -30.71
CA GLU C 174 17.28 -30.17 -30.26
C GLU C 174 16.16 -30.92 -29.56
N LYS C 175 15.75 -32.02 -30.16
CA LYS C 175 14.68 -32.84 -29.60
C LYS C 175 15.04 -33.24 -28.17
N ARG C 176 16.28 -33.68 -27.98
CA ARG C 176 16.73 -34.09 -26.64
C ARG C 176 16.64 -32.93 -25.64
N LEU C 177 17.22 -31.80 -26.01
CA LEU C 177 17.23 -30.63 -25.14
C LEU C 177 15.82 -30.16 -24.81
N LEU C 178 14.95 -30.13 -25.81
CA LEU C 178 13.57 -29.71 -25.60
C LEU C 178 12.85 -30.61 -24.62
N LYS C 179 13.02 -31.92 -24.78
CA LYS C 179 12.37 -32.87 -23.89
C LYS C 179 12.98 -32.77 -22.50
N GLU C 180 14.29 -32.70 -22.42
CA GLU C 180 14.98 -32.58 -21.14
C GLU C 180 14.48 -31.33 -20.40
N ALA C 181 14.42 -30.21 -21.11
CA ALA C 181 13.98 -28.94 -20.55
C ALA C 181 12.49 -28.86 -20.22
N GLY C 182 11.70 -29.74 -20.83
CA GLY C 182 10.27 -29.74 -20.57
C GLY C 182 9.52 -28.62 -21.26
N VAL C 183 10.00 -28.19 -22.42
CA VAL C 183 9.36 -27.13 -23.18
C VAL C 183 8.11 -27.68 -23.87
N ARG C 184 6.99 -26.97 -23.76
CA ARG C 184 5.75 -27.38 -24.40
C ARG C 184 5.88 -27.07 -25.89
N VAL C 185 5.79 -28.12 -26.72
CA VAL C 185 5.94 -27.96 -28.17
C VAL C 185 4.71 -28.39 -28.97
N TYR C 186 4.22 -27.49 -29.81
CA TYR C 186 3.09 -27.78 -30.68
C TYR C 186 3.63 -27.80 -32.11
N THR C 187 3.94 -28.99 -32.61
CA THR C 187 4.46 -29.12 -33.97
C THR C 187 3.22 -29.04 -34.88
N MET C 188 3.45 -29.01 -36.19
CA MET C 188 2.33 -28.96 -37.13
C MET C 188 1.45 -30.20 -36.97
N HIS C 189 2.00 -31.28 -36.44
CA HIS C 189 1.19 -32.48 -36.22
C HIS C 189 0.09 -32.15 -35.22
N GLU C 190 0.46 -31.51 -34.12
CA GLU C 190 -0.52 -31.12 -33.11
C GLU C 190 -1.46 -30.05 -33.67
N VAL C 191 -0.94 -29.17 -34.53
CA VAL C 191 -1.78 -28.14 -35.13
C VAL C 191 -2.87 -28.80 -35.97
N ASP C 192 -2.47 -29.78 -36.78
CA ASP C 192 -3.43 -30.49 -37.63
C ASP C 192 -4.45 -31.27 -36.80
N ARG C 193 -3.95 -31.92 -35.76
CA ARG C 193 -4.77 -32.74 -34.89
C ARG C 193 -5.75 -31.93 -34.02
N LEU C 194 -5.26 -30.86 -33.40
CA LEU C 194 -6.10 -30.06 -32.50
C LEU C 194 -6.74 -28.79 -33.06
N GLY C 195 -6.06 -28.14 -33.99
CA GLY C 195 -6.58 -26.91 -34.56
C GLY C 195 -6.01 -25.73 -33.80
N VAL C 196 -5.78 -24.62 -34.49
CA VAL C 196 -5.21 -23.42 -33.87
C VAL C 196 -6.04 -22.84 -32.73
N ALA C 197 -7.36 -22.86 -32.85
CA ALA C 197 -8.20 -22.33 -31.78
C ALA C 197 -7.90 -23.01 -30.44
N ARG C 198 -7.88 -24.34 -30.44
CA ARG C 198 -7.60 -25.08 -29.22
C ARG C 198 -6.17 -24.86 -28.75
N ILE C 199 -5.23 -24.86 -29.69
CA ILE C 199 -3.84 -24.65 -29.32
C ILE C 199 -3.63 -23.27 -28.70
N ALA C 200 -4.25 -22.25 -29.28
CA ALA C 200 -4.12 -20.90 -28.75
C ALA C 200 -4.66 -20.87 -27.32
N GLU C 201 -5.77 -21.56 -27.07
CA GLU C 201 -6.36 -21.61 -25.74
C GLU C 201 -5.37 -22.29 -24.80
N GLU C 202 -4.83 -23.42 -25.23
CA GLU C 202 -3.87 -24.14 -24.39
C GLU C 202 -2.63 -23.33 -24.10
N VAL C 203 -2.20 -22.51 -25.07
CA VAL C 203 -1.01 -21.68 -24.87
C VAL C 203 -1.28 -20.69 -23.74
N LEU C 204 -2.42 -20.03 -23.79
CA LEU C 204 -2.75 -19.05 -22.76
C LEU C 204 -2.88 -19.70 -21.39
N LYS C 205 -3.42 -20.92 -21.35
CA LYS C 205 -3.60 -21.64 -20.10
C LYS C 205 -2.24 -22.02 -19.52
N HIS C 206 -1.39 -22.61 -20.35
CA HIS C 206 -0.06 -23.02 -19.93
C HIS C 206 0.76 -21.85 -19.38
N LEU C 207 0.53 -20.65 -19.91
CA LEU C 207 1.24 -19.47 -19.48
C LEU C 207 0.31 -18.50 -18.76
N GLN C 208 -0.70 -19.04 -18.09
CA GLN C 208 -1.68 -18.20 -17.40
C GLN C 208 -1.08 -17.21 -16.41
N GLY C 209 -1.70 -16.04 -16.32
CA GLY C 209 -1.26 -15.01 -15.41
C GLY C 209 0.06 -14.31 -15.73
N LEU C 210 0.67 -14.65 -16.85
CA LEU C 210 1.95 -14.05 -17.22
C LEU C 210 1.87 -13.09 -18.39
N PRO C 211 2.74 -12.07 -18.39
CA PRO C 211 2.71 -11.14 -19.53
C PRO C 211 3.35 -11.95 -20.65
N LEU C 212 2.91 -11.76 -21.88
CA LEU C 212 3.45 -12.55 -22.96
C LEU C 212 4.28 -11.83 -24.01
N HIS C 213 5.36 -12.48 -24.41
CA HIS C 213 6.23 -11.96 -25.46
C HIS C 213 6.05 -12.92 -26.64
N VAL C 214 5.65 -12.39 -27.78
CA VAL C 214 5.45 -13.22 -28.97
C VAL C 214 6.59 -13.02 -29.95
N SER C 215 7.26 -14.11 -30.31
CA SER C 215 8.35 -14.03 -31.26
C SER C 215 7.87 -14.72 -32.52
N LEU C 216 7.60 -13.93 -33.56
CA LEU C 216 7.08 -14.45 -34.82
C LEU C 216 8.13 -14.55 -35.92
N ASP C 217 8.46 -15.78 -36.30
CA ASP C 217 9.43 -16.01 -37.37
C ASP C 217 8.55 -16.18 -38.61
N ALA C 218 8.88 -15.44 -39.67
CA ALA C 218 8.09 -15.53 -40.90
C ALA C 218 8.01 -16.94 -41.47
N ASP C 219 9.01 -17.77 -41.20
CA ASP C 219 8.96 -19.10 -41.77
C ASP C 219 7.95 -20.04 -41.14
N VAL C 220 7.18 -19.56 -40.17
CA VAL C 220 6.16 -20.43 -39.58
C VAL C 220 5.03 -20.57 -40.61
N LEU C 221 4.87 -19.54 -41.44
CA LEU C 221 3.86 -19.54 -42.48
C LEU C 221 4.28 -20.48 -43.60
N ASP C 222 3.31 -21.05 -44.30
CA ASP C 222 3.64 -21.96 -45.40
C ASP C 222 4.45 -21.16 -46.43
N PRO C 223 5.48 -21.78 -47.03
CA PRO C 223 6.33 -21.12 -48.04
C PRO C 223 5.54 -20.54 -49.20
N THR C 224 4.46 -21.21 -49.56
CA THR C 224 3.62 -20.79 -50.67
C THR C 224 3.02 -19.43 -50.36
N LEU C 225 2.97 -19.11 -49.07
CA LEU C 225 2.39 -17.87 -48.59
C LEU C 225 3.47 -16.86 -48.20
N ALA C 226 4.59 -17.37 -47.69
CA ALA C 226 5.69 -16.52 -47.27
C ALA C 226 6.98 -17.09 -47.83
N PRO C 227 7.29 -16.81 -49.11
CA PRO C 227 8.52 -17.31 -49.74
C PRO C 227 9.77 -16.61 -49.24
N GLY C 228 9.61 -15.35 -48.83
CA GLY C 228 10.74 -14.56 -48.37
C GLY C 228 11.34 -14.93 -47.03
N VAL C 229 11.85 -16.15 -46.93
CA VAL C 229 12.47 -16.63 -45.70
C VAL C 229 13.70 -17.46 -46.06
N GLY C 230 14.70 -17.41 -45.20
CA GLY C 230 15.94 -18.14 -45.45
C GLY C 230 15.81 -19.64 -45.42
N THR C 231 15.06 -20.17 -44.47
CA THR C 231 14.91 -21.62 -44.39
C THR C 231 13.45 -22.05 -44.51
N PRO C 232 12.90 -22.00 -45.73
CA PRO C 232 11.51 -22.40 -45.94
C PRO C 232 11.29 -23.88 -45.70
N VAL C 233 10.15 -24.21 -45.10
CA VAL C 233 9.81 -25.60 -44.82
C VAL C 233 8.34 -25.76 -45.19
N PRO C 234 8.03 -26.68 -46.12
CA PRO C 234 6.65 -26.90 -46.53
C PRO C 234 5.73 -27.37 -45.41
N GLY C 235 4.43 -27.15 -45.58
CA GLY C 235 3.46 -27.57 -44.59
C GLY C 235 3.35 -26.65 -43.38
N GLY C 236 3.33 -25.33 -43.62
CA GLY C 236 3.22 -24.38 -42.53
C GLY C 236 1.80 -23.88 -42.28
N LEU C 237 1.69 -22.84 -41.45
CA LEU C 237 0.39 -22.27 -41.12
C LEU C 237 -0.21 -21.53 -42.31
N THR C 238 -1.54 -21.53 -42.41
CA THR C 238 -2.22 -20.82 -43.46
C THR C 238 -2.36 -19.38 -42.99
N TYR C 239 -2.74 -18.50 -43.92
CA TYR C 239 -2.95 -17.08 -43.63
C TYR C 239 -3.99 -16.93 -42.52
N ARG C 240 -5.09 -17.65 -42.67
CA ARG C 240 -6.19 -17.60 -41.70
C ARG C 240 -5.81 -18.12 -40.31
N GLU C 241 -5.04 -19.20 -40.25
CA GLU C 241 -4.60 -19.77 -38.97
C GLU C 241 -3.70 -18.80 -38.22
N ALA C 242 -2.77 -18.19 -38.93
CA ALA C 242 -1.86 -17.24 -38.33
C ALA C 242 -2.64 -16.06 -37.75
N HIS C 243 -3.61 -15.54 -38.49
CA HIS C 243 -4.39 -14.43 -37.98
C HIS C 243 -5.23 -14.88 -36.78
N LEU C 244 -5.79 -16.09 -36.83
CA LEU C 244 -6.60 -16.57 -35.71
C LEU C 244 -5.74 -16.65 -34.45
N LEU C 245 -4.54 -17.19 -34.58
CA LEU C 245 -3.64 -17.30 -33.43
C LEU C 245 -3.38 -15.92 -32.84
N MET C 246 -3.03 -14.96 -33.69
CA MET C 246 -2.78 -13.60 -33.23
C MET C 246 -4.00 -12.98 -32.55
N GLU C 247 -5.18 -13.20 -33.12
CA GLU C 247 -6.41 -12.64 -32.54
C GLU C 247 -6.74 -13.22 -31.15
N ILE C 248 -6.59 -14.53 -31.00
CA ILE C 248 -6.88 -15.15 -29.71
C ILE C 248 -5.88 -14.68 -28.65
N LEU C 249 -4.60 -14.57 -29.04
CA LEU C 249 -3.59 -14.09 -28.11
C LEU C 249 -3.88 -12.65 -27.73
N ALA C 250 -4.33 -11.85 -28.71
CA ALA C 250 -4.64 -10.46 -28.45
C ALA C 250 -5.80 -10.35 -27.44
N GLU C 251 -6.81 -11.21 -27.61
CA GLU C 251 -7.97 -11.20 -26.70
C GLU C 251 -7.59 -11.35 -25.23
N SER C 252 -6.51 -12.09 -24.97
CA SER C 252 -6.07 -12.32 -23.59
C SER C 252 -5.70 -11.01 -22.91
N GLY C 253 -5.24 -10.05 -23.71
CA GLY C 253 -4.86 -8.76 -23.16
C GLY C 253 -3.54 -8.82 -22.42
N ARG C 254 -2.84 -9.94 -22.53
CA ARG C 254 -1.56 -10.11 -21.85
C ARG C 254 -0.30 -9.99 -22.72
N VAL C 255 -0.47 -9.76 -24.02
CA VAL C 255 0.69 -9.62 -24.90
C VAL C 255 1.35 -8.28 -24.63
N GLN C 256 2.66 -8.30 -24.33
CA GLN C 256 3.40 -7.09 -24.01
C GLN C 256 4.51 -6.71 -24.98
N SER C 257 4.96 -7.65 -25.81
CA SER C 257 6.04 -7.35 -26.74
C SER C 257 6.04 -8.29 -27.94
N LEU C 258 6.67 -7.87 -29.03
CA LEU C 258 6.67 -8.66 -30.26
C LEU C 258 7.92 -8.55 -31.13
N ASP C 259 8.32 -9.69 -31.70
CA ASP C 259 9.46 -9.72 -32.63
C ASP C 259 8.86 -10.17 -33.97
N LEU C 260 9.27 -9.51 -35.05
CA LEU C 260 8.85 -9.87 -36.39
C LEU C 260 10.20 -10.13 -37.06
N VAL C 261 10.59 -11.40 -37.14
CA VAL C 261 11.90 -11.76 -37.67
C VAL C 261 11.96 -12.65 -38.92
N GLU C 262 13.19 -12.78 -39.41
CA GLU C 262 13.54 -13.61 -40.56
C GLU C 262 12.94 -13.24 -41.93
N VAL C 263 12.45 -12.01 -42.07
CA VAL C 263 11.92 -11.59 -43.37
C VAL C 263 13.14 -11.35 -44.27
N ASN C 264 13.16 -11.98 -45.44
CA ASN C 264 14.27 -11.84 -46.38
C ASN C 264 13.70 -11.39 -47.73
N PRO C 265 13.71 -10.08 -48.00
CA PRO C 265 13.17 -9.58 -49.27
C PRO C 265 13.86 -10.09 -50.53
N ILE C 266 15.12 -10.51 -50.40
CA ILE C 266 15.88 -11.03 -51.53
C ILE C 266 15.30 -12.34 -52.05
N LEU C 267 14.57 -13.05 -51.20
CA LEU C 267 13.97 -14.31 -51.58
C LEU C 267 12.45 -14.17 -51.65
N ASP C 268 11.97 -12.97 -51.35
CA ASP C 268 10.54 -12.69 -51.34
C ASP C 268 9.95 -12.36 -52.71
N GLU C 269 8.63 -12.22 -52.75
CA GLU C 269 7.94 -11.89 -53.98
C GLU C 269 7.04 -10.70 -53.71
N ARG C 270 7.40 -9.56 -54.28
CA ARG C 270 6.63 -8.33 -54.11
C ARG C 270 6.43 -7.98 -52.64
N ASN C 271 7.41 -8.32 -51.80
CA ASN C 271 7.36 -7.98 -50.37
C ASN C 271 6.17 -8.58 -49.64
N ARG C 272 5.52 -9.57 -50.23
CA ARG C 272 4.34 -10.15 -49.59
C ARG C 272 4.61 -10.79 -48.23
N THR C 273 5.82 -11.28 -48.00
CA THR C 273 6.11 -11.88 -46.70
C THR C 273 6.15 -10.80 -45.62
N ALA C 274 6.73 -9.65 -45.96
CA ALA C 274 6.80 -8.55 -45.01
C ALA C 274 5.37 -8.05 -44.77
N GLU C 275 4.57 -7.98 -45.83
CA GLU C 275 3.19 -7.52 -45.70
C GLU C 275 2.40 -8.48 -44.83
N MET C 276 2.69 -9.77 -44.98
CA MET C 276 2.03 -10.81 -44.18
C MET C 276 2.25 -10.57 -42.69
N LEU C 277 3.53 -10.40 -42.31
CA LEU C 277 3.87 -10.18 -40.92
C LEU C 277 3.30 -8.89 -40.33
N VAL C 278 3.28 -7.83 -41.12
CA VAL C 278 2.71 -6.57 -40.66
C VAL C 278 1.23 -6.79 -40.36
N GLY C 279 0.55 -7.54 -41.21
CA GLY C 279 -0.86 -7.83 -40.98
C GLY C 279 -1.06 -8.61 -39.70
N LEU C 280 -0.17 -9.57 -39.44
CA LEU C 280 -0.26 -10.38 -38.23
C LEU C 280 0.03 -9.54 -36.98
N ALA C 281 0.93 -8.58 -37.09
CA ALA C 281 1.26 -7.69 -35.95
C ALA C 281 0.01 -6.89 -35.59
N LEU C 282 -0.70 -6.40 -36.61
CA LEU C 282 -1.93 -5.63 -36.38
C LEU C 282 -2.98 -6.47 -35.66
N SER C 283 -3.11 -7.73 -36.07
CA SER C 283 -4.08 -8.62 -35.42
C SER C 283 -3.70 -8.83 -33.96
N LEU C 284 -2.41 -9.04 -33.71
CA LEU C 284 -1.91 -9.26 -32.37
C LEU C 284 -2.15 -8.04 -31.50
N LEU C 285 -2.15 -6.87 -32.12
CA LEU C 285 -2.35 -5.64 -31.38
C LEU C 285 -3.80 -5.15 -31.34
N GLY C 286 -4.73 -6.06 -31.65
CA GLY C 286 -6.14 -5.70 -31.56
C GLY C 286 -6.98 -5.54 -32.80
N LYS C 287 -6.39 -5.49 -33.98
CA LYS C 287 -7.20 -5.32 -35.18
C LYS C 287 -8.16 -6.51 -35.32
N ARG C 288 -9.44 -6.20 -35.52
CA ARG C 288 -10.45 -7.24 -35.63
C ARG C 288 -11.45 -6.92 -36.74
N ILE C 289 -12.04 -7.96 -37.32
CA ILE C 289 -13.01 -7.77 -38.37
C ILE C 289 -14.24 -7.08 -37.78
N PHE C 290 -14.62 -7.51 -36.58
CA PHE C 290 -15.78 -6.99 -35.87
C PHE C 290 -15.29 -6.54 -34.51
N GLU D 1 16.11 33.57 12.58
CA GLU D 1 16.69 34.92 12.38
C GLU D 1 17.52 35.02 11.11
N ARG D 2 18.15 33.92 10.71
CA ARG D 2 19.00 33.92 9.52
C ARG D 2 18.44 33.10 8.35
N VAL D 3 18.59 33.64 7.15
CA VAL D 3 18.12 32.98 5.93
C VAL D 3 19.20 33.01 4.86
N ALA D 4 19.42 31.89 4.20
CA ALA D 4 20.40 31.81 3.12
C ALA D 4 19.65 31.44 1.86
N VAL D 5 19.84 32.22 0.81
CA VAL D 5 19.20 31.99 -0.48
C VAL D 5 20.21 31.51 -1.51
N VAL D 6 19.90 30.41 -2.19
CA VAL D 6 20.78 29.89 -3.22
C VAL D 6 19.96 29.51 -4.45
N GLY D 7 20.49 29.83 -5.63
CA GLY D 7 19.78 29.53 -6.84
C GLY D 7 20.36 28.37 -7.65
N VAL D 8 19.49 27.67 -8.35
CA VAL D 8 19.88 26.55 -9.18
C VAL D 8 19.21 26.77 -10.54
N PRO D 9 19.86 27.54 -11.43
CA PRO D 9 19.32 27.82 -12.77
C PRO D 9 19.44 26.60 -13.67
N MET D 10 18.76 25.53 -13.27
CA MET D 10 18.80 24.27 -14.01
C MET D 10 17.56 24.03 -14.85
N ASP D 11 17.79 23.71 -16.12
CA ASP D 11 16.73 23.44 -17.07
C ASP D 11 17.25 22.32 -17.96
N LEU D 12 17.34 21.12 -17.39
CA LEU D 12 17.86 19.97 -18.12
C LEU D 12 16.77 18.92 -18.33
N GLY D 18 12.67 27.17 -20.18
CA GLY D 18 13.04 28.46 -19.63
C GLY D 18 13.05 28.56 -18.10
N VAL D 19 12.86 27.45 -17.39
CA VAL D 19 12.86 27.51 -15.93
C VAL D 19 14.23 27.89 -15.36
N ASP D 20 15.27 27.82 -16.20
CA ASP D 20 16.61 28.19 -15.72
C ASP D 20 16.69 29.69 -15.42
N MET D 21 15.68 30.43 -15.87
CA MET D 21 15.62 31.87 -15.61
C MET D 21 14.83 32.13 -14.32
N GLY D 22 14.27 31.06 -13.76
CA GLY D 22 13.49 31.17 -12.53
C GLY D 22 14.18 31.85 -11.34
N PRO D 23 15.44 31.50 -11.06
CA PRO D 23 16.12 32.14 -9.93
C PRO D 23 16.20 33.65 -10.08
N SER D 24 16.51 34.13 -11.28
CA SER D 24 16.57 35.56 -11.51
C SER D 24 15.21 36.21 -11.33
N ALA D 25 14.18 35.55 -11.84
CA ALA D 25 12.82 36.07 -11.74
C ALA D 25 12.43 36.23 -10.27
N LEU D 26 12.75 35.22 -9.47
CA LEU D 26 12.42 35.25 -8.05
C LEU D 26 13.18 36.35 -7.32
N ARG D 27 14.45 36.53 -7.69
CA ARG D 27 15.25 37.59 -7.07
C ARG D 27 14.67 38.94 -7.48
N TYR D 28 14.27 39.06 -8.74
CA TYR D 28 13.68 40.31 -9.23
C TYR D 28 12.35 40.64 -8.56
N ALA D 29 11.68 39.63 -8.03
CA ALA D 29 10.41 39.85 -7.32
C ALA D 29 10.70 40.30 -5.88
N ARG D 30 11.97 40.66 -5.64
CA ARG D 30 12.44 41.16 -4.34
C ARG D 30 12.28 40.23 -3.14
N LEU D 31 12.52 38.95 -3.34
CA LEU D 31 12.41 37.97 -2.26
C LEU D 31 13.28 38.38 -1.08
N LEU D 32 14.49 38.78 -1.42
CA LEU D 32 15.48 39.16 -0.45
C LEU D 32 15.14 40.40 0.37
N GLU D 33 14.76 41.48 -0.32
CA GLU D 33 14.42 42.72 0.35
C GLU D 33 13.22 42.50 1.26
N GLN D 34 12.24 41.72 0.79
CA GLN D 34 11.04 41.47 1.57
C GLN D 34 11.32 40.59 2.79
N LEU D 35 12.25 39.64 2.65
CA LEU D 35 12.59 38.80 3.80
C LEU D 35 13.21 39.68 4.88
N GLU D 36 14.00 40.67 4.47
CA GLU D 36 14.63 41.59 5.42
C GLU D 36 13.58 42.48 6.08
N ASP D 37 12.60 42.95 5.32
CA ASP D 37 11.54 43.79 5.88
C ASP D 37 10.81 43.00 6.95
N LEU D 38 10.84 41.68 6.79
CA LEU D 38 10.16 40.80 7.71
C LEU D 38 10.99 40.62 8.99
N GLY D 39 12.22 41.12 8.96
CA GLY D 39 13.07 41.02 10.13
C GLY D 39 14.18 39.99 10.10
N TYR D 40 14.32 39.29 8.98
CA TYR D 40 15.37 38.27 8.84
C TYR D 40 16.66 38.90 8.33
N THR D 41 17.80 38.35 8.73
CA THR D 41 19.05 38.85 8.18
C THR D 41 19.22 37.84 7.05
N VAL D 42 19.44 38.34 5.84
CA VAL D 42 19.54 37.48 4.67
C VAL D 42 20.86 37.53 3.92
N GLU D 43 21.28 36.38 3.41
CA GLU D 43 22.50 36.25 2.64
C GLU D 43 22.24 35.51 1.33
N ASP D 44 22.60 36.11 0.21
CA ASP D 44 22.42 35.48 -1.09
C ASP D 44 23.71 34.75 -1.43
N LEU D 45 23.64 33.42 -1.51
CA LEU D 45 24.81 32.63 -1.81
C LEU D 45 25.10 32.53 -3.31
N GLY D 46 24.31 33.22 -4.12
CA GLY D 46 24.52 33.16 -5.55
C GLY D 46 23.91 31.90 -6.15
N ASP D 47 24.44 31.46 -7.28
CA ASP D 47 23.93 30.26 -7.93
C ASP D 47 24.90 29.11 -7.96
N VAL D 48 24.35 27.90 -7.97
CA VAL D 48 25.15 26.69 -8.07
C VAL D 48 25.45 26.54 -9.55
N PRO D 49 26.71 26.26 -9.92
CA PRO D 49 27.07 26.08 -11.32
C PRO D 49 26.26 24.96 -11.97
N VAL D 50 25.71 25.21 -13.15
CA VAL D 50 24.94 24.18 -13.85
C VAL D 50 25.38 24.06 -15.30
N SER D 51 25.84 22.87 -15.66
CA SER D 51 26.30 22.60 -17.02
C SER D 51 25.52 21.43 -17.59
N LEU D 63 17.30 9.17 -17.60
CA LEU D 63 18.06 9.23 -18.86
C LEU D 63 18.76 10.56 -19.12
N ALA D 64 18.00 11.49 -19.73
CA ALA D 64 18.50 12.81 -20.09
C ALA D 64 19.27 13.59 -19.02
N TYR D 65 20.53 13.90 -19.32
CA TYR D 65 21.38 14.68 -18.43
C TYR D 65 21.50 14.18 -17.00
N LEU D 66 21.28 12.89 -16.77
CA LEU D 66 21.35 12.36 -15.40
C LEU D 66 22.64 12.75 -14.66
N GLU D 67 23.79 12.53 -15.29
CA GLU D 67 25.06 12.86 -14.64
C GLU D 67 25.25 14.36 -14.38
N GLU D 68 24.78 15.18 -15.30
CA GLU D 68 24.89 16.63 -15.14
C GLU D 68 24.00 17.07 -13.99
N ILE D 69 22.81 16.48 -13.91
CA ILE D 69 21.87 16.81 -12.86
C ILE D 69 22.46 16.38 -11.53
N ARG D 70 23.01 15.16 -11.49
CA ARG D 70 23.62 14.60 -10.28
C ARG D 70 24.73 15.52 -9.78
N ALA D 71 25.57 15.98 -10.69
CA ALA D 71 26.69 16.86 -10.35
C ALA D 71 26.23 18.15 -9.70
N ALA D 72 25.26 18.81 -10.32
CA ALA D 72 24.74 20.07 -9.81
C ALA D 72 24.05 19.88 -8.45
N ALA D 73 23.19 18.87 -8.36
CA ALA D 73 22.46 18.59 -7.14
C ALA D 73 23.42 18.24 -6.00
N LEU D 74 24.54 17.64 -6.35
CA LEU D 74 25.54 17.25 -5.36
C LEU D 74 26.22 18.50 -4.81
N VAL D 75 26.49 19.47 -5.68
CA VAL D 75 27.11 20.71 -5.25
C VAL D 75 26.13 21.41 -4.30
N LEU D 76 24.86 21.37 -4.67
CA LEU D 76 23.81 21.98 -3.86
C LEU D 76 23.72 21.32 -2.48
N LYS D 77 23.69 19.99 -2.46
CA LYS D 77 23.61 19.25 -1.21
C LYS D 77 24.74 19.63 -0.26
N GLU D 78 25.96 19.66 -0.79
CA GLU D 78 27.14 20.00 0.00
C GLU D 78 27.07 21.43 0.52
N ARG D 79 26.63 22.34 -0.33
CA ARG D 79 26.53 23.74 0.07
C ARG D 79 25.55 23.90 1.24
N LEU D 80 24.41 23.23 1.16
CA LEU D 80 23.41 23.33 2.22
C LEU D 80 23.84 22.62 3.50
N ALA D 81 24.50 21.47 3.35
CA ALA D 81 24.96 20.71 4.50
C ALA D 81 26.02 21.47 5.28
N ALA D 82 26.78 22.31 4.58
CA ALA D 82 27.84 23.08 5.22
C ALA D 82 27.35 24.34 5.94
N LEU D 83 26.10 24.71 5.73
CA LEU D 83 25.55 25.91 6.37
C LEU D 83 25.51 25.78 7.88
N PRO D 84 25.80 26.87 8.61
CA PRO D 84 25.74 26.73 10.07
C PRO D 84 24.29 26.42 10.47
N GLU D 85 24.10 25.58 11.46
CA GLU D 85 22.74 25.28 11.86
C GLU D 85 22.06 26.54 12.39
N GLY D 86 20.77 26.65 12.12
CA GLY D 86 20.02 27.83 12.52
C GLY D 86 19.81 28.76 11.34
N VAL D 87 20.46 28.45 10.22
CA VAL D 87 20.33 29.26 9.01
C VAL D 87 19.32 28.57 8.08
N PHE D 88 18.18 29.22 7.87
CA PHE D 88 17.11 28.69 7.03
C PHE D 88 17.44 28.80 5.54
N PRO D 89 17.53 27.66 4.83
CA PRO D 89 17.85 27.71 3.41
C PRO D 89 16.63 27.76 2.47
N ILE D 90 16.69 28.66 1.49
CA ILE D 90 15.63 28.79 0.48
C ILE D 90 16.33 28.57 -0.85
N VAL D 91 15.96 27.51 -1.54
CA VAL D 91 16.57 27.21 -2.83
C VAL D 91 15.65 27.67 -3.95
N LEU D 92 16.19 28.50 -4.84
CA LEU D 92 15.43 29.03 -5.97
C LEU D 92 15.74 28.16 -7.15
N GLY D 93 14.72 27.66 -7.81
CA GLY D 93 15.08 26.80 -8.90
C GLY D 93 14.49 26.96 -10.27
N GLY D 94 14.97 26.03 -11.07
CA GLY D 94 14.55 25.83 -12.41
C GLY D 94 13.91 24.50 -12.10
N ASP D 95 14.42 23.41 -12.68
CA ASP D 95 13.86 22.07 -12.48
C ASP D 95 13.64 21.64 -11.03
N HIS D 96 12.57 20.91 -10.80
CA HIS D 96 12.29 20.42 -9.47
C HIS D 96 13.32 19.34 -9.13
N SER D 97 14.11 18.95 -10.11
CA SER D 97 15.16 17.95 -9.90
C SER D 97 16.14 18.38 -8.83
N LEU D 98 16.28 19.70 -8.65
CA LEU D 98 17.20 20.23 -7.67
C LEU D 98 16.86 19.79 -6.25
N SER D 99 15.60 19.40 -6.02
CA SER D 99 15.19 18.97 -4.69
C SER D 99 15.91 17.70 -4.21
N MET D 100 16.47 16.92 -5.12
CA MET D 100 17.20 15.72 -4.70
C MET D 100 18.37 16.21 -3.84
N GLY D 101 18.99 17.30 -4.28
CA GLY D 101 20.11 17.87 -3.54
C GLY D 101 19.69 18.76 -2.38
N SER D 102 18.64 19.56 -2.55
CA SER D 102 18.21 20.45 -1.48
C SER D 102 17.70 19.69 -0.25
N VAL D 103 16.84 18.71 -0.45
CA VAL D 103 16.31 17.95 0.69
C VAL D 103 17.40 17.14 1.39
N ALA D 104 18.21 16.43 0.61
CA ALA D 104 19.29 15.64 1.18
C ALA D 104 20.25 16.54 1.96
N GLY D 105 20.53 17.70 1.39
CA GLY D 105 21.43 18.65 2.04
C GLY D 105 20.85 19.34 3.26
N ALA D 106 19.63 19.84 3.13
CA ALA D 106 18.99 20.54 4.25
C ALA D 106 18.57 19.60 5.38
N ALA D 107 18.47 18.30 5.11
CA ALA D 107 18.08 17.35 6.14
C ALA D 107 19.17 17.24 7.20
N ARG D 108 20.42 17.38 6.78
CA ARG D 108 21.56 17.28 7.69
C ARG D 108 21.66 15.92 8.38
N GLY D 109 21.53 14.85 7.59
CA GLY D 109 21.60 13.49 8.10
C GLY D 109 20.46 13.15 9.03
N ARG D 110 19.58 14.11 9.25
CA ARG D 110 18.47 13.93 10.16
C ARG D 110 17.09 13.59 9.55
N ARG D 111 16.20 13.02 10.38
CA ARG D 111 14.86 12.65 9.92
C ARG D 111 13.96 13.86 9.74
N VAL D 112 13.63 14.17 8.49
CA VAL D 112 12.80 15.32 8.22
C VAL D 112 11.51 14.99 7.46
N GLY D 113 10.45 15.74 7.73
CA GLY D 113 9.20 15.52 7.05
C GLY D 113 9.23 16.35 5.77
N VAL D 114 8.63 15.84 4.70
CA VAL D 114 8.64 16.56 3.43
C VAL D 114 7.21 16.89 2.99
N VAL D 115 6.93 18.17 2.80
CA VAL D 115 5.62 18.59 2.34
C VAL D 115 5.81 19.04 0.90
N TRP D 116 5.39 18.20 -0.04
CA TRP D 116 5.55 18.47 -1.48
C TRP D 116 4.27 19.08 -2.03
N VAL D 117 4.29 20.38 -2.26
CA VAL D 117 3.14 21.15 -2.76
C VAL D 117 3.36 21.30 -4.24
N ASP D 118 2.65 20.49 -5.01
CA ASP D 118 2.88 20.41 -6.44
C ASP D 118 1.63 19.88 -7.14
N ALA D 119 1.47 20.20 -8.43
CA ALA D 119 0.35 19.67 -9.21
C ALA D 119 0.69 18.24 -9.60
N HIS D 120 1.98 17.91 -9.51
CA HIS D 120 2.46 16.57 -9.84
C HIS D 120 3.11 15.90 -8.62
N ALA D 121 3.27 14.58 -8.68
CA ALA D 121 3.88 13.85 -7.57
C ALA D 121 5.39 13.67 -7.72
N ASP D 122 5.91 13.85 -8.93
CA ASP D 122 7.34 13.68 -9.19
C ASP D 122 7.83 12.38 -8.54
N PHE D 123 7.01 11.35 -8.64
CA PHE D 123 7.31 10.05 -8.05
C PHE D 123 7.55 8.96 -9.10
N ASN D 124 8.04 9.33 -10.28
CA ASN D 124 8.34 8.36 -11.33
C ASN D 124 9.75 7.79 -11.13
N THR D 125 10.00 6.66 -11.78
CA THR D 125 11.31 6.00 -11.77
C THR D 125 11.65 5.84 -13.25
N PRO D 126 12.87 5.41 -13.57
CA PRO D 126 13.19 5.25 -14.99
C PRO D 126 12.22 4.28 -15.67
N GLU D 127 11.71 3.34 -14.89
CA GLU D 127 10.76 2.34 -15.39
C GLU D 127 9.36 2.89 -15.65
N THR D 128 8.85 3.71 -14.72
CA THR D 128 7.50 4.24 -14.85
C THR D 128 7.30 5.42 -15.80
N SER D 129 8.40 6.07 -16.18
CA SER D 129 8.40 7.21 -17.11
C SER D 129 8.85 8.48 -16.41
N SER D 131 8.55 10.30 -20.09
CA SER D 131 9.39 10.84 -21.14
C SER D 131 10.86 10.84 -20.73
N GLY D 132 11.16 10.14 -19.64
CA GLY D 132 12.54 10.04 -19.12
C GLY D 132 13.05 11.30 -18.42
N ASN D 133 12.19 12.29 -18.23
CA ASN D 133 12.60 13.52 -17.56
C ASN D 133 12.90 13.29 -16.08
N VAL D 134 14.12 13.63 -15.67
CA VAL D 134 14.52 13.46 -14.28
C VAL D 134 13.74 14.37 -13.35
N HIS D 135 13.30 15.53 -13.82
CA HIS D 135 12.55 16.43 -12.95
C HIS D 135 11.17 15.89 -12.61
N GLY D 136 10.88 14.69 -13.10
CA GLY D 136 9.62 14.04 -12.81
C GLY D 136 9.85 12.87 -11.87
N MET D 137 11.08 12.76 -11.35
CA MET D 137 11.44 11.67 -10.44
C MET D 137 12.11 12.06 -9.09
N PRO D 138 12.35 13.36 -8.84
CA PRO D 138 13.00 13.72 -7.58
C PRO D 138 12.43 13.21 -6.25
N LEU D 139 11.11 13.22 -6.09
CA LEU D 139 10.55 12.75 -4.83
C LEU D 139 10.73 11.23 -4.69
N ALA D 140 10.65 10.51 -5.81
CA ALA D 140 10.85 9.08 -5.79
C ALA D 140 12.30 8.84 -5.35
N VAL D 141 13.24 9.51 -6.02
CA VAL D 141 14.66 9.37 -5.71
C VAL D 141 14.90 9.63 -4.22
N LEU D 142 14.42 10.76 -3.73
CA LEU D 142 14.56 11.11 -2.32
C LEU D 142 14.01 10.02 -1.41
N SER D 143 13.02 9.29 -1.88
CA SER D 143 12.41 8.22 -1.11
C SER D 143 13.14 6.90 -1.28
N GLY D 144 14.21 6.92 -2.07
CA GLY D 144 15.00 5.73 -2.31
C GLY D 144 14.61 4.88 -3.51
N LEU D 145 13.76 5.41 -4.37
CA LEU D 145 13.32 4.67 -5.55
C LEU D 145 13.84 5.32 -6.83
N GLY D 146 14.40 4.51 -7.72
CA GLY D 146 14.91 5.07 -8.96
C GLY D 146 16.31 4.64 -9.36
N HIS D 147 16.91 5.42 -10.25
CA HIS D 147 18.25 5.13 -10.73
C HIS D 147 19.26 5.13 -9.58
N PRO D 148 20.11 4.09 -9.50
CA PRO D 148 21.12 3.95 -8.46
C PRO D 148 22.07 5.15 -8.33
N ARG D 149 22.47 5.73 -9.46
CA ARG D 149 23.38 6.87 -9.42
C ARG D 149 22.77 8.07 -8.70
N LEU D 150 21.45 8.09 -8.58
CA LEU D 150 20.77 9.18 -7.90
C LEU D 150 20.42 8.82 -6.46
N THR D 151 19.83 7.65 -6.26
CA THR D 151 19.46 7.22 -4.92
C THR D 151 20.65 7.02 -3.99
N GLU D 152 21.79 6.60 -4.56
CA GLU D 152 22.98 6.35 -3.73
C GLU D 152 23.48 7.60 -3.01
N VAL D 153 23.22 8.79 -3.57
CA VAL D 153 23.67 10.01 -2.92
C VAL D 153 22.54 10.95 -2.52
N PHE D 154 21.33 10.69 -2.97
CA PHE D 154 20.21 11.57 -2.63
C PHE D 154 19.08 10.99 -1.79
N ARG D 155 19.07 9.67 -1.57
CA ARG D 155 18.02 9.09 -0.75
C ARG D 155 18.12 9.84 0.57
N ALA D 156 17.01 10.38 1.06
CA ALA D 156 17.06 11.15 2.29
C ALA D 156 15.80 11.17 3.13
N VAL D 157 14.72 10.56 2.65
CA VAL D 157 13.49 10.58 3.42
C VAL D 157 12.73 9.25 3.33
N ASP D 158 12.02 8.93 4.40
CA ASP D 158 11.22 7.72 4.43
C ASP D 158 9.89 8.11 3.80
N PRO D 159 9.38 7.28 2.87
CA PRO D 159 8.11 7.55 2.20
C PRO D 159 6.99 7.90 3.18
N LYS D 160 7.05 7.35 4.38
CA LYS D 160 6.03 7.61 5.38
C LYS D 160 6.11 9.01 5.99
N ASP D 161 7.21 9.71 5.75
CA ASP D 161 7.41 11.07 6.25
C ASP D 161 7.21 12.09 5.14
N VAL D 162 6.51 11.67 4.08
CA VAL D 162 6.24 12.52 2.94
C VAL D 162 4.75 12.76 2.73
N VAL D 163 4.38 14.01 2.44
CA VAL D 163 2.99 14.33 2.19
C VAL D 163 2.90 15.19 0.94
N LEU D 164 2.06 14.77 0.00
CA LEU D 164 1.86 15.51 -1.24
C LEU D 164 0.58 16.32 -1.07
N VAL D 165 0.59 17.55 -1.56
CA VAL D 165 -0.58 18.42 -1.46
C VAL D 165 -0.84 19.18 -2.77
N GLY D 166 -2.07 19.09 -3.25
CA GLY D 166 -2.45 19.80 -4.47
C GLY D 166 -2.31 19.04 -5.77
N VAL D 167 -1.98 17.74 -5.67
CA VAL D 167 -1.77 16.90 -6.84
C VAL D 167 -3.03 16.78 -7.69
N ARG D 168 -2.87 16.88 -9.01
CA ARG D 168 -4.02 16.77 -9.90
C ARG D 168 -3.67 16.08 -11.21
N SER D 169 -2.43 15.58 -11.31
CA SER D 169 -1.97 14.89 -12.51
C SER D 169 -0.94 13.81 -12.17
N LEU D 170 -1.29 12.55 -12.44
CA LEU D 170 -0.40 11.43 -12.14
C LEU D 170 -0.31 10.41 -13.26
N ASP D 171 0.86 9.78 -13.40
CA ASP D 171 1.03 8.74 -14.41
C ASP D 171 0.63 7.41 -13.78
N PRO D 172 0.23 6.43 -14.60
CA PRO D 172 -0.19 5.13 -14.06
C PRO D 172 0.87 4.49 -13.15
N GLY D 173 2.12 4.50 -13.60
CA GLY D 173 3.19 3.92 -12.81
C GLY D 173 3.40 4.64 -11.49
N GLU D 174 3.22 5.97 -11.50
CA GLU D 174 3.38 6.77 -10.29
C GLU D 174 2.37 6.35 -9.24
N LYS D 175 1.13 6.17 -9.67
CA LYS D 175 0.06 5.78 -8.75
C LYS D 175 0.45 4.50 -8.02
N ARG D 176 0.95 3.51 -8.76
CA ARG D 176 1.37 2.25 -8.17
C ARG D 176 2.46 2.45 -7.13
N LEU D 177 3.53 3.15 -7.52
CA LEU D 177 4.64 3.39 -6.61
C LEU D 177 4.20 4.13 -5.34
N LEU D 178 3.37 5.16 -5.50
CA LEU D 178 2.89 5.93 -4.35
C LEU D 178 2.12 5.04 -3.40
N LYS D 179 1.22 4.22 -3.92
CA LYS D 179 0.45 3.33 -3.07
C LYS D 179 1.37 2.30 -2.42
N GLU D 180 2.25 1.71 -3.22
CA GLU D 180 3.19 0.72 -2.68
C GLU D 180 4.01 1.32 -1.56
N ALA D 181 4.51 2.53 -1.78
CA ALA D 181 5.34 3.22 -0.80
C ALA D 181 4.57 3.73 0.42
N GLY D 182 3.25 3.86 0.29
CA GLY D 182 2.44 4.34 1.39
C GLY D 182 2.54 5.84 1.61
N VAL D 183 2.80 6.60 0.56
CA VAL D 183 2.91 8.05 0.67
C VAL D 183 1.52 8.65 0.85
N ARG D 184 1.40 9.62 1.76
CA ARG D 184 0.13 10.29 2.03
C ARG D 184 -0.08 11.29 0.89
N VAL D 185 -1.19 11.15 0.16
CA VAL D 185 -1.47 12.04 -0.96
C VAL D 185 -2.79 12.80 -0.86
N TYR D 186 -2.71 14.12 -0.93
CA TYR D 186 -3.90 14.96 -0.91
C TYR D 186 -4.05 15.57 -2.30
N THR D 187 -4.89 14.97 -3.13
CA THR D 187 -5.10 15.49 -4.48
C THR D 187 -6.10 16.63 -4.36
N MET D 188 -6.34 17.34 -5.47
CA MET D 188 -7.30 18.44 -5.43
C MET D 188 -8.67 17.92 -5.02
N HIS D 189 -8.94 16.63 -5.25
CA HIS D 189 -10.24 16.08 -4.84
C HIS D 189 -10.38 16.20 -3.32
N GLU D 190 -9.33 15.80 -2.59
CA GLU D 190 -9.36 15.89 -1.15
C GLU D 190 -9.38 17.38 -0.74
N VAL D 191 -8.65 18.21 -1.47
CA VAL D 191 -8.62 19.62 -1.15
C VAL D 191 -10.05 20.18 -1.23
N ASP D 192 -10.76 19.89 -2.32
CA ASP D 192 -12.13 20.34 -2.47
C ASP D 192 -13.05 19.75 -1.39
N ARG D 193 -12.84 18.47 -1.08
CA ARG D 193 -13.67 17.78 -0.09
C ARG D 193 -13.44 18.20 1.37
N LEU D 194 -12.17 18.31 1.75
CA LEU D 194 -11.79 18.64 3.12
C LEU D 194 -11.47 20.09 3.40
N GLY D 195 -10.93 20.80 2.41
CA GLY D 195 -10.56 22.19 2.63
C GLY D 195 -9.11 22.24 3.09
N VAL D 196 -8.39 23.29 2.70
CA VAL D 196 -6.98 23.44 3.07
C VAL D 196 -6.71 23.47 4.57
N ALA D 197 -7.56 24.14 5.34
CA ALA D 197 -7.38 24.21 6.78
C ALA D 197 -7.22 22.81 7.39
N ARG D 198 -8.20 21.94 7.13
CA ARG D 198 -8.14 20.58 7.65
C ARG D 198 -6.93 19.80 7.13
N ILE D 199 -6.66 19.92 5.84
CA ILE D 199 -5.50 19.24 5.25
C ILE D 199 -4.19 19.70 5.89
N ALA D 200 -4.05 21.01 6.12
CA ALA D 200 -2.84 21.51 6.76
C ALA D 200 -2.69 20.89 8.16
N GLU D 201 -3.79 20.81 8.89
CA GLU D 201 -3.77 20.23 10.24
C GLU D 201 -3.37 18.76 10.17
N GLU D 202 -3.92 18.04 9.20
CA GLU D 202 -3.61 16.63 9.03
C GLU D 202 -2.16 16.42 8.62
N VAL D 203 -1.62 17.36 7.85
CA VAL D 203 -0.23 17.26 7.43
C VAL D 203 0.66 17.32 8.67
N LEU D 204 0.44 18.32 9.52
CA LEU D 204 1.25 18.51 10.72
C LEU D 204 1.13 17.32 11.69
N LYS D 205 -0.05 16.69 11.72
CA LYS D 205 -0.27 15.56 12.59
C LYS D 205 0.47 14.35 12.05
N HIS D 206 0.35 14.11 10.76
CA HIS D 206 1.02 12.99 10.12
C HIS D 206 2.55 13.11 10.28
N LEU D 207 3.06 14.35 10.29
CA LEU D 207 4.51 14.60 10.40
C LEU D 207 4.84 15.26 11.72
N GLN D 208 4.03 14.93 12.72
CA GLN D 208 4.18 15.50 14.03
C GLN D 208 5.53 15.28 14.73
N GLY D 209 6.12 16.37 15.19
CA GLY D 209 7.39 16.31 15.89
C GLY D 209 8.63 16.32 15.02
N LEU D 210 8.42 16.36 13.70
CA LEU D 210 9.52 16.39 12.75
C LEU D 210 9.79 17.76 12.16
N PRO D 211 11.08 18.04 11.87
CA PRO D 211 11.32 19.35 11.29
C PRO D 211 10.71 19.20 9.89
N LEU D 212 10.31 20.30 9.26
CA LEU D 212 9.69 20.18 7.95
C LEU D 212 10.35 20.90 6.80
N HIS D 213 10.49 20.20 5.67
CA HIS D 213 11.05 20.77 4.46
C HIS D 213 9.87 20.98 3.51
N VAL D 214 9.67 22.21 3.06
CA VAL D 214 8.58 22.48 2.15
C VAL D 214 9.12 22.68 0.74
N SER D 215 8.61 21.89 -0.21
CA SER D 215 9.06 22.04 -1.58
C SER D 215 7.85 22.54 -2.38
N LEU D 216 7.90 23.81 -2.77
CA LEU D 216 6.80 24.45 -3.48
C LEU D 216 7.04 24.61 -4.98
N ASP D 217 6.24 23.90 -5.77
CA ASP D 217 6.31 23.96 -7.22
C ASP D 217 5.24 24.99 -7.62
N ALA D 218 5.63 25.97 -8.41
CA ALA D 218 4.71 27.02 -8.83
C ALA D 218 3.47 26.49 -9.52
N ASP D 219 3.56 25.33 -10.17
CA ASP D 219 2.40 24.80 -10.86
C ASP D 219 1.28 24.29 -9.97
N VAL D 220 1.47 24.32 -8.64
CA VAL D 220 0.39 23.84 -7.77
C VAL D 220 -0.74 24.88 -7.78
N LEU D 221 -0.37 26.12 -8.07
CA LEU D 221 -1.33 27.21 -8.14
C LEU D 221 -2.10 27.11 -9.44
N ASP D 222 -3.35 27.54 -9.44
CA ASP D 222 -4.14 27.48 -10.66
C ASP D 222 -3.43 28.27 -11.76
N PRO D 223 -3.38 27.71 -12.98
CA PRO D 223 -2.72 28.36 -14.12
C PRO D 223 -3.21 29.79 -14.37
N THR D 224 -4.47 30.05 -14.04
CA THR D 224 -5.04 31.38 -14.22
C THR D 224 -4.34 32.36 -13.30
N LEU D 225 -3.75 31.83 -12.24
CA LEU D 225 -3.04 32.63 -11.26
C LEU D 225 -1.53 32.59 -11.47
N ALA D 226 -1.04 31.45 -11.91
CA ALA D 226 0.39 31.27 -12.11
C ALA D 226 0.62 30.65 -13.49
N PRO D 227 0.61 31.48 -14.54
CA PRO D 227 0.82 30.99 -15.90
C PRO D 227 2.26 30.61 -16.19
N GLY D 228 3.19 31.23 -15.46
CA GLY D 228 4.59 30.97 -15.68
C GLY D 228 5.13 29.63 -15.19
N VAL D 229 4.60 28.53 -15.71
CA VAL D 229 5.05 27.20 -15.34
C VAL D 229 5.10 26.30 -16.56
N GLY D 230 6.06 25.38 -16.57
CA GLY D 230 6.23 24.47 -17.69
C GLY D 230 5.07 23.54 -17.96
N THR D 231 4.52 22.94 -16.91
CA THR D 231 3.42 22.01 -17.10
C THR D 231 2.18 22.44 -16.35
N PRO D 232 1.47 23.46 -16.87
CA PRO D 232 0.25 23.94 -16.23
C PRO D 232 -0.87 22.91 -16.27
N VAL D 233 -1.62 22.82 -15.18
CA VAL D 233 -2.73 21.90 -15.07
C VAL D 233 -3.86 22.68 -14.42
N PRO D 234 -5.01 22.79 -15.09
CA PRO D 234 -6.16 23.52 -14.55
C PRO D 234 -6.70 22.94 -13.25
N GLY D 235 -7.42 23.74 -12.48
CA GLY D 235 -8.00 23.30 -11.23
C GLY D 235 -7.03 23.26 -10.07
N GLY D 236 -6.17 24.27 -9.97
CA GLY D 236 -5.20 24.32 -8.89
C GLY D 236 -5.64 25.13 -7.69
N LEU D 237 -4.72 25.35 -6.76
CA LEU D 237 -4.98 26.10 -5.54
C LEU D 237 -5.22 27.57 -5.85
N THR D 238 -6.06 28.21 -5.05
CA THR D 238 -6.31 29.63 -5.23
C THR D 238 -5.20 30.33 -4.47
N TYR D 239 -5.12 31.64 -4.67
CA TYR D 239 -4.15 32.51 -4.00
C TYR D 239 -4.32 32.37 -2.49
N ARG D 240 -5.57 32.52 -2.03
CA ARG D 240 -5.87 32.42 -0.62
C ARG D 240 -5.52 31.06 -0.02
N GLU D 241 -5.91 29.98 -0.68
CA GLU D 241 -5.60 28.65 -0.17
C GLU D 241 -4.09 28.45 0.02
N ALA D 242 -3.30 28.85 -0.97
CA ALA D 242 -1.86 28.69 -0.89
C ALA D 242 -1.29 29.46 0.30
N HIS D 243 -1.76 30.68 0.52
CA HIS D 243 -1.29 31.45 1.67
C HIS D 243 -1.73 30.79 2.98
N LEU D 244 -2.97 30.31 3.05
CA LEU D 244 -3.45 29.68 4.27
C LEU D 244 -2.60 28.46 4.60
N LEU D 245 -2.27 27.69 3.58
CA LEU D 245 -1.45 26.50 3.81
C LEU D 245 -0.09 26.92 4.41
N MET D 246 0.53 27.93 3.81
CA MET D 246 1.83 28.42 4.28
C MET D 246 1.73 28.95 5.71
N GLU D 247 0.66 29.69 6.00
CA GLU D 247 0.46 30.26 7.33
C GLU D 247 0.29 29.21 8.43
N ILE D 248 -0.46 28.14 8.14
CA ILE D 248 -0.66 27.09 9.14
C ILE D 248 0.63 26.30 9.37
N LEU D 249 1.36 26.04 8.29
CA LEU D 249 2.63 25.35 8.41
C LEU D 249 3.58 26.23 9.22
N ALA D 250 3.57 27.53 8.96
CA ALA D 250 4.43 28.47 9.67
C ALA D 250 4.12 28.47 11.17
N GLU D 251 2.84 28.42 11.53
CA GLU D 251 2.43 28.43 12.94
C GLU D 251 3.02 27.27 13.72
N SER D 252 3.28 26.14 13.06
CA SER D 252 3.84 24.97 13.74
C SER D 252 5.23 25.30 14.27
N GLY D 253 5.93 26.19 13.59
CA GLY D 253 7.28 26.56 13.99
C GLY D 253 8.30 25.49 13.63
N ARG D 254 7.86 24.45 12.92
CA ARG D 254 8.75 23.35 12.54
C ARG D 254 9.35 23.42 11.14
N VAL D 255 8.92 24.38 10.32
CA VAL D 255 9.45 24.48 8.97
C VAL D 255 10.92 24.91 9.03
N GLN D 256 11.79 24.13 8.39
CA GLN D 256 13.22 24.40 8.44
C GLN D 256 13.91 24.71 7.14
N SER D 257 13.24 24.45 6.02
CA SER D 257 13.83 24.71 4.70
C SER D 257 12.75 24.80 3.62
N LEU D 258 13.08 25.43 2.51
CA LEU D 258 12.13 25.65 1.42
C LEU D 258 12.69 25.70 0.00
N ASP D 259 11.98 25.08 -0.94
CA ASP D 259 12.36 25.16 -2.35
C ASP D 259 11.25 25.96 -3.04
N LEU D 260 11.62 26.85 -3.95
CA LEU D 260 10.69 27.64 -4.73
C LEU D 260 11.11 27.29 -6.16
N VAL D 261 10.40 26.34 -6.76
CA VAL D 261 10.78 25.83 -8.07
C VAL D 261 9.78 25.98 -9.22
N GLU D 262 10.30 25.66 -10.40
CA GLU D 262 9.57 25.64 -11.66
C GLU D 262 9.01 26.97 -12.16
N VAL D 263 9.56 28.09 -11.69
CA VAL D 263 9.09 29.38 -12.17
C VAL D 263 9.70 29.56 -13.57
N ASN D 264 8.86 29.82 -14.55
CA ASN D 264 9.32 30.00 -15.93
C ASN D 264 8.89 31.35 -16.45
N PRO D 265 9.73 32.38 -16.31
CA PRO D 265 9.37 33.72 -16.79
C PRO D 265 9.01 33.84 -18.27
N ILE D 266 9.51 32.93 -19.09
CA ILE D 266 9.24 32.92 -20.52
C ILE D 266 7.76 32.63 -20.81
N LEU D 267 7.10 31.96 -19.88
CA LEU D 267 5.68 31.63 -20.03
C LEU D 267 4.83 32.46 -19.07
N ASP D 268 5.48 33.28 -18.27
CA ASP D 268 4.81 34.09 -17.27
C ASP D 268 4.26 35.39 -17.83
N GLU D 269 3.53 36.11 -16.99
CA GLU D 269 2.95 37.39 -17.38
C GLU D 269 3.31 38.43 -16.31
N ARG D 270 4.17 39.36 -16.68
CA ARG D 270 4.61 40.41 -15.77
C ARG D 270 5.27 39.85 -14.50
N ASN D 271 5.91 38.69 -14.62
CA ASN D 271 6.59 38.08 -13.48
C ASN D 271 5.66 37.81 -12.29
N ARG D 272 4.35 37.74 -12.53
CA ARG D 272 3.42 37.51 -11.43
C ARG D 272 3.57 36.16 -10.72
N THR D 273 3.99 35.14 -11.45
CA THR D 273 4.18 33.81 -10.85
C THR D 273 5.34 33.86 -9.83
N ALA D 274 6.42 34.54 -10.20
CA ALA D 274 7.56 34.68 -9.30
C ALA D 274 7.11 35.50 -8.10
N GLU D 275 6.34 36.56 -8.35
CA GLU D 275 5.86 37.38 -7.24
C GLU D 275 4.95 36.54 -6.32
N MET D 276 4.13 35.67 -6.91
CA MET D 276 3.25 34.80 -6.13
C MET D 276 4.06 33.96 -5.16
N LEU D 277 5.07 33.26 -5.68
CA LEU D 277 5.90 32.40 -4.85
C LEU D 277 6.68 33.14 -3.78
N VAL D 278 7.12 34.35 -4.07
CA VAL D 278 7.84 35.11 -3.07
C VAL D 278 6.89 35.44 -1.92
N GLY D 279 5.66 35.81 -2.25
CA GLY D 279 4.70 36.13 -1.19
C GLY D 279 4.44 34.89 -0.35
N LEU D 280 4.33 33.73 -1.01
CA LEU D 280 4.09 32.49 -0.30
C LEU D 280 5.26 32.15 0.61
N ALA D 281 6.47 32.47 0.18
CA ALA D 281 7.64 32.21 1.00
C ALA D 281 7.57 33.05 2.27
N LEU D 282 7.14 34.31 2.13
CA LEU D 282 7.04 35.21 3.28
C LEU D 282 6.04 34.67 4.29
N SER D 283 4.90 34.18 3.81
CA SER D 283 3.89 33.62 4.70
C SER D 283 4.47 32.40 5.43
N LEU D 284 5.18 31.56 4.69
CA LEU D 284 5.77 30.37 5.29
C LEU D 284 6.80 30.74 6.35
N LEU D 285 7.40 31.90 6.20
CA LEU D 285 8.40 32.34 7.17
C LEU D 285 7.88 33.28 8.25
N GLY D 286 6.56 33.29 8.46
CA GLY D 286 6.01 34.11 9.52
C GLY D 286 5.20 35.34 9.21
N LYS D 287 5.22 35.86 8.00
CA LYS D 287 4.43 37.04 7.68
C LYS D 287 2.96 36.74 7.92
N ARG D 288 2.30 37.61 8.68
CA ARG D 288 0.89 37.45 9.00
C ARG D 288 0.15 38.78 8.89
N ILE D 289 -1.15 38.70 8.64
CA ILE D 289 -1.97 39.89 8.52
C ILE D 289 -2.06 40.58 9.88
N PHE D 290 -2.34 39.80 10.91
CA PHE D 290 -2.48 40.33 12.25
C PHE D 290 -1.34 39.90 13.18
N GLU E 1 -5.54 2.38 17.16
CA GLU E 1 -4.94 2.29 18.53
C GLU E 1 -5.97 1.95 19.60
N ARG E 2 -7.20 2.45 19.45
CA ARG E 2 -8.25 2.22 20.44
C ARG E 2 -9.33 1.24 20.00
N VAL E 3 -9.72 0.35 20.89
CA VAL E 3 -10.75 -0.64 20.62
C VAL E 3 -11.80 -0.65 21.74
N ALA E 4 -13.07 -0.67 21.36
CA ALA E 4 -14.15 -0.73 22.34
C ALA E 4 -14.91 -2.02 22.11
N VAL E 5 -15.10 -2.79 23.17
CA VAL E 5 -15.81 -4.05 23.09
C VAL E 5 -17.15 -3.92 23.81
N VAL E 6 -18.22 -4.34 23.15
CA VAL E 6 -19.56 -4.30 23.76
C VAL E 6 -20.30 -5.60 23.47
N GLY E 7 -20.98 -6.13 24.47
CA GLY E 7 -21.70 -7.37 24.28
C GLY E 7 -23.19 -7.21 24.19
N VAL E 8 -23.82 -8.12 23.45
CA VAL E 8 -25.27 -8.13 23.27
C VAL E 8 -25.73 -9.56 23.51
N PRO E 9 -25.98 -9.92 24.78
CA PRO E 9 -26.43 -11.27 25.14
C PRO E 9 -27.88 -11.51 24.73
N MET E 10 -28.11 -11.43 23.43
CA MET E 10 -29.45 -11.60 22.88
C MET E 10 -29.69 -12.98 22.29
N ASP E 11 -30.78 -13.61 22.71
CA ASP E 11 -31.17 -14.93 22.24
C ASP E 11 -32.70 -14.89 22.14
N LEU E 12 -33.20 -14.16 21.16
CA LEU E 12 -34.64 -14.03 20.98
C LEU E 12 -35.12 -14.66 19.68
N GLY E 18 -29.07 -20.75 23.45
CA GLY E 18 -27.99 -20.38 24.35
C GLY E 18 -26.97 -19.38 23.83
N VAL E 19 -27.21 -18.78 22.66
CA VAL E 19 -26.26 -17.82 22.12
C VAL E 19 -26.13 -16.59 23.00
N ASP E 20 -27.07 -16.40 23.92
CA ASP E 20 -27.03 -15.25 24.80
C ASP E 20 -25.82 -15.35 25.74
N MET E 21 -25.20 -16.53 25.81
CA MET E 21 -24.02 -16.76 26.65
C MET E 21 -22.76 -16.51 25.83
N GLY E 22 -22.94 -16.22 24.54
CA GLY E 22 -21.84 -15.97 23.65
C GLY E 22 -20.87 -14.88 24.07
N PRO E 23 -21.36 -13.72 24.53
CA PRO E 23 -20.49 -12.63 24.97
C PRO E 23 -19.56 -13.02 26.11
N SER E 24 -20.08 -13.77 27.08
CA SER E 24 -19.27 -14.22 28.20
C SER E 24 -18.22 -15.21 27.73
N ALA E 25 -18.62 -16.10 26.82
CA ALA E 25 -17.71 -17.11 26.29
C ALA E 25 -16.54 -16.42 25.57
N LEU E 26 -16.86 -15.41 24.75
CA LEU E 26 -15.84 -14.68 24.01
C LEU E 26 -14.89 -13.92 24.96
N ARG E 27 -15.45 -13.35 26.02
CA ARG E 27 -14.63 -12.63 26.98
C ARG E 27 -13.74 -13.64 27.70
N TYR E 28 -14.30 -14.81 28.03
CA TYR E 28 -13.52 -15.84 28.70
C TYR E 28 -12.41 -16.38 27.81
N ALA E 29 -12.55 -16.19 26.50
CA ALA E 29 -11.52 -16.63 25.56
C ALA E 29 -10.41 -15.57 25.50
N ARG E 30 -10.44 -14.65 26.46
CA ARG E 30 -9.44 -13.60 26.57
C ARG E 30 -9.27 -12.69 25.35
N LEU E 31 -10.39 -12.31 24.74
CA LEU E 31 -10.36 -11.43 23.57
C LEU E 31 -9.65 -10.13 23.92
N LEU E 32 -10.01 -9.61 25.07
CA LEU E 32 -9.49 -8.35 25.55
C LEU E 32 -8.01 -8.39 25.89
N GLU E 33 -7.60 -9.38 26.68
CA GLU E 33 -6.19 -9.49 27.06
C GLU E 33 -5.31 -9.65 25.83
N GLN E 34 -5.77 -10.42 24.85
CA GLN E 34 -4.98 -10.65 23.65
C GLN E 34 -4.94 -9.43 22.73
N LEU E 35 -6.00 -8.62 22.75
CA LEU E 35 -6.00 -7.41 21.93
C LEU E 35 -4.94 -6.45 22.50
N GLU E 36 -4.83 -6.42 23.83
CA GLU E 36 -3.83 -5.57 24.47
C GLU E 36 -2.42 -6.07 24.14
N ASP E 37 -2.20 -7.39 24.15
CA ASP E 37 -0.88 -7.93 23.82
C ASP E 37 -0.53 -7.52 22.41
N LEU E 38 -1.55 -7.26 21.60
CA LEU E 38 -1.34 -6.88 20.21
C LEU E 38 -0.95 -5.41 20.12
N GLY E 39 -1.06 -4.69 21.24
CA GLY E 39 -0.70 -3.28 21.26
C GLY E 39 -1.86 -2.29 21.27
N TYR E 40 -3.09 -2.79 21.35
CA TYR E 40 -4.26 -1.92 21.37
C TYR E 40 -4.62 -1.54 22.79
N THR E 41 -5.17 -0.33 22.97
CA THR E 41 -5.65 0.05 24.29
C THR E 41 -7.11 -0.36 24.15
N VAL E 42 -7.60 -1.18 25.09
CA VAL E 42 -8.95 -1.68 25.02
C VAL E 42 -9.87 -1.30 26.17
N GLU E 43 -11.14 -1.06 25.84
CA GLU E 43 -12.15 -0.70 26.82
C GLU E 43 -13.38 -1.59 26.67
N ASP E 44 -13.80 -2.25 27.76
CA ASP E 44 -14.98 -3.10 27.72
C ASP E 44 -16.16 -2.24 28.16
N LEU E 45 -17.11 -2.04 27.26
CA LEU E 45 -18.28 -1.22 27.58
C LEU E 45 -19.38 -2.01 28.28
N GLY E 46 -19.12 -3.27 28.57
CA GLY E 46 -20.13 -4.08 29.22
C GLY E 46 -21.13 -4.57 28.19
N ASP E 47 -22.33 -4.92 28.65
CA ASP E 47 -23.37 -5.41 27.75
C ASP E 47 -24.56 -4.47 27.60
N VAL E 48 -25.22 -4.59 26.46
CA VAL E 48 -26.41 -3.80 26.18
C VAL E 48 -27.55 -4.57 26.83
N PRO E 49 -28.44 -3.88 27.57
CA PRO E 49 -29.56 -4.55 28.22
C PRO E 49 -30.44 -5.28 27.20
N VAL E 50 -30.82 -6.51 27.51
CA VAL E 50 -31.67 -7.28 26.61
C VAL E 50 -32.82 -7.93 27.37
N SER E 51 -34.04 -7.58 27.00
CA SER E 51 -35.24 -8.13 27.64
C SER E 51 -36.11 -8.77 26.57
N LEU E 63 -41.62 -11.46 13.16
CA LEU E 63 -42.65 -11.82 14.13
C LEU E 63 -42.14 -11.84 15.57
N ALA E 64 -41.59 -12.98 15.95
CA ALA E 64 -41.08 -13.22 17.31
C ALA E 64 -40.15 -12.14 17.88
N TYR E 65 -40.58 -11.55 19.00
CA TYR E 65 -39.81 -10.54 19.71
C TYR E 65 -39.32 -9.35 18.89
N LEU E 66 -39.99 -9.03 17.79
CA LEU E 66 -39.55 -7.93 16.94
C LEU E 66 -39.28 -6.63 17.71
N GLU E 67 -40.24 -6.20 18.53
CA GLU E 67 -40.08 -4.97 19.30
C GLU E 67 -38.94 -5.03 20.31
N GLU E 68 -38.78 -6.18 20.97
CA GLU E 68 -37.72 -6.33 21.96
C GLU E 68 -36.37 -6.29 21.25
N ILE E 69 -36.31 -6.90 20.08
CA ILE E 69 -35.08 -6.92 19.30
C ILE E 69 -34.76 -5.50 18.84
N ARG E 70 -35.79 -4.81 18.37
CA ARG E 70 -35.64 -3.44 17.88
C ARG E 70 -35.09 -2.54 18.99
N ALA E 71 -35.66 -2.68 20.19
CA ALA E 71 -35.24 -1.88 21.34
C ALA E 71 -33.77 -2.08 21.67
N ALA E 72 -33.35 -3.33 21.80
CA ALA E 72 -31.96 -3.64 22.12
C ALA E 72 -31.00 -3.17 21.03
N ALA E 73 -31.34 -3.46 19.77
CA ALA E 73 -30.51 -3.06 18.64
C ALA E 73 -30.40 -1.54 18.56
N LEU E 74 -31.46 -0.85 18.97
CA LEU E 74 -31.46 0.61 18.94
C LEU E 74 -30.49 1.16 19.99
N VAL E 75 -30.49 0.55 21.17
CA VAL E 75 -29.57 0.96 22.24
C VAL E 75 -28.13 0.75 21.76
N LEU E 76 -27.91 -0.36 21.06
CA LEU E 76 -26.60 -0.68 20.52
C LEU E 76 -26.18 0.34 19.49
N LYS E 77 -27.08 0.65 18.56
CA LYS E 77 -26.78 1.62 17.51
C LYS E 77 -26.35 2.96 18.10
N GLU E 78 -27.10 3.43 19.10
CA GLU E 78 -26.81 4.70 19.75
C GLU E 78 -25.47 4.65 20.47
N ARG E 79 -25.21 3.55 21.18
CA ARG E 79 -23.97 3.40 21.91
C ARG E 79 -22.75 3.47 20.98
N LEU E 80 -22.85 2.85 19.80
CA LEU E 80 -21.74 2.85 18.85
C LEU E 80 -21.59 4.19 18.14
N ALA E 81 -22.73 4.81 17.82
CA ALA E 81 -22.71 6.09 17.12
C ALA E 81 -22.09 7.16 18.03
N ALA E 82 -22.26 6.98 19.34
CA ALA E 82 -21.73 7.93 20.32
C ALA E 82 -20.23 7.82 20.55
N LEU E 83 -19.61 6.73 20.11
CA LEU E 83 -18.18 6.53 20.31
C LEU E 83 -17.32 7.57 19.61
N PRO E 84 -16.23 8.00 20.25
CA PRO E 84 -15.40 8.98 19.55
C PRO E 84 -14.84 8.31 18.31
N GLU E 85 -14.78 9.03 17.19
CA GLU E 85 -14.24 8.45 15.98
C GLU E 85 -12.80 8.05 16.22
N GLY E 86 -12.37 6.98 15.57
CA GLY E 86 -11.02 6.49 15.76
C GLY E 86 -11.02 5.29 16.69
N VAL E 87 -12.18 5.03 17.31
CA VAL E 87 -12.32 3.90 18.21
C VAL E 87 -12.97 2.74 17.45
N PHE E 88 -12.23 1.64 17.31
CA PHE E 88 -12.70 0.45 16.60
C PHE E 88 -13.66 -0.35 17.49
N PRO E 89 -14.93 -0.50 17.07
CA PRO E 89 -15.88 -1.26 17.88
C PRO E 89 -15.95 -2.74 17.51
N ILE E 90 -15.97 -3.59 18.52
CA ILE E 90 -16.14 -5.03 18.32
C ILE E 90 -17.37 -5.38 19.13
N VAL E 91 -18.39 -5.88 18.45
CA VAL E 91 -19.63 -6.26 19.12
C VAL E 91 -19.69 -7.77 19.27
N LEU E 92 -19.85 -8.23 20.51
CA LEU E 92 -19.93 -9.64 20.85
C LEU E 92 -21.39 -9.98 20.92
N GLY E 93 -21.79 -11.05 20.27
CA GLY E 93 -23.20 -11.32 20.35
C GLY E 93 -23.72 -12.70 20.60
N GLY E 94 -25.05 -12.69 20.57
CA GLY E 94 -25.85 -13.86 20.68
C GLY E 94 -26.33 -13.75 19.24
N ASP E 95 -27.63 -13.57 19.04
CA ASP E 95 -28.23 -13.47 17.71
C ASP E 95 -27.55 -12.51 16.75
N HIS E 96 -27.52 -12.89 15.47
CA HIS E 96 -26.95 -12.06 14.45
C HIS E 96 -27.83 -10.84 14.24
N SER E 97 -29.04 -10.87 14.80
CA SER E 97 -29.99 -9.77 14.70
C SER E 97 -29.37 -8.47 15.19
N LEU E 98 -28.43 -8.58 16.12
CA LEU E 98 -27.77 -7.42 16.70
C LEU E 98 -27.08 -6.58 15.64
N SER E 99 -26.76 -7.19 14.50
CA SER E 99 -26.08 -6.47 13.43
C SER E 99 -26.90 -5.34 12.82
N MET E 100 -28.22 -5.37 13.01
CA MET E 100 -29.06 -4.31 12.48
C MET E 100 -28.62 -3.04 13.20
N GLY E 101 -28.31 -3.18 14.48
CA GLY E 101 -27.87 -2.04 15.26
C GLY E 101 -26.37 -1.76 15.17
N SER E 102 -25.55 -2.80 15.16
CA SER E 102 -24.10 -2.61 15.08
C SER E 102 -23.66 -1.95 13.76
N VAL E 103 -24.19 -2.43 12.64
CA VAL E 103 -23.81 -1.86 11.34
C VAL E 103 -24.32 -0.43 11.21
N ALA E 104 -25.60 -0.21 11.53
CA ALA E 104 -26.19 1.12 11.45
C ALA E 104 -25.44 2.09 12.35
N GLY E 105 -25.10 1.62 13.55
CA GLY E 105 -24.41 2.47 14.50
C GLY E 105 -22.95 2.72 14.14
N ALA E 106 -22.26 1.68 13.71
CA ALA E 106 -20.86 1.81 13.35
C ALA E 106 -20.65 2.57 12.05
N ALA E 107 -21.66 2.59 11.19
CA ALA E 107 -21.54 3.29 9.90
C ALA E 107 -21.42 4.80 10.09
N ARG E 108 -21.98 5.32 11.18
CA ARG E 108 -21.92 6.75 11.47
C ARG E 108 -22.50 7.61 10.36
N GLY E 109 -23.60 7.15 9.75
CA GLY E 109 -24.22 7.90 8.68
C GLY E 109 -23.47 7.92 7.37
N ARG E 110 -22.29 7.32 7.32
CA ARG E 110 -21.53 7.32 6.07
C ARG E 110 -21.68 5.99 5.33
N ARG E 111 -21.29 5.99 4.06
CA ARG E 111 -21.35 4.80 3.23
C ARG E 111 -20.26 3.81 3.63
N VAL E 112 -20.67 2.61 4.02
CA VAL E 112 -19.71 1.58 4.43
C VAL E 112 -19.95 0.26 3.70
N GLY E 113 -18.88 -0.47 3.44
CA GLY E 113 -19.03 -1.76 2.77
C GLY E 113 -19.26 -2.79 3.86
N VAL E 114 -20.06 -3.81 3.57
CA VAL E 114 -20.32 -4.85 4.55
C VAL E 114 -19.86 -6.20 4.05
N VAL E 115 -18.98 -6.85 4.81
CA VAL E 115 -18.49 -8.18 4.46
C VAL E 115 -19.14 -9.11 5.49
N TRP E 116 -20.12 -9.88 5.01
CA TRP E 116 -20.88 -10.81 5.85
C TRP E 116 -20.31 -12.20 5.64
N VAL E 117 -19.57 -12.69 6.63
CA VAL E 117 -18.93 -13.99 6.58
C VAL E 117 -19.85 -14.89 7.39
N ASP E 118 -20.65 -15.68 6.68
CA ASP E 118 -21.67 -16.48 7.31
C ASP E 118 -22.03 -17.71 6.46
N ALA E 119 -22.51 -18.78 7.09
CA ALA E 119 -22.92 -19.97 6.35
C ALA E 119 -24.30 -19.67 5.75
N HIS E 120 -24.95 -18.64 6.29
CA HIS E 120 -26.27 -18.21 5.82
C HIS E 120 -26.20 -16.79 5.29
N ALA E 121 -27.26 -16.37 4.60
CA ALA E 121 -27.29 -15.02 4.03
C ALA E 121 -28.07 -14.02 4.88
N ASP E 122 -28.90 -14.54 5.80
CA ASP E 122 -29.71 -13.69 6.67
C ASP E 122 -30.39 -12.61 5.84
N PHE E 123 -30.84 -13.01 4.65
CA PHE E 123 -31.50 -12.08 3.74
C PHE E 123 -32.99 -12.35 3.57
N ASN E 124 -33.62 -12.89 4.60
CA ASN E 124 -35.05 -13.17 4.57
C ASN E 124 -35.86 -11.94 4.99
N THR E 125 -37.13 -11.92 4.59
CA THR E 125 -38.06 -10.83 4.94
C THR E 125 -39.20 -11.57 5.61
N PRO E 126 -40.14 -10.83 6.23
CA PRO E 126 -41.26 -11.54 6.88
C PRO E 126 -41.99 -12.43 5.87
N GLU E 127 -41.96 -12.02 4.61
CA GLU E 127 -42.62 -12.77 3.53
C GLU E 127 -41.90 -14.06 3.15
N THR E 128 -40.58 -14.00 3.00
CA THR E 128 -39.79 -15.15 2.58
C THR E 128 -39.49 -16.21 3.64
N SER E 129 -39.70 -15.87 4.91
CA SER E 129 -39.47 -16.79 6.05
C SER E 129 -38.33 -16.31 6.93
N SER E 131 -39.21 -19.46 9.41
CA SER E 131 -39.79 -19.73 10.72
C SER E 131 -40.07 -18.46 11.50
N GLY E 132 -39.98 -17.33 10.79
CA GLY E 132 -40.23 -16.01 11.37
C GLY E 132 -39.13 -15.47 12.26
N ASN E 133 -38.00 -16.16 12.32
CA ASN E 133 -36.87 -15.72 13.15
C ASN E 133 -36.23 -14.46 12.59
N VAL E 134 -36.15 -13.43 13.43
CA VAL E 134 -35.57 -12.16 13.01
C VAL E 134 -34.07 -12.27 12.76
N HIS E 135 -33.40 -13.17 13.46
CA HIS E 135 -31.96 -13.31 13.26
C HIS E 135 -31.64 -13.91 11.89
N GLY E 136 -32.69 -14.15 11.11
CA GLY E 136 -32.51 -14.67 9.76
C GLY E 136 -32.86 -13.60 8.74
N MET E 137 -32.99 -12.35 9.22
CA MET E 137 -33.36 -11.22 8.35
C MET E 137 -32.51 -9.94 8.51
N PRO E 138 -31.54 -9.91 9.45
CA PRO E 138 -30.74 -8.69 9.61
C PRO E 138 -30.07 -8.06 8.40
N LEU E 139 -29.48 -8.86 7.52
CA LEU E 139 -28.81 -8.30 6.36
C LEU E 139 -29.83 -7.69 5.40
N ALA E 140 -30.98 -8.33 5.29
CA ALA E 140 -32.04 -7.82 4.43
C ALA E 140 -32.48 -6.46 4.99
N VAL E 141 -32.75 -6.44 6.29
CA VAL E 141 -33.17 -5.21 6.95
C VAL E 141 -32.17 -4.09 6.72
N LEU E 142 -30.89 -4.40 6.95
CA LEU E 142 -29.83 -3.42 6.77
C LEU E 142 -29.80 -2.91 5.33
N SER E 143 -30.28 -3.73 4.41
CA SER E 143 -30.31 -3.38 2.99
C SER E 143 -31.61 -2.66 2.64
N GLY E 144 -32.48 -2.47 3.64
CA GLY E 144 -33.74 -1.78 3.41
C GLY E 144 -34.91 -2.66 3.02
N LEU E 145 -34.79 -3.96 3.23
CA LEU E 145 -35.87 -4.89 2.90
C LEU E 145 -36.39 -5.57 4.16
N GLY E 146 -37.72 -5.60 4.31
CA GLY E 146 -38.30 -6.24 5.47
C GLY E 146 -39.33 -5.42 6.23
N HIS E 147 -39.59 -5.81 7.46
CA HIS E 147 -40.56 -5.11 8.29
C HIS E 147 -40.19 -3.64 8.47
N PRO E 148 -41.16 -2.73 8.27
CA PRO E 148 -40.99 -1.28 8.39
C PRO E 148 -40.42 -0.82 9.74
N ARG E 149 -40.88 -1.44 10.83
CA ARG E 149 -40.41 -1.09 12.16
C ARG E 149 -38.90 -1.33 12.31
N LEU E 150 -38.33 -2.15 11.44
CA LEU E 150 -36.89 -2.42 11.50
C LEU E 150 -36.12 -1.60 10.47
N THR E 151 -36.61 -1.57 9.23
CA THR E 151 -35.95 -0.82 8.18
C THR E 151 -35.97 0.69 8.40
N GLU E 152 -36.97 1.19 9.12
CA GLU E 152 -37.08 2.62 9.36
C GLU E 152 -35.94 3.16 10.24
N VAL E 153 -35.38 2.32 11.09
CA VAL E 153 -34.28 2.76 11.96
C VAL E 153 -32.97 2.02 11.73
N PHE E 154 -32.99 0.93 10.97
CA PHE E 154 -31.77 0.17 10.74
C PHE E 154 -31.23 0.11 9.32
N ARG E 155 -32.01 0.52 8.32
CA ARG E 155 -31.52 0.51 6.95
C ARG E 155 -30.23 1.31 7.01
N ALA E 156 -29.13 0.75 6.50
CA ALA E 156 -27.87 1.47 6.56
C ALA E 156 -26.86 1.16 5.47
N VAL E 157 -27.18 0.23 4.57
CA VAL E 157 -26.24 -0.10 3.51
C VAL E 157 -26.93 -0.35 2.18
N ASP E 158 -26.23 -0.05 1.09
CA ASP E 158 -26.77 -0.29 -0.23
C ASP E 158 -26.40 -1.73 -0.58
N PRO E 159 -27.36 -2.50 -1.11
CA PRO E 159 -27.15 -3.91 -1.49
C PRO E 159 -25.89 -4.11 -2.31
N LYS E 160 -25.51 -3.09 -3.07
CA LYS E 160 -24.32 -3.17 -3.91
C LYS E 160 -23.02 -3.02 -3.13
N ASP E 161 -23.11 -2.64 -1.87
CA ASP E 161 -21.93 -2.49 -1.03
C ASP E 161 -21.86 -3.64 -0.02
N VAL E 162 -22.54 -4.72 -0.34
CA VAL E 162 -22.58 -5.90 0.53
C VAL E 162 -21.98 -7.11 -0.18
N VAL E 163 -21.20 -7.90 0.54
CA VAL E 163 -20.60 -9.11 -0.02
C VAL E 163 -20.76 -10.23 1.00
N LEU E 164 -21.28 -11.37 0.55
CA LEU E 164 -21.46 -12.53 1.40
C LEU E 164 -20.34 -13.51 1.08
N VAL E 165 -19.74 -14.07 2.12
CA VAL E 165 -18.63 -15.01 1.94
C VAL E 165 -18.82 -16.27 2.80
N GLY E 166 -18.78 -17.43 2.16
CA GLY E 166 -18.91 -18.68 2.88
C GLY E 166 -20.31 -19.26 2.97
N VAL E 167 -21.24 -18.70 2.21
CA VAL E 167 -22.62 -19.16 2.23
C VAL E 167 -22.77 -20.59 1.68
N ARG E 168 -23.55 -21.40 2.37
CA ARG E 168 -23.76 -22.78 1.92
C ARG E 168 -25.18 -23.26 2.20
N SER E 169 -26.05 -22.36 2.67
CA SER E 169 -27.44 -22.70 2.95
C SER E 169 -28.35 -21.50 2.74
N LEU E 170 -29.27 -21.61 1.78
CA LEU E 170 -30.20 -20.52 1.46
C LEU E 170 -31.63 -20.99 1.26
N ASP E 171 -32.59 -20.12 1.61
CA ASP E 171 -34.00 -20.43 1.42
C ASP E 171 -34.38 -19.93 0.03
N PRO E 172 -35.38 -20.54 -0.61
CA PRO E 172 -35.82 -20.14 -1.95
C PRO E 172 -36.08 -18.64 -2.07
N GLY E 173 -36.80 -18.08 -1.09
CA GLY E 173 -37.10 -16.67 -1.11
C GLY E 173 -35.86 -15.81 -1.05
N GLU E 174 -34.91 -16.22 -0.22
CA GLU E 174 -33.65 -15.50 -0.06
C GLU E 174 -32.92 -15.37 -1.38
N LYS E 175 -32.86 -16.47 -2.11
CA LYS E 175 -32.18 -16.48 -3.40
C LYS E 175 -32.77 -15.42 -4.31
N ARG E 176 -34.10 -15.34 -4.35
CA ARG E 176 -34.77 -14.34 -5.19
C ARG E 176 -34.35 -12.93 -4.77
N LEU E 177 -34.54 -12.62 -3.49
CA LEU E 177 -34.20 -11.29 -2.98
C LEU E 177 -32.75 -10.91 -3.22
N LEU E 178 -31.84 -11.86 -3.00
CA LEU E 178 -30.42 -11.60 -3.21
C LEU E 178 -30.13 -11.24 -4.66
N LYS E 179 -30.71 -12.01 -5.59
CA LYS E 179 -30.50 -11.74 -7.00
C LYS E 179 -31.17 -10.43 -7.40
N GLU E 180 -32.39 -10.21 -6.94
CA GLU E 180 -33.09 -8.97 -7.24
C GLU E 180 -32.26 -7.78 -6.77
N ALA E 181 -31.77 -7.86 -5.53
CA ALA E 181 -30.99 -6.78 -4.95
C ALA E 181 -29.59 -6.62 -5.54
N GLY E 182 -29.09 -7.65 -6.22
CA GLY E 182 -27.77 -7.56 -6.82
C GLY E 182 -26.62 -7.67 -5.83
N VAL E 183 -26.83 -8.43 -4.75
CA VAL E 183 -25.81 -8.64 -3.73
C VAL E 183 -24.76 -9.63 -4.22
N ARG E 184 -23.49 -9.28 -4.11
CA ARG E 184 -22.41 -10.17 -4.52
C ARG E 184 -22.34 -11.33 -3.52
N VAL E 185 -22.51 -12.56 -4.01
CA VAL E 185 -22.47 -13.72 -3.13
C VAL E 185 -21.40 -14.74 -3.50
N TYR E 186 -20.58 -15.11 -2.51
CA TYR E 186 -19.54 -16.11 -2.70
C TYR E 186 -19.91 -17.30 -1.83
N THR E 187 -20.53 -18.32 -2.43
CA THR E 187 -20.92 -19.51 -1.69
C THR E 187 -19.67 -20.39 -1.59
N MET E 188 -19.79 -21.51 -0.90
CA MET E 188 -18.64 -22.40 -0.78
C MET E 188 -18.23 -22.97 -2.13
N HIS E 189 -19.14 -22.94 -3.10
CA HIS E 189 -18.81 -23.42 -4.43
C HIS E 189 -17.75 -22.47 -5.03
N GLU E 190 -17.98 -21.16 -4.90
CA GLU E 190 -17.02 -20.20 -5.41
C GLU E 190 -15.73 -20.29 -4.59
N VAL E 191 -15.86 -20.51 -3.30
CA VAL E 191 -14.68 -20.61 -2.43
C VAL E 191 -13.81 -21.77 -2.94
N ASP E 192 -14.45 -22.92 -3.18
CA ASP E 192 -13.72 -24.09 -3.67
C ASP E 192 -13.13 -23.85 -5.05
N ARG E 193 -13.90 -23.19 -5.89
CA ARG E 193 -13.48 -22.91 -7.27
C ARG E 193 -12.38 -21.86 -7.37
N LEU E 194 -12.55 -20.75 -6.67
CA LEU E 194 -11.59 -19.65 -6.73
C LEU E 194 -10.49 -19.57 -5.66
N GLY E 195 -10.79 -20.03 -4.45
CA GLY E 195 -9.81 -19.96 -3.37
C GLY E 195 -10.02 -18.66 -2.62
N VAL E 196 -9.82 -18.69 -1.30
CA VAL E 196 -10.02 -17.50 -0.46
C VAL E 196 -9.13 -16.30 -0.84
N ALA E 197 -7.91 -16.56 -1.27
CA ALA E 197 -7.00 -15.48 -1.65
C ALA E 197 -7.62 -14.61 -2.74
N ARG E 198 -8.12 -15.26 -3.79
CA ARG E 198 -8.72 -14.53 -4.89
C ARG E 198 -10.02 -13.86 -4.46
N ILE E 199 -10.83 -14.57 -3.68
CA ILE E 199 -12.09 -14.02 -3.20
C ILE E 199 -11.88 -12.79 -2.33
N ALA E 200 -10.89 -12.84 -1.45
CA ALA E 200 -10.61 -11.70 -0.57
C ALA E 200 -10.25 -10.49 -1.44
N GLU E 201 -9.42 -10.73 -2.45
CA GLU E 201 -9.01 -9.66 -3.36
C GLU E 201 -10.25 -9.07 -4.04
N GLU E 202 -11.13 -9.94 -4.56
CA GLU E 202 -12.34 -9.50 -5.24
C GLU E 202 -13.29 -8.75 -4.30
N VAL E 203 -13.30 -9.13 -3.03
CA VAL E 203 -14.14 -8.45 -2.06
C VAL E 203 -13.67 -7.00 -1.92
N LEU E 204 -12.37 -6.83 -1.72
CA LEU E 204 -11.80 -5.50 -1.56
C LEU E 204 -12.01 -4.63 -2.79
N LYS E 205 -11.91 -5.22 -3.97
CA LYS E 205 -12.09 -4.50 -5.22
C LYS E 205 -13.55 -4.06 -5.36
N HIS E 206 -14.46 -5.00 -5.10
CA HIS E 206 -15.88 -4.73 -5.19
C HIS E 206 -16.32 -3.62 -4.25
N LEU E 207 -15.63 -3.51 -3.11
CA LEU E 207 -15.95 -2.48 -2.12
C LEU E 207 -14.82 -1.48 -2.01
N GLN E 208 -14.10 -1.26 -3.12
CA GLN E 208 -12.97 -0.35 -3.11
C GLN E 208 -13.31 1.05 -2.62
N GLY E 209 -12.36 1.66 -1.92
CA GLY E 209 -12.52 3.02 -1.41
C GLY E 209 -13.47 3.20 -0.24
N LEU E 210 -14.07 2.12 0.25
CA LEU E 210 -15.02 2.22 1.36
C LEU E 210 -14.52 1.64 2.67
N PRO E 211 -14.95 2.22 3.79
CA PRO E 211 -14.51 1.69 5.08
C PRO E 211 -15.30 0.37 5.20
N LEU E 212 -14.71 -0.64 5.83
CA LEU E 212 -15.40 -1.91 5.90
C LEU E 212 -15.85 -2.40 7.28
N HIS E 213 -17.06 -2.94 7.32
CA HIS E 213 -17.60 -3.51 8.53
C HIS E 213 -17.65 -5.02 8.29
N VAL E 214 -16.97 -5.77 9.12
CA VAL E 214 -16.94 -7.23 8.98
C VAL E 214 -17.86 -7.84 10.02
N SER E 215 -18.82 -8.64 9.56
CA SER E 215 -19.74 -9.31 10.47
C SER E 215 -19.41 -10.79 10.36
N LEU E 216 -18.81 -11.35 11.40
CA LEU E 216 -18.41 -12.74 11.41
C LEU E 216 -19.31 -13.65 12.24
N ASP E 217 -19.99 -14.56 11.55
CA ASP E 217 -20.88 -15.53 12.18
C ASP E 217 -20.03 -16.78 12.36
N ALA E 218 -19.98 -17.30 13.59
CA ALA E 218 -19.19 -18.49 13.87
C ALA E 218 -19.51 -19.68 13.00
N ASP E 219 -20.76 -19.78 12.54
CA ASP E 219 -21.14 -20.93 11.74
C ASP E 219 -20.54 -20.99 10.33
N VAL E 220 -19.79 -19.95 9.95
CA VAL E 220 -19.17 -19.97 8.62
C VAL E 220 -18.06 -21.00 8.64
N LEU E 221 -17.52 -21.25 9.83
CA LEU E 221 -16.44 -22.23 10.01
C LEU E 221 -17.03 -23.63 9.95
N ASP E 222 -16.25 -24.58 9.46
CA ASP E 222 -16.74 -25.95 9.39
C ASP E 222 -17.16 -26.38 10.80
N PRO E 223 -18.29 -27.09 10.93
CA PRO E 223 -18.78 -27.53 12.24
C PRO E 223 -17.75 -28.36 13.02
N THR E 224 -16.92 -29.09 12.29
CA THR E 224 -15.90 -29.93 12.91
C THR E 224 -14.90 -29.05 13.63
N LEU E 225 -14.88 -27.79 13.26
CA LEU E 225 -13.97 -26.81 13.82
C LEU E 225 -14.67 -25.87 14.80
N ALA E 226 -15.94 -25.61 14.54
CA ALA E 226 -16.72 -24.72 15.38
C ALA E 226 -18.08 -25.34 15.66
N PRO E 227 -18.14 -26.29 16.60
CA PRO E 227 -19.41 -26.95 16.93
C PRO E 227 -20.39 -26.06 17.68
N GLY E 228 -19.85 -25.08 18.40
CA GLY E 228 -20.69 -24.19 19.18
C GLY E 228 -21.52 -23.18 18.44
N VAL E 229 -22.37 -23.66 17.53
CA VAL E 229 -23.25 -22.77 16.77
C VAL E 229 -24.65 -23.37 16.67
N GLY E 230 -25.65 -22.48 16.66
CA GLY E 230 -27.03 -22.91 16.59
C GLY E 230 -27.44 -23.64 15.33
N THR E 231 -26.98 -23.17 14.18
CA THR E 231 -27.33 -23.82 12.93
C THR E 231 -26.11 -24.27 12.15
N PRO E 232 -25.48 -25.38 12.58
CA PRO E 232 -24.29 -25.90 11.90
C PRO E 232 -24.59 -26.43 10.51
N VAL E 233 -23.69 -26.16 9.58
CA VAL E 233 -23.85 -26.63 8.22
C VAL E 233 -22.49 -27.17 7.77
N PRO E 234 -22.44 -28.45 7.38
CA PRO E 234 -21.19 -29.06 6.93
C PRO E 234 -20.59 -28.41 5.70
N GLY E 235 -19.27 -28.59 5.52
CA GLY E 235 -18.57 -28.04 4.37
C GLY E 235 -18.23 -26.56 4.47
N GLY E 236 -17.75 -26.13 5.64
CA GLY E 236 -17.42 -24.73 5.82
C GLY E 236 -15.96 -24.37 5.63
N LEU E 237 -15.59 -23.16 6.07
CA LEU E 237 -14.21 -22.69 5.93
C LEU E 237 -13.28 -23.41 6.90
N THR E 238 -12.03 -23.60 6.49
CA THR E 238 -11.05 -24.24 7.35
C THR E 238 -10.47 -23.15 8.23
N TYR E 239 -9.75 -23.56 9.26
CA TYR E 239 -9.09 -22.65 10.18
C TYR E 239 -8.17 -21.71 9.39
N ARG E 240 -7.36 -22.28 8.50
CA ARG E 240 -6.43 -21.50 7.69
C ARG E 240 -7.11 -20.54 6.73
N GLU E 241 -8.19 -20.98 6.07
CA GLU E 241 -8.90 -20.11 5.15
C GLU E 241 -9.46 -18.90 5.88
N ALA E 242 -10.09 -19.13 7.03
CA ALA E 242 -10.67 -18.03 7.80
C ALA E 242 -9.60 -17.03 8.22
N HIS E 243 -8.44 -17.51 8.66
CA HIS E 243 -7.38 -16.60 9.06
C HIS E 243 -6.86 -15.83 7.84
N LEU E 244 -6.71 -16.51 6.70
CA LEU E 244 -6.22 -15.85 5.49
C LEU E 244 -7.17 -14.72 5.09
N LEU E 245 -8.48 -14.99 5.17
CA LEU E 245 -9.47 -13.98 4.81
C LEU E 245 -9.30 -12.75 5.71
N MET E 246 -9.17 -13.01 7.00
CA MET E 246 -9.01 -11.91 7.96
C MET E 246 -7.71 -11.13 7.71
N GLU E 247 -6.64 -11.85 7.39
CA GLU E 247 -5.34 -11.22 7.14
C GLU E 247 -5.34 -10.35 5.89
N ILE E 248 -6.02 -10.79 4.85
CA ILE E 248 -6.06 -10.02 3.61
C ILE E 248 -6.96 -8.79 3.79
N LEU E 249 -8.03 -8.93 4.56
CA LEU E 249 -8.90 -7.80 4.82
C LEU E 249 -8.16 -6.81 5.71
N ALA E 250 -7.35 -7.33 6.62
CA ALA E 250 -6.59 -6.47 7.53
C ALA E 250 -5.55 -5.64 6.76
N GLU E 251 -4.90 -6.27 5.78
CA GLU E 251 -3.89 -5.58 4.97
C GLU E 251 -4.45 -4.35 4.26
N SER E 252 -5.74 -4.37 3.91
CA SER E 252 -6.34 -3.24 3.20
C SER E 252 -6.34 -1.98 4.07
N GLY E 253 -6.33 -2.17 5.38
CA GLY E 253 -6.33 -1.04 6.30
C GLY E 253 -7.65 -0.30 6.29
N ARG E 254 -8.68 -0.90 5.68
CA ARG E 254 -9.98 -0.25 5.62
C ARG E 254 -11.03 -0.78 6.58
N VAL E 255 -10.72 -1.86 7.30
CA VAL E 255 -11.70 -2.42 8.23
C VAL E 255 -11.90 -1.49 9.42
N GLN E 256 -13.14 -1.08 9.67
CA GLN E 256 -13.42 -0.16 10.76
C GLN E 256 -14.25 -0.69 11.93
N SER E 257 -14.93 -1.82 11.73
CA SER E 257 -15.75 -2.39 12.78
C SER E 257 -15.92 -3.89 12.60
N LEU E 258 -16.27 -4.59 13.67
CA LEU E 258 -16.42 -6.05 13.62
C LEU E 258 -17.46 -6.62 14.59
N ASP E 259 -18.21 -7.61 14.11
CA ASP E 259 -19.21 -8.31 14.93
C ASP E 259 -18.70 -9.76 15.07
N LEU E 260 -18.79 -10.31 16.27
CA LEU E 260 -18.40 -11.70 16.50
C LEU E 260 -19.71 -12.28 17.05
N VAL E 261 -20.46 -12.95 16.20
CA VAL E 261 -21.78 -13.46 16.61
C VAL E 261 -22.05 -14.97 16.53
N GLU E 262 -23.19 -15.34 17.11
CA GLU E 262 -23.68 -16.72 17.10
C GLU E 262 -22.87 -17.78 17.85
N VAL E 263 -21.99 -17.36 18.75
CA VAL E 263 -21.22 -18.32 19.54
C VAL E 263 -22.18 -18.85 20.60
N ASN E 264 -22.34 -20.18 20.65
CA ASN E 264 -23.24 -20.82 21.61
C ASN E 264 -22.45 -21.85 22.43
N PRO E 265 -21.95 -21.44 23.60
CA PRO E 265 -21.17 -22.34 24.47
C PRO E 265 -21.88 -23.61 24.92
N ILE E 266 -23.21 -23.58 24.90
CA ILE E 266 -24.02 -24.73 25.30
C ILE E 266 -23.87 -25.88 24.31
N LEU E 267 -23.50 -25.55 23.08
CA LEU E 267 -23.33 -26.55 22.04
C LEU E 267 -21.85 -26.68 21.69
N ASP E 268 -21.03 -25.89 22.35
CA ASP E 268 -19.59 -25.89 22.10
C ASP E 268 -18.82 -26.97 22.83
N GLU E 269 -17.55 -27.07 22.51
CA GLU E 269 -16.67 -28.04 23.15
C GLU E 269 -15.44 -27.31 23.67
N ARG E 270 -15.33 -27.22 24.99
CA ARG E 270 -14.20 -26.55 25.62
C ARG E 270 -14.03 -25.10 25.12
N ASN E 271 -15.14 -24.45 24.81
CA ASN E 271 -15.13 -23.06 24.36
C ASN E 271 -14.25 -22.84 23.12
N ARG E 272 -14.00 -23.89 22.34
CA ARG E 272 -13.12 -23.74 21.18
C ARG E 272 -13.68 -22.86 20.07
N THR E 273 -15.00 -22.77 19.96
CA THR E 273 -15.59 -21.93 18.93
C THR E 273 -15.34 -20.45 19.28
N ALA E 274 -15.48 -20.12 20.57
CA ALA E 274 -15.23 -18.76 21.01
C ALA E 274 -13.75 -18.43 20.82
N GLU E 275 -12.88 -19.36 21.17
CA GLU E 275 -11.45 -19.15 21.02
C GLU E 275 -11.12 -18.95 19.54
N MET E 276 -11.81 -19.69 18.67
CA MET E 276 -11.62 -19.59 17.22
C MET E 276 -11.91 -18.16 16.76
N LEU E 277 -13.05 -17.62 17.18
CA LEU E 277 -13.43 -16.27 16.76
C LEU E 277 -12.52 -15.19 17.32
N VAL E 278 -12.02 -15.39 18.53
CA VAL E 278 -11.12 -14.40 19.12
C VAL E 278 -9.85 -14.37 18.30
N GLY E 279 -9.38 -15.54 17.88
CA GLY E 279 -8.17 -15.60 17.07
C GLY E 279 -8.36 -14.91 15.74
N LEU E 280 -9.56 -15.06 15.15
CA LEU E 280 -9.86 -14.44 13.88
C LEU E 280 -9.92 -12.92 14.02
N ALA E 281 -10.45 -12.46 15.14
CA ALA E 281 -10.53 -11.01 15.38
C ALA E 281 -9.11 -10.45 15.44
N LEU E 282 -8.21 -11.18 16.09
CA LEU E 282 -6.82 -10.73 16.19
C LEU E 282 -6.20 -10.60 14.80
N SER E 283 -6.44 -11.57 13.93
CA SER E 283 -5.91 -11.53 12.57
C SER E 283 -6.48 -10.34 11.82
N LEU E 284 -7.78 -10.09 12.01
CA LEU E 284 -8.44 -8.99 11.33
C LEU E 284 -7.88 -7.64 11.80
N LEU E 285 -7.43 -7.59 13.05
CA LEU E 285 -6.88 -6.35 13.58
C LEU E 285 -5.36 -6.24 13.49
N GLY E 286 -4.76 -6.98 12.56
CA GLY E 286 -3.32 -6.87 12.38
C GLY E 286 -2.37 -7.95 12.86
N LYS E 287 -2.83 -8.94 13.62
CA LYS E 287 -1.91 -9.97 14.07
C LYS E 287 -1.40 -10.76 12.86
N ARG E 288 -0.09 -10.90 12.77
CA ARG E 288 0.52 -11.61 11.65
C ARG E 288 1.65 -12.52 12.12
N ILE E 289 1.93 -13.57 11.34
CA ILE E 289 2.98 -14.53 11.66
C ILE E 289 4.32 -13.81 11.56
N PHE E 290 4.50 -13.14 10.43
CA PHE E 290 5.71 -12.38 10.18
C PHE E 290 5.21 -10.93 10.24
N GLU F 1 15.24 35.59 33.92
CA GLU F 1 14.65 36.24 35.12
C GLU F 1 13.48 35.47 35.74
N ARG F 2 12.64 34.87 34.90
CA ARG F 2 11.47 34.15 35.39
C ARG F 2 11.59 32.63 35.36
N VAL F 3 11.16 31.99 36.43
CA VAL F 3 11.19 30.53 36.53
C VAL F 3 9.85 30.00 37.00
N ALA F 4 9.34 28.98 36.32
CA ALA F 4 8.09 28.35 36.69
C ALA F 4 8.37 26.91 37.10
N VAL F 5 7.88 26.51 38.28
CA VAL F 5 8.07 25.17 38.78
C VAL F 5 6.75 24.41 38.78
N VAL F 6 6.77 23.19 38.24
CA VAL F 6 5.56 22.38 38.23
C VAL F 6 5.92 20.94 38.61
N GLY F 7 5.06 20.31 39.40
CA GLY F 7 5.32 18.96 39.82
C GLY F 7 4.45 17.93 39.12
N VAL F 8 4.98 16.72 39.00
CA VAL F 8 4.25 15.61 38.40
C VAL F 8 4.50 14.41 39.32
N PRO F 9 3.66 14.28 40.37
CA PRO F 9 3.76 13.18 41.35
C PRO F 9 3.29 11.88 40.73
N MET F 10 3.99 11.44 39.68
CA MET F 10 3.63 10.23 38.97
C MET F 10 4.52 9.04 39.33
N ASP F 11 3.88 7.94 39.69
CA ASP F 11 4.55 6.70 40.07
C ASP F 11 3.71 5.58 39.48
N LEU F 12 3.74 5.43 38.16
CA LEU F 12 2.95 4.42 37.49
C LEU F 12 3.82 3.36 36.82
N GLY F 18 7.70 4.88 45.25
CA GLY F 18 7.53 6.08 46.05
C GLY F 18 8.01 7.36 45.39
N VAL F 19 8.36 7.31 44.10
CA VAL F 19 8.81 8.49 43.40
C VAL F 19 7.71 9.55 43.28
N ASP F 20 6.47 9.17 43.57
CA ASP F 20 5.39 10.14 43.49
C ASP F 20 5.53 11.18 44.59
N MET F 21 6.39 10.90 45.56
CA MET F 21 6.63 11.83 46.66
C MET F 21 7.83 12.73 46.33
N GLY F 22 8.43 12.52 45.16
CA GLY F 22 9.58 13.31 44.74
C GLY F 22 9.35 14.81 44.66
N PRO F 23 8.21 15.25 44.09
CA PRO F 23 7.96 16.69 43.99
C PRO F 23 7.93 17.37 45.35
N SER F 24 7.27 16.76 46.32
CA SER F 24 7.22 17.33 47.67
C SER F 24 8.61 17.38 48.30
N ALA F 25 9.39 16.32 48.11
CA ALA F 25 10.73 16.26 48.66
C ALA F 25 11.60 17.37 48.09
N LEU F 26 11.45 17.61 46.80
CA LEU F 26 12.22 18.65 46.13
C LEU F 26 11.80 20.03 46.64
N ARG F 27 10.50 20.24 46.81
CA ARG F 27 10.02 21.50 47.32
C ARG F 27 10.52 21.71 48.74
N TYR F 28 10.51 20.64 49.53
CA TYR F 28 10.97 20.69 50.93
C TYR F 28 12.47 20.94 51.03
N ALA F 29 13.19 20.72 49.93
CA ALA F 29 14.62 20.97 49.91
C ALA F 29 14.85 22.44 49.56
N ARG F 30 13.78 23.22 49.64
CA ARG F 30 13.78 24.66 49.37
C ARG F 30 14.29 25.09 48.00
N LEU F 31 13.91 24.34 46.97
CA LEU F 31 14.31 24.66 45.60
C LEU F 31 13.89 26.08 45.25
N LEU F 32 12.66 26.41 45.61
CA LEU F 32 12.06 27.70 45.33
C LEU F 32 12.71 28.89 46.04
N GLU F 33 12.91 28.76 47.34
CA GLU F 33 13.52 29.81 48.12
C GLU F 33 14.95 30.06 47.64
N GLN F 34 15.66 29.00 47.29
CA GLN F 34 17.03 29.14 46.83
C GLN F 34 17.13 29.75 45.45
N LEU F 35 16.14 29.48 44.61
CA LEU F 35 16.13 30.06 43.27
C LEU F 35 15.94 31.57 43.41
N GLU F 36 15.11 31.96 44.37
CA GLU F 36 14.88 33.39 44.59
C GLU F 36 16.14 34.06 45.13
N ASP F 37 16.83 33.39 46.04
CA ASP F 37 18.07 33.94 46.58
C ASP F 37 19.05 34.17 45.45
N LEU F 38 18.91 33.37 44.39
CA LEU F 38 19.78 33.46 43.23
C LEU F 38 19.41 34.63 42.34
N GLY F 39 18.27 35.27 42.65
CA GLY F 39 17.83 36.42 41.87
C GLY F 39 16.69 36.19 40.89
N TYR F 40 16.13 34.98 40.88
CA TYR F 40 15.04 34.67 39.96
C TYR F 40 13.68 34.97 40.59
N THR F 41 12.69 35.34 39.77
CA THR F 41 11.36 35.56 40.30
C THR F 41 10.73 34.19 40.00
N VAL F 42 10.26 33.52 41.04
CA VAL F 42 9.72 32.18 40.90
C VAL F 42 8.23 31.97 41.16
N GLU F 43 7.62 31.14 40.33
CA GLU F 43 6.19 30.83 40.47
C GLU F 43 5.99 29.32 40.51
N ASP F 44 5.33 28.83 41.56
CA ASP F 44 5.05 27.40 41.70
C ASP F 44 3.67 27.18 41.09
N LEU F 45 3.60 26.39 40.03
CA LEU F 45 2.33 26.11 39.36
C LEU F 45 1.57 24.95 39.98
N GLY F 46 2.09 24.42 41.08
CA GLY F 46 1.42 23.29 41.72
C GLY F 46 1.75 22.00 41.00
N ASP F 47 0.89 21.00 41.13
CA ASP F 47 1.11 19.71 40.49
C ASP F 47 0.10 19.39 39.40
N VAL F 48 0.53 18.60 38.42
CA VAL F 48 -0.34 18.16 37.35
C VAL F 48 -1.08 16.96 37.92
N PRO F 49 -2.41 16.91 37.73
CA PRO F 49 -3.22 15.79 38.25
C PRO F 49 -2.72 14.47 37.69
N VAL F 50 -2.59 13.46 38.56
CA VAL F 50 -2.14 12.14 38.12
C VAL F 50 -3.03 11.06 38.71
N SER F 51 -3.67 10.30 37.83
CA SER F 51 -4.54 9.21 38.25
C SER F 51 -4.08 7.91 37.62
N LEU F 63 2.98 -0.90 28.08
CA LEU F 63 1.88 -1.67 28.66
C LEU F 63 1.21 -0.99 29.85
N ALA F 64 1.80 -1.19 31.02
CA ALA F 64 1.29 -0.66 32.27
C ALA F 64 0.95 0.82 32.31
N TYR F 65 -0.32 1.13 32.58
CA TYR F 65 -0.81 2.50 32.70
C TYR F 65 -0.50 3.44 31.53
N LEU F 66 -0.29 2.89 30.33
CA LEU F 66 0.04 3.74 29.17
C LEU F 66 -0.91 4.92 28.97
N GLU F 67 -2.21 4.66 28.99
CA GLU F 67 -3.17 5.74 28.80
C GLU F 67 -3.16 6.77 29.93
N GLU F 68 -3.01 6.31 31.17
CA GLU F 68 -2.97 7.22 32.31
C GLU F 68 -1.73 8.10 32.22
N ILE F 69 -0.62 7.50 31.80
CA ILE F 69 0.64 8.23 31.65
C ILE F 69 0.49 9.26 30.54
N ARG F 70 -0.09 8.83 29.42
CA ARG F 70 -0.31 9.69 28.26
C ARG F 70 -1.15 10.91 28.65
N ALA F 71 -2.21 10.66 29.42
CA ALA F 71 -3.11 11.73 29.84
C ALA F 71 -2.37 12.77 30.66
N ALA F 72 -1.67 12.32 31.69
CA ALA F 72 -0.91 13.22 32.57
C ALA F 72 0.18 14.00 31.82
N ALA F 73 0.94 13.29 30.98
CA ALA F 73 2.02 13.93 30.23
C ALA F 73 1.45 14.95 29.24
N LEU F 74 0.23 14.70 28.78
CA LEU F 74 -0.40 15.60 27.83
C LEU F 74 -0.81 16.88 28.54
N VAL F 75 -1.27 16.75 29.78
CA VAL F 75 -1.66 17.92 30.55
C VAL F 75 -0.40 18.74 30.81
N LEU F 76 0.70 18.03 31.10
CA LEU F 76 1.98 18.69 31.34
C LEU F 76 2.44 19.45 30.10
N LYS F 77 2.42 18.77 28.96
CA LYS F 77 2.84 19.38 27.70
C LYS F 77 2.08 20.66 27.44
N GLU F 78 0.76 20.62 27.61
CA GLU F 78 -0.09 21.78 27.36
C GLU F 78 0.20 22.92 28.33
N ARG F 79 0.43 22.56 29.59
CA ARG F 79 0.74 23.55 30.60
C ARG F 79 2.03 24.30 30.28
N LEU F 80 3.05 23.56 29.84
CA LEU F 80 4.34 24.17 29.50
C LEU F 80 4.27 24.98 28.20
N ALA F 81 3.58 24.44 27.21
CA ALA F 81 3.45 25.12 25.92
C ALA F 81 2.72 26.45 26.08
N ALA F 82 1.86 26.53 27.09
CA ALA F 82 1.09 27.74 27.33
C ALA F 82 1.85 28.83 28.08
N LEU F 83 3.00 28.48 28.65
CA LEU F 83 3.78 29.46 29.39
C LEU F 83 4.29 30.60 28.51
N PRO F 84 4.34 31.82 29.05
CA PRO F 84 4.84 32.90 28.20
C PRO F 84 6.32 32.62 27.93
N GLU F 85 6.77 32.89 26.71
CA GLU F 85 8.17 32.65 26.38
C GLU F 85 9.06 33.51 27.27
N GLY F 86 10.21 32.97 27.64
CA GLY F 86 11.10 33.70 28.51
C GLY F 86 10.99 33.18 29.93
N VAL F 87 10.03 32.29 30.16
CA VAL F 87 9.85 31.69 31.48
C VAL F 87 10.50 30.31 31.48
N PHE F 88 11.52 30.13 32.31
CA PHE F 88 12.26 28.87 32.40
C PHE F 88 11.47 27.83 33.19
N PRO F 89 11.06 26.72 32.56
CA PRO F 89 10.31 25.72 33.32
C PRO F 89 11.19 24.65 33.98
N ILE F 90 10.87 24.30 35.22
CA ILE F 90 11.57 23.24 35.94
C ILE F 90 10.48 22.26 36.35
N VAL F 91 10.53 21.05 35.82
CA VAL F 91 9.51 20.05 36.15
C VAL F 91 10.05 19.08 37.19
N LEU F 92 9.30 18.94 38.28
CA LEU F 92 9.69 18.07 39.38
C LEU F 92 8.95 16.78 39.17
N GLY F 93 9.62 15.66 39.32
CA GLY F 93 8.85 14.47 39.08
C GLY F 93 9.03 13.24 39.92
N GLY F 94 8.24 12.28 39.48
CA GLY F 94 8.25 10.95 40.01
C GLY F 94 8.89 10.35 38.78
N ASP F 95 8.16 9.47 38.10
CA ASP F 95 8.66 8.80 36.91
C ASP F 95 9.29 9.69 35.86
N HIS F 96 10.33 9.17 35.22
CA HIS F 96 10.99 9.91 34.16
C HIS F 96 10.06 9.95 32.94
N SER F 97 8.98 9.18 32.99
CA SER F 97 8.00 9.16 31.92
C SER F 97 7.44 10.56 31.64
N LEU F 98 7.46 11.42 32.66
CA LEU F 98 6.92 12.77 32.52
C LEU F 98 7.68 13.57 31.47
N SER F 99 8.89 13.15 31.14
CA SER F 99 9.67 13.87 30.16
C SER F 99 9.07 13.82 28.76
N MET F 100 8.21 12.86 28.50
CA MET F 100 7.60 12.83 27.17
C MET F 100 6.83 14.13 27.01
N GLY F 101 6.18 14.54 28.10
CA GLY F 101 5.41 15.76 28.07
C GLY F 101 6.21 17.02 28.31
N SER F 102 7.21 16.96 29.18
CA SER F 102 8.02 18.15 29.49
C SER F 102 8.89 18.59 28.32
N VAL F 103 9.53 17.64 27.63
CA VAL F 103 10.37 17.98 26.50
C VAL F 103 9.53 18.45 25.31
N ALA F 104 8.45 17.73 25.02
CA ALA F 104 7.59 18.09 23.91
C ALA F 104 6.99 19.46 24.19
N GLY F 105 6.54 19.68 25.42
CA GLY F 105 5.95 20.96 25.78
C GLY F 105 6.94 22.11 25.80
N ALA F 106 8.08 21.89 26.43
CA ALA F 106 9.11 22.93 26.54
C ALA F 106 9.76 23.26 25.21
N ALA F 107 9.70 22.33 24.26
CA ALA F 107 10.29 22.54 22.95
C ALA F 107 9.57 23.65 22.17
N ARG F 108 8.27 23.80 22.42
CA ARG F 108 7.47 24.82 21.75
C ARG F 108 7.52 24.71 20.24
N GLY F 109 7.48 23.48 19.74
CA GLY F 109 7.49 23.28 18.30
C GLY F 109 8.82 23.55 17.61
N ARG F 110 9.80 24.06 18.34
CA ARG F 110 11.10 24.33 17.72
C ARG F 110 12.11 23.22 18.01
N ARG F 111 13.20 23.22 17.26
CA ARG F 111 14.25 22.23 17.40
C ARG F 111 15.05 22.49 18.67
N VAL F 112 15.10 21.51 19.56
CA VAL F 112 15.84 21.64 20.80
C VAL F 112 16.77 20.47 21.02
N GLY F 113 17.90 20.72 21.69
CA GLY F 113 18.83 19.65 21.96
C GLY F 113 18.49 19.09 23.33
N VAL F 114 18.61 17.78 23.49
CA VAL F 114 18.30 17.16 24.77
C VAL F 114 19.52 16.55 25.44
N VAL F 115 19.79 16.96 26.68
CA VAL F 115 20.91 16.43 27.46
C VAL F 115 20.30 15.57 28.56
N TRP F 116 20.33 14.26 28.34
CA TRP F 116 19.73 13.28 29.26
C TRP F 116 20.82 12.75 30.19
N VAL F 117 20.80 13.24 31.43
CA VAL F 117 21.78 12.88 32.46
C VAL F 117 21.11 11.84 33.30
N ASP F 118 21.53 10.60 33.09
CA ASP F 118 20.85 9.47 33.70
C ASP F 118 21.78 8.27 33.74
N ALA F 119 21.53 7.33 34.66
CA ALA F 119 22.33 6.11 34.73
C ALA F 119 21.77 5.16 33.66
N HIS F 120 20.56 5.44 33.20
CA HIS F 120 19.92 4.64 32.17
C HIS F 120 19.64 5.45 30.91
N ALA F 121 19.40 4.79 29.78
CA ALA F 121 19.13 5.52 28.56
C ALA F 121 17.63 5.74 28.31
N ASP F 122 16.79 4.97 28.99
CA ASP F 122 15.33 5.09 28.83
C ASP F 122 14.99 5.08 27.34
N PHE F 123 15.68 4.23 26.59
CA PHE F 123 15.49 4.12 25.15
C PHE F 123 14.87 2.79 24.73
N ASN F 124 14.04 2.20 25.58
CA ASN F 124 13.36 0.94 25.25
C ASN F 124 12.06 1.23 24.50
N THR F 125 11.58 0.22 23.78
CA THR F 125 10.32 0.28 23.06
C THR F 125 9.52 -0.89 23.64
N PRO F 126 8.22 -0.98 23.30
CA PRO F 126 7.45 -2.10 23.86
C PRO F 126 8.11 -3.42 23.50
N GLU F 127 8.78 -3.44 22.34
CA GLU F 127 9.46 -4.64 21.85
C GLU F 127 10.75 -4.99 22.61
N THR F 128 11.57 -3.99 22.91
CA THR F 128 12.84 -4.24 23.59
C THR F 128 12.77 -4.44 25.11
N SER F 129 11.64 -4.10 25.72
CA SER F 129 11.42 -4.26 27.16
C SER F 129 11.28 -2.92 27.85
N SER F 131 10.48 -5.03 31.28
CA SER F 131 9.38 -5.33 32.20
C SER F 131 8.13 -4.55 31.83
N GLY F 132 8.16 -3.91 30.65
CA GLY F 132 7.02 -3.14 30.15
C GLY F 132 6.82 -1.78 30.80
N ASN F 133 7.76 -1.36 31.65
CA ASN F 133 7.66 -0.07 32.31
C ASN F 133 7.83 1.08 31.33
N VAL F 134 6.84 1.98 31.28
CA VAL F 134 6.90 3.11 30.38
C VAL F 134 8.00 4.10 30.76
N HIS F 135 8.33 4.18 32.05
CA HIS F 135 9.38 5.10 32.47
C HIS F 135 10.77 4.67 32.01
N GLY F 136 10.81 3.59 31.23
CA GLY F 136 12.05 3.10 30.69
C GLY F 136 12.07 3.33 29.18
N MET F 137 11.05 4.05 28.69
CA MET F 137 10.93 4.32 27.26
C MET F 137 10.75 5.78 26.82
N PRO F 138 10.67 6.74 27.76
CA PRO F 138 10.48 8.13 27.35
C PRO F 138 11.41 8.75 26.31
N LEU F 139 12.72 8.52 26.43
CA LEU F 139 13.63 9.10 25.46
C LEU F 139 13.42 8.49 24.08
N ALA F 140 13.09 7.21 24.05
CA ALA F 140 12.83 6.54 22.77
C ALA F 140 11.57 7.14 22.14
N VAL F 141 10.53 7.31 22.95
CA VAL F 141 9.27 7.90 22.47
C VAL F 141 9.55 9.30 21.92
N LEU F 142 10.24 10.13 22.70
CA LEU F 142 10.57 11.48 22.28
C LEU F 142 11.31 11.45 20.94
N SER F 143 12.09 10.40 20.73
CA SER F 143 12.84 10.26 19.50
C SER F 143 12.02 9.61 18.39
N GLY F 144 10.74 9.38 18.65
CA GLY F 144 9.87 8.80 17.64
C GLY F 144 9.84 7.28 17.57
N LEU F 145 10.30 6.63 18.62
CA LEU F 145 10.31 5.17 18.63
C LEU F 145 9.46 4.62 19.76
N GLY F 146 8.59 3.67 19.43
CA GLY F 146 7.76 3.07 20.47
C GLY F 146 6.29 2.98 20.14
N HIS F 147 5.46 2.86 21.18
CA HIS F 147 4.02 2.77 21.01
C HIS F 147 3.44 4.01 20.31
N PRO F 148 2.60 3.81 19.29
CA PRO F 148 1.96 4.89 18.52
C PRO F 148 1.17 5.88 19.36
N ARG F 149 0.47 5.39 20.39
CA ARG F 149 -0.31 6.26 21.27
C ARG F 149 0.56 7.28 21.97
N LEU F 150 1.86 6.97 22.07
CA LEU F 150 2.79 7.88 22.73
C LEU F 150 3.55 8.74 21.73
N THR F 151 4.12 8.11 20.70
CA THR F 151 4.88 8.85 19.69
C THR F 151 4.01 9.83 18.92
N GLU F 152 2.72 9.54 18.79
CA GLU F 152 1.81 10.40 18.06
C GLU F 152 1.55 11.74 18.72
N VAL F 153 1.92 11.89 19.99
CA VAL F 153 1.72 13.17 20.64
C VAL F 153 2.97 13.66 21.35
N PHE F 154 3.95 12.78 21.51
CA PHE F 154 5.17 13.16 22.20
C PHE F 154 6.48 13.15 21.40
N ARG F 155 6.46 12.67 20.16
CA ARG F 155 7.68 12.70 19.36
C ARG F 155 8.02 14.18 19.26
N ALA F 156 9.25 14.57 19.63
CA ALA F 156 9.58 15.98 19.65
C ALA F 156 11.05 16.29 19.42
N VAL F 157 11.88 15.25 19.39
CA VAL F 157 13.28 15.53 19.21
C VAL F 157 13.92 14.61 18.24
N ASP F 158 14.99 15.08 17.63
CA ASP F 158 15.66 14.22 16.71
C ASP F 158 16.81 13.48 17.37
N PRO F 159 16.98 12.21 17.02
CA PRO F 159 18.07 11.45 17.65
C PRO F 159 19.49 12.04 17.72
N LYS F 160 19.87 12.84 16.72
CA LYS F 160 21.20 13.45 16.62
C LYS F 160 21.25 14.70 17.47
N ASP F 161 20.10 15.11 17.99
CA ASP F 161 20.04 16.30 18.85
C ASP F 161 19.89 15.83 20.30
N VAL F 162 20.23 14.56 20.54
CA VAL F 162 20.15 13.98 21.88
C VAL F 162 21.53 13.53 22.35
N VAL F 163 21.84 13.75 23.62
CA VAL F 163 23.10 13.29 24.16
C VAL F 163 22.87 12.70 25.56
N LEU F 164 23.29 11.45 25.74
CA LEU F 164 23.16 10.79 27.03
C LEU F 164 24.49 10.95 27.78
N VAL F 165 24.41 11.25 29.07
CA VAL F 165 25.61 11.43 29.90
C VAL F 165 25.44 10.71 31.23
N GLY F 166 26.42 9.88 31.57
CA GLY F 166 26.39 9.15 32.83
C GLY F 166 25.82 7.75 32.79
N VAL F 167 25.49 7.26 31.60
CA VAL F 167 24.90 5.93 31.44
C VAL F 167 25.82 4.80 31.89
N ARG F 168 25.26 3.85 32.63
CA ARG F 168 26.05 2.71 33.11
C ARG F 168 25.24 1.41 33.13
N SER F 169 24.02 1.47 32.60
CA SER F 169 23.17 0.28 32.58
C SER F 169 22.21 0.31 31.39
N LEU F 170 22.39 -0.64 30.47
CA LEU F 170 21.56 -0.72 29.28
C LEU F 170 21.06 -2.14 28.98
N ASP F 171 19.89 -2.24 28.37
CA ASP F 171 19.33 -3.53 27.98
C ASP F 171 19.84 -3.82 26.57
N PRO F 172 19.94 -5.10 26.18
CA PRO F 172 20.42 -5.48 24.85
C PRO F 172 19.68 -4.76 23.72
N GLY F 173 18.37 -4.71 23.82
CA GLY F 173 17.56 -4.05 22.81
C GLY F 173 17.86 -2.57 22.75
N GLU F 174 18.04 -1.95 23.91
CA GLU F 174 18.35 -0.51 23.96
C GLU F 174 19.60 -0.19 23.18
N LYS F 175 20.64 -1.00 23.38
CA LYS F 175 21.90 -0.79 22.69
C LYS F 175 21.70 -0.74 21.19
N ARG F 176 20.93 -1.69 20.66
CA ARG F 176 20.64 -1.77 19.24
C ARG F 176 19.94 -0.50 18.76
N LEU F 177 18.87 -0.12 19.45
CA LEU F 177 18.11 1.05 19.07
C LEU F 177 18.97 2.31 19.10
N LEU F 178 19.76 2.47 20.16
CA LEU F 178 20.62 3.64 20.28
C LEU F 178 21.62 3.72 19.13
N LYS F 179 22.23 2.59 18.78
CA LYS F 179 23.18 2.59 17.67
C LYS F 179 22.48 2.84 16.34
N GLU F 180 21.33 2.21 16.15
CA GLU F 180 20.57 2.41 14.92
C GLU F 180 20.21 3.88 14.77
N ALA F 181 19.71 4.47 15.85
CA ALA F 181 19.29 5.87 15.86
C ALA F 181 20.45 6.87 15.80
N GLY F 182 21.65 6.41 16.09
CA GLY F 182 22.81 7.30 16.06
C GLY F 182 22.87 8.30 17.19
N VAL F 183 22.39 7.91 18.37
CA VAL F 183 22.40 8.79 19.54
C VAL F 183 23.79 8.84 20.15
N ARG F 184 24.27 10.04 20.46
CA ARG F 184 25.59 10.20 21.08
C ARG F 184 25.45 9.79 22.54
N VAL F 185 26.22 8.79 22.93
CA VAL F 185 26.17 8.28 24.30
C VAL F 185 27.50 8.35 25.04
N TYR F 186 27.48 8.98 26.20
CA TYR F 186 28.68 9.07 27.04
C TYR F 186 28.38 8.21 28.25
N THR F 187 28.85 6.96 28.24
CA THR F 187 28.64 6.08 29.38
C THR F 187 29.69 6.47 30.39
N MET F 188 29.68 5.83 31.55
CA MET F 188 30.66 6.13 32.57
C MET F 188 32.07 5.79 32.07
N HIS F 189 32.17 4.90 31.08
CA HIS F 189 33.48 4.55 30.53
C HIS F 189 34.09 5.79 29.88
N GLU F 190 33.29 6.51 29.12
CA GLU F 190 33.76 7.73 28.47
C GLU F 190 33.99 8.80 29.52
N VAL F 191 33.17 8.82 30.58
CA VAL F 191 33.33 9.82 31.62
C VAL F 191 34.70 9.60 32.31
N ASP F 192 35.01 8.35 32.62
CA ASP F 192 36.29 8.04 33.25
C ASP F 192 37.46 8.33 32.31
N ARG F 193 37.27 8.01 31.03
CA ARG F 193 38.32 8.19 30.04
C ARG F 193 38.59 9.64 29.65
N LEU F 194 37.52 10.39 29.45
CA LEU F 194 37.61 11.78 29.01
C LEU F 194 37.50 12.87 30.06
N GLY F 195 36.71 12.64 31.11
CA GLY F 195 36.55 13.65 32.13
C GLY F 195 35.33 14.50 31.80
N VAL F 196 34.60 14.92 32.83
CA VAL F 196 33.41 15.73 32.63
C VAL F 196 33.65 17.03 31.87
N ALA F 197 34.77 17.71 32.15
CA ALA F 197 35.05 18.97 31.46
C ALA F 197 35.03 18.80 29.94
N ARG F 198 35.75 17.81 29.44
CA ARG F 198 35.80 17.55 28.00
C ARG F 198 34.45 17.11 27.46
N ILE F 199 33.76 16.22 28.19
CA ILE F 199 32.45 15.73 27.76
C ILE F 199 31.45 16.89 27.66
N ALA F 200 31.43 17.76 28.66
CA ALA F 200 30.51 18.90 28.63
C ALA F 200 30.78 19.73 27.38
N GLU F 201 32.07 19.95 27.07
CA GLU F 201 32.44 20.72 25.87
C GLU F 201 31.93 20.01 24.61
N GLU F 202 32.09 18.70 24.56
CA GLU F 202 31.64 17.93 23.40
C GLU F 202 30.11 17.94 23.28
N VAL F 203 29.43 17.95 24.42
CA VAL F 203 27.97 17.97 24.41
C VAL F 203 27.49 19.26 23.75
N LEU F 204 28.06 20.38 24.19
CA LEU F 204 27.70 21.68 23.65
C LEU F 204 28.01 21.79 22.15
N LYS F 205 29.12 21.21 21.74
CA LYS F 205 29.53 21.23 20.33
C LYS F 205 28.56 20.40 19.50
N HIS F 206 28.29 19.18 19.97
CA HIS F 206 27.39 18.27 19.28
C HIS F 206 25.98 18.87 19.11
N LEU F 207 25.59 19.74 20.05
CA LEU F 207 24.28 20.38 20.00
C LEU F 207 24.40 21.89 19.77
N GLN F 208 25.47 22.31 19.10
CA GLN F 208 25.69 23.73 18.87
C GLN F 208 24.55 24.47 18.19
N GLY F 209 24.35 25.70 18.62
CA GLY F 209 23.31 26.55 18.06
C GLY F 209 21.89 26.21 18.49
N LEU F 210 21.72 25.20 19.34
CA LEU F 210 20.37 24.82 19.76
C LEU F 210 20.07 25.14 21.21
N PRO F 211 18.80 25.48 21.52
CA PRO F 211 18.45 25.77 22.91
C PRO F 211 18.52 24.38 23.55
N LEU F 212 18.84 24.31 24.84
CA LEU F 212 18.97 23.00 25.46
C LEU F 212 17.99 22.66 26.57
N HIS F 213 17.54 21.41 26.58
CA HIS F 213 16.66 20.94 27.63
C HIS F 213 17.49 19.91 28.39
N VAL F 214 17.63 20.11 29.70
CA VAL F 214 18.39 19.20 30.52
C VAL F 214 17.44 18.33 31.33
N SER F 215 17.54 17.01 31.19
CA SER F 215 16.67 16.12 31.96
C SER F 215 17.58 15.36 32.91
N LEU F 216 17.52 15.74 34.19
CA LEU F 216 18.37 15.15 35.21
C LEU F 216 17.68 14.12 36.09
N ASP F 217 18.10 12.86 35.95
CA ASP F 217 17.58 11.74 36.74
C ASP F 217 18.53 11.61 37.93
N ALA F 218 17.97 11.61 39.13
CA ALA F 218 18.79 11.52 40.33
C ALA F 218 19.73 10.31 40.36
N ASP F 219 19.32 9.20 39.74
CA ASP F 219 20.18 8.01 39.76
C ASP F 219 21.50 8.10 38.98
N VAL F 220 21.75 9.23 38.30
CA VAL F 220 23.00 9.36 37.57
C VAL F 220 24.10 9.55 38.61
N LEU F 221 23.72 10.07 39.77
CA LEU F 221 24.67 10.28 40.85
C LEU F 221 25.01 8.93 41.49
N ASP F 222 26.22 8.79 42.01
CA ASP F 222 26.58 7.53 42.64
C ASP F 222 25.60 7.26 43.78
N PRO F 223 25.15 6.00 43.95
CA PRO F 223 24.20 5.65 45.01
C PRO F 223 24.65 6.05 46.42
N THR F 224 25.96 6.06 46.63
CA THR F 224 26.53 6.41 47.93
C THR F 224 26.21 7.87 48.23
N LEU F 225 25.96 8.63 47.17
CA LEU F 225 25.67 10.05 47.26
C LEU F 225 24.17 10.32 47.15
N ALA F 226 23.49 9.53 46.34
CA ALA F 226 22.06 9.71 46.12
C ALA F 226 21.35 8.37 46.27
N PRO F 227 21.12 7.92 47.52
CA PRO F 227 20.45 6.63 47.74
C PRO F 227 18.95 6.66 47.38
N GLY F 228 18.35 7.83 47.47
CA GLY F 228 16.92 7.97 47.18
C GLY F 228 16.50 7.83 45.74
N VAL F 229 16.76 6.67 45.14
CA VAL F 229 16.37 6.43 43.76
C VAL F 229 15.85 5.00 43.61
N GLY F 230 14.91 4.82 42.68
CA GLY F 230 14.34 3.51 42.47
C GLY F 230 15.27 2.44 41.94
N THR F 231 16.10 2.81 40.97
CA THR F 231 17.03 1.85 40.40
C THR F 231 18.48 2.30 40.52
N PRO F 232 19.03 2.21 41.73
CA PRO F 232 20.43 2.62 41.96
C PRO F 232 21.41 1.73 41.21
N VAL F 233 22.47 2.33 40.70
CA VAL F 233 23.51 1.60 39.98
C VAL F 233 24.86 2.14 40.45
N PRO F 234 25.71 1.28 41.00
CA PRO F 234 27.03 1.74 41.47
C PRO F 234 27.91 2.33 40.37
N GLY F 235 28.87 3.16 40.77
CA GLY F 235 29.78 3.76 39.82
C GLY F 235 29.24 4.99 39.09
N GLY F 236 28.53 5.85 39.80
CA GLY F 236 27.96 7.02 39.17
C GLY F 236 28.81 8.28 39.29
N LEU F 237 28.20 9.42 38.96
CA LEU F 237 28.92 10.70 39.02
C LEU F 237 29.15 11.14 40.45
N THR F 238 30.26 11.82 40.70
CA THR F 238 30.53 12.34 42.03
C THR F 238 29.80 13.67 42.14
N TYR F 239 29.71 14.19 43.37
CA TYR F 239 29.08 15.47 43.67
C TYR F 239 29.73 16.57 42.83
N ARG F 240 31.06 16.62 42.84
CA ARG F 240 31.79 17.63 42.07
C ARG F 240 31.61 17.52 40.55
N GLU F 241 31.63 16.31 40.01
CA GLU F 241 31.44 16.12 38.57
C GLU F 241 30.06 16.63 38.14
N ALA F 242 29.03 16.30 38.91
CA ALA F 242 27.68 16.74 38.56
C ALA F 242 27.61 18.26 38.56
N HIS F 243 28.19 18.89 39.58
CA HIS F 243 28.18 20.35 39.64
C HIS F 243 29.00 20.97 38.50
N LEU F 244 30.11 20.33 38.14
CA LEU F 244 30.91 20.86 37.02
C LEU F 244 30.11 20.79 35.72
N LEU F 245 29.43 19.68 35.48
CA LEU F 245 28.63 19.53 34.27
C LEU F 245 27.58 20.66 34.20
N MET F 246 26.85 20.85 35.29
CA MET F 246 25.82 21.89 35.34
C MET F 246 26.41 23.28 35.09
N GLU F 247 27.56 23.56 35.71
CA GLU F 247 28.21 24.85 35.56
C GLU F 247 28.66 25.14 34.13
N ILE F 248 29.18 24.13 33.44
CA ILE F 248 29.63 24.33 32.07
C ILE F 248 28.43 24.48 31.14
N LEU F 249 27.36 23.73 31.40
CA LEU F 249 26.16 23.84 30.57
C LEU F 249 25.58 25.22 30.80
N ALA F 250 25.63 25.70 32.04
CA ALA F 250 25.11 27.01 32.38
C ALA F 250 25.86 28.11 31.63
N GLU F 251 27.18 28.00 31.58
CA GLU F 251 28.00 29.00 30.88
C GLU F 251 27.60 29.18 29.41
N SER F 252 27.09 28.12 28.79
CA SER F 252 26.71 28.23 27.38
C SER F 252 25.60 29.26 27.20
N GLY F 253 24.78 29.42 28.23
CA GLY F 253 23.68 30.36 28.16
C GLY F 253 22.56 29.85 27.26
N ARG F 254 22.63 28.59 26.86
CA ARG F 254 21.61 28.00 25.99
C ARG F 254 20.59 27.07 26.66
N VAL F 255 20.74 26.83 27.96
CA VAL F 255 19.80 25.95 28.65
C VAL F 255 18.46 26.68 28.83
N GLN F 256 17.38 26.05 28.37
CA GLN F 256 16.05 26.65 28.43
C GLN F 256 15.03 25.94 29.33
N SER F 257 15.30 24.69 29.68
CA SER F 257 14.35 23.96 30.51
C SER F 257 15.03 22.83 31.27
N LEU F 258 14.40 22.40 32.36
CA LEU F 258 14.96 21.36 33.21
C LEU F 258 13.97 20.42 33.89
N ASP F 259 14.32 19.14 33.94
CA ASP F 259 13.52 18.13 34.63
C ASP F 259 14.41 17.62 35.77
N LEU F 260 13.82 17.45 36.95
CA LEU F 260 14.49 16.92 38.14
C LEU F 260 13.60 15.73 38.48
N VAL F 261 14.02 14.54 38.04
CA VAL F 261 13.21 13.36 38.22
C VAL F 261 13.77 12.20 39.04
N GLU F 262 12.88 11.24 39.32
CA GLU F 262 13.20 10.00 40.02
C GLU F 262 13.66 10.11 41.47
N VAL F 263 13.34 11.22 42.13
CA VAL F 263 13.72 11.36 43.53
C VAL F 263 12.71 10.52 44.31
N ASN F 264 13.22 9.62 45.15
CA ASN F 264 12.34 8.75 45.94
C ASN F 264 12.69 8.88 47.42
N PRO F 265 11.97 9.76 48.14
CA PRO F 265 12.23 9.96 49.57
C PRO F 265 12.11 8.71 50.45
N ILE F 266 11.30 7.75 50.01
CA ILE F 266 11.10 6.51 50.75
C ILE F 266 12.36 5.66 50.82
N LEU F 267 13.26 5.88 49.87
CA LEU F 267 14.51 5.15 49.81
C LEU F 267 15.68 6.06 50.14
N ASP F 268 15.37 7.33 50.37
CA ASP F 268 16.38 8.33 50.65
C ASP F 268 16.82 8.38 52.11
N GLU F 269 17.84 9.19 52.38
CA GLU F 269 18.35 9.37 53.73
C GLU F 269 18.42 10.86 54.03
N ARG F 270 17.53 11.31 54.91
CA ARG F 270 17.48 12.71 55.29
C ARG F 270 17.26 13.65 54.11
N ASN F 271 16.57 13.15 53.09
CA ASN F 271 16.25 13.96 51.92
C ASN F 271 17.49 14.48 51.19
N ARG F 272 18.63 13.83 51.39
CA ARG F 272 19.85 14.30 50.75
C ARG F 272 19.86 14.20 49.23
N THR F 273 19.13 13.25 48.68
CA THR F 273 19.09 13.13 47.23
C THR F 273 18.35 14.33 46.64
N ALA F 274 17.23 14.71 47.27
CA ALA F 274 16.46 15.87 46.80
C ALA F 274 17.31 17.12 46.96
N GLU F 275 18.02 17.22 48.08
CA GLU F 275 18.87 18.38 48.32
C GLU F 275 19.98 18.44 47.26
N MET F 276 20.46 17.26 46.84
CA MET F 276 21.51 17.17 45.81
C MET F 276 21.02 17.77 44.52
N LEU F 277 19.85 17.32 44.07
CA LEU F 277 19.27 17.81 42.82
C LEU F 277 18.94 19.29 42.87
N VAL F 278 18.51 19.80 44.01
CA VAL F 278 18.21 21.22 44.10
C VAL F 278 19.50 21.98 43.91
N GLY F 279 20.59 21.50 44.52
CA GLY F 279 21.88 22.15 44.39
C GLY F 279 22.36 22.17 42.95
N LEU F 280 22.12 21.07 42.24
CA LEU F 280 22.52 20.97 40.84
C LEU F 280 21.67 21.91 39.98
N ALA F 281 20.38 22.06 40.31
CA ALA F 281 19.54 22.96 39.54
C ALA F 281 20.07 24.39 39.68
N LEU F 282 20.51 24.74 40.89
CA LEU F 282 21.04 26.08 41.14
C LEU F 282 22.30 26.34 40.31
N SER F 283 23.16 25.33 40.20
CA SER F 283 24.37 25.46 39.39
C SER F 283 24.00 25.60 37.92
N LEU F 284 23.00 24.85 37.47
CA LEU F 284 22.59 24.91 36.07
C LEU F 284 22.03 26.29 35.76
N LEU F 285 21.40 26.92 36.74
CA LEU F 285 20.82 28.23 36.54
C LEU F 285 21.74 29.40 36.93
N GLY F 286 23.05 29.15 36.90
CA GLY F 286 24.00 30.22 37.17
C GLY F 286 24.73 30.35 38.50
N LYS F 287 24.34 29.59 39.52
CA LYS F 287 25.02 29.70 40.79
C LYS F 287 26.48 29.31 40.63
N ARG F 288 27.38 30.20 41.07
CA ARG F 288 28.80 29.95 40.92
C ARG F 288 29.59 30.30 42.17
N ILE F 289 30.72 29.65 42.37
CA ILE F 289 31.55 29.93 43.53
C ILE F 289 32.10 31.35 43.41
N PHE F 290 32.46 31.73 42.19
CA PHE F 290 33.04 33.04 41.89
C PHE F 290 32.25 33.70 40.77
MN MN G . 9.88 -26.59 15.09
MN MN H . 12.71 -26.92 14.35
C GAI I . 0.11 -36.78 -2.78
N1 GAI I . 0.67 -35.77 -3.47
N2 GAI I . -1.08 -36.60 -2.20
N3 GAI I . 0.73 -37.97 -2.70
C GAI J . -2.71 -18.29 8.09
N1 GAI J . -2.97 -17.67 6.94
N2 GAI J . -2.73 -19.62 8.13
N3 GAI J . -2.46 -17.58 9.19
N LYS K . 14.10 -48.18 22.47
CA LYS K . 15.34 -47.14 22.47
C LYS K . 16.41 -47.76 23.56
O LYS K . 17.54 -48.07 23.13
CB LYS K . 14.64 -45.77 22.92
CG LYS K . 14.98 -44.16 22.64
CD LYS K . 14.69 -42.97 23.59
CE LYS K . 15.94 -41.86 23.38
NZ LYS K . 17.43 -41.73 24.16
OXT LYS K . 16.28 -47.94 24.81
MN MN L . -30.37 26.98 -17.42
MN MN M . -31.80 24.47 -18.17
C GAI N . -11.40 18.11 -8.43
N1 GAI N . -12.25 17.77 -7.46
N2 GAI N . -10.84 19.32 -8.44
N3 GAI N . -11.11 17.23 -9.39
N LYS O . -20.51 20.22 -37.65
CA LYS O . -21.97 20.17 -37.68
C LYS O . -22.17 19.83 -39.12
O LYS O . -22.52 18.66 -39.47
CB LYS O . -22.40 21.60 -37.40
CG LYS O . -23.30 21.45 -36.19
CD LYS O . -24.54 21.25 -36.96
CE LYS O . -25.72 20.75 -36.15
NZ LYS O . -26.76 20.60 -37.00
OXT LYS O . -21.77 20.87 -39.81
MN MN P . 12.73 -20.31 -38.11
MN MN Q . 13.61 -18.86 -35.74
C GAI R . -9.27 -14.44 -39.35
N1 GAI R . -9.27 -15.18 -38.24
N2 GAI R . -9.32 -15.04 -40.54
N3 GAI R . -9.21 -13.12 -39.27
N LYS S . 16.26 1.07 -46.85
CA LYS S . 17.34 0.61 -46.04
C LYS S . 18.15 1.90 -46.36
O LYS S . 18.31 2.68 -45.34
CB LYS S . 17.95 -0.66 -46.69
CG LYS S . 17.72 -1.92 -45.62
CD LYS S . 18.80 -1.47 -44.64
CE LYS S . 19.03 -2.48 -43.49
NZ LYS S . 20.13 -2.05 -42.78
OXT LYS S . 18.50 2.07 -47.65
MN MN T . 4.97 20.15 -10.89
MN MN U . 7.44 19.24 -9.36
C GAI V . -4.75 34.46 3.72
N1 GAI V . -4.95 33.36 4.45
N2 GAI V . -5.62 34.79 2.78
N3 GAI V . -3.66 35.22 3.93
N LYS W . 20.22 37.39 -14.55
CA LYS W . 20.72 35.98 -14.62
C LYS W . 21.92 36.01 -15.51
O LYS W . 23.04 36.10 -14.90
CB LYS W . 19.69 35.20 -15.36
CG LYS W . 19.21 33.76 -14.79
CD LYS W . 19.58 32.92 -15.75
CE LYS W . 19.28 31.23 -15.93
NZ LYS W . 20.67 30.08 -16.11
OXT LYS W . 21.64 35.78 -16.74
MN MN X . -25.50 -17.92 10.25
MN MN Y . -25.91 -15.09 10.57
N LYS Z . -21.41 -14.61 32.51
CA LYS Z . -22.68 -14.07 31.87
C LYS Z . -23.37 -13.38 32.98
O LYS Z . -22.91 -12.23 33.20
CB LYS Z . -23.47 -15.21 31.25
CG LYS Z . -23.90 -15.00 29.72
CD LYS Z . -25.37 -15.58 29.64
CE LYS Z . -26.34 -14.92 28.48
NZ LYS Z . -27.15 -13.75 28.91
OXT LYS Z . -24.16 -14.01 33.64
MN MN AA . 17.31 6.33 35.32
MN MN BA . 15.61 7.93 33.66
C GAI CA . 32.26 22.55 41.56
N1 GAI CA . 32.58 22.48 40.26
N2 GAI CA . 32.73 21.65 42.41
N3 GAI CA . 31.46 23.54 42.00
N LYS DA . 2.81 16.66 49.82
CA LYS DA . 1.91 15.95 48.81
C LYS DA . 0.50 15.86 49.59
O LYS DA . -0.43 16.75 49.53
CB LYS DA . 2.63 14.62 48.56
CG LYS DA . 3.12 14.26 46.94
CD LYS DA . 3.81 12.74 46.68
CE LYS DA . 2.89 12.04 45.46
NZ LYS DA . 1.39 12.26 44.78
OXT LYS DA . 0.36 14.89 50.39
#